data_3VAU
# 
_entry.id   3VAU 
# 
_audit_conform.dict_name       mmcif_pdbx.dic 
_audit_conform.dict_version    5.381 
_audit_conform.dict_location   http://mmcif.pdb.org/dictionaries/ascii/mmcif_pdbx.dic 
# 
loop_
_database_2.database_id 
_database_2.database_code 
_database_2.pdbx_database_accession 
_database_2.pdbx_DOI 
PDB   3VAU         pdb_00003vau 10.2210/pdb3vau/pdb 
RCSB  RCSB069812   ?            ?                   
WWPDB D_1000069812 ?            ?                   
# 
_pdbx_database_status.status_code                     REL 
_pdbx_database_status.entry_id                        3VAU 
_pdbx_database_status.recvd_initial_deposition_date   2011-12-29 
_pdbx_database_status.deposit_site                    RCSB 
_pdbx_database_status.process_site                    PDBJ 
_pdbx_database_status.status_code_sf                  REL 
_pdbx_database_status.status_code_mr                  ? 
_pdbx_database_status.SG_entry                        ? 
_pdbx_database_status.status_code_cs                  ? 
_pdbx_database_status.methods_development_category    ? 
_pdbx_database_status.pdb_format_compatible           Y 
_pdbx_database_status.status_code_nmr_data            ? 
# 
loop_
_audit_author.name 
_audit_author.pdbx_ordinal 
'Yi, J.'             1 
'Richter-Addo, G.B.' 2 
# 
_citation.id                        primary 
_citation.title                     'Unveiling the three-dimensional structure of the green pigment of nitrite-cured meat' 
_citation.journal_abbrev            'Chem.Commun.(Camb.)' 
_citation.journal_volume            48 
_citation.page_first                4172 
_citation.page_last                 4174 
_citation.year                      2012 
_citation.journal_id_ASTM           ? 
_citation.country                   UK 
_citation.journal_id_ISSN           1359-7345 
_citation.journal_id_CSD            ? 
_citation.book_publisher            ? 
_citation.pdbx_database_id_PubMed   22430128 
_citation.pdbx_database_id_DOI      10.1039/c2cc31065a 
# 
loop_
_citation_author.citation_id 
_citation_author.name 
_citation_author.ordinal 
_citation_author.identifier_ORCID 
primary 'Yi, J.'             1 ? 
primary 'Richter-Addo, G.B.' 2 ? 
# 
_cell.entry_id           3VAU 
_cell.length_a           35.140 
_cell.length_b           28.423 
_cell.length_c           62.867 
_cell.angle_alpha        90.00 
_cell.angle_beta         105.50 
_cell.angle_gamma        90.00 
_cell.Z_PDB              2 
_cell.pdbx_unique_axis   ? 
_cell.length_a_esd       ? 
_cell.length_b_esd       ? 
_cell.length_c_esd       ? 
_cell.angle_alpha_esd    ? 
_cell.angle_beta_esd     ? 
_cell.angle_gamma_esd    ? 
# 
_symmetry.entry_id                         3VAU 
_symmetry.space_group_name_H-M             'P 1 21 1' 
_symmetry.pdbx_full_space_group_name_H-M   ? 
_symmetry.cell_setting                     ? 
_symmetry.Int_Tables_number                4 
_symmetry.space_group_name_Hall            ? 
# 
loop_
_entity.id 
_entity.type 
_entity.src_method 
_entity.pdbx_description 
_entity.formula_weight 
_entity.pdbx_number_of_molecules 
_entity.pdbx_ec 
_entity.pdbx_mutation 
_entity.pdbx_fragment 
_entity.details 
1 polymer     nat Myoglobin 16983.514 1  ? ? ? ? 
2 non-polymer syn 
;[3,3'-{7-ethenyl-3,8,13,17-tetramethyl-12-[(E)-2-nitroethenyl]porphyrin-2,18-diyl-kappa~4~N~21~,N~22~,N~23~,N~24~}dipro panoato(2-)]iron
;
661.485   1  ? ? ? ? 
3 non-polymer syn 'NITRITE ION' 46.005    1  ? ? ? ? 
4 non-polymer syn 'SULFATE ION' 96.063    1  ? ? ? ? 
5 water       nat water 18.015    94 ? ? ? ? 
# 
_entity_poly.entity_id                      1 
_entity_poly.type                           'polypeptide(L)' 
_entity_poly.nstd_linkage                   no 
_entity_poly.nstd_monomer                   no 
_entity_poly.pdbx_seq_one_letter_code       
;GLSDGEWQQVLNVWGKVEADIAGHGQEVLIRLFTGHPETLEKFDKFKHLKTEAEMKASEDLKKHGTVVLTALGGILKKKG
HHEAELKPLAQSHATKHKIPIKYLEFISDAIIHVLHSKHPGDFGADAQGAMTKALELFRNDIAAKYKELGFQG
;
_entity_poly.pdbx_seq_one_letter_code_can   
;GLSDGEWQQVLNVWGKVEADIAGHGQEVLIRLFTGHPETLEKFDKFKHLKTEAEMKASEDLKKHGTVVLTALGGILKKKG
HHEAELKPLAQSHATKHKIPIKYLEFISDAIIHVLHSKHPGDFGADAQGAMTKALELFRNDIAAKYKELGFQG
;
_entity_poly.pdbx_strand_id                 A 
_entity_poly.pdbx_target_identifier         ? 
# 
loop_
_entity_poly_seq.entity_id 
_entity_poly_seq.num 
_entity_poly_seq.mon_id 
_entity_poly_seq.hetero 
1 1   GLY n 
1 2   LEU n 
1 3   SER n 
1 4   ASP n 
1 5   GLY n 
1 6   GLU n 
1 7   TRP n 
1 8   GLN n 
1 9   GLN n 
1 10  VAL n 
1 11  LEU n 
1 12  ASN n 
1 13  VAL n 
1 14  TRP n 
1 15  GLY n 
1 16  LYS n 
1 17  VAL n 
1 18  GLU n 
1 19  ALA n 
1 20  ASP n 
1 21  ILE n 
1 22  ALA n 
1 23  GLY n 
1 24  HIS n 
1 25  GLY n 
1 26  GLN n 
1 27  GLU n 
1 28  VAL n 
1 29  LEU n 
1 30  ILE n 
1 31  ARG n 
1 32  LEU n 
1 33  PHE n 
1 34  THR n 
1 35  GLY n 
1 36  HIS n 
1 37  PRO n 
1 38  GLU n 
1 39  THR n 
1 40  LEU n 
1 41  GLU n 
1 42  LYS n 
1 43  PHE n 
1 44  ASP n 
1 45  LYS n 
1 46  PHE n 
1 47  LYS n 
1 48  HIS n 
1 49  LEU n 
1 50  LYS n 
1 51  THR n 
1 52  GLU n 
1 53  ALA n 
1 54  GLU n 
1 55  MET n 
1 56  LYS n 
1 57  ALA n 
1 58  SER n 
1 59  GLU n 
1 60  ASP n 
1 61  LEU n 
1 62  LYS n 
1 63  LYS n 
1 64  HIS n 
1 65  GLY n 
1 66  THR n 
1 67  VAL n 
1 68  VAL n 
1 69  LEU n 
1 70  THR n 
1 71  ALA n 
1 72  LEU n 
1 73  GLY n 
1 74  GLY n 
1 75  ILE n 
1 76  LEU n 
1 77  LYS n 
1 78  LYS n 
1 79  LYS n 
1 80  GLY n 
1 81  HIS n 
1 82  HIS n 
1 83  GLU n 
1 84  ALA n 
1 85  GLU n 
1 86  LEU n 
1 87  LYS n 
1 88  PRO n 
1 89  LEU n 
1 90  ALA n 
1 91  GLN n 
1 92  SER n 
1 93  HIS n 
1 94  ALA n 
1 95  THR n 
1 96  LYS n 
1 97  HIS n 
1 98  LYS n 
1 99  ILE n 
1 100 PRO n 
1 101 ILE n 
1 102 LYS n 
1 103 TYR n 
1 104 LEU n 
1 105 GLU n 
1 106 PHE n 
1 107 ILE n 
1 108 SER n 
1 109 ASP n 
1 110 ALA n 
1 111 ILE n 
1 112 ILE n 
1 113 HIS n 
1 114 VAL n 
1 115 LEU n 
1 116 HIS n 
1 117 SER n 
1 118 LYS n 
1 119 HIS n 
1 120 PRO n 
1 121 GLY n 
1 122 ASP n 
1 123 PHE n 
1 124 GLY n 
1 125 ALA n 
1 126 ASP n 
1 127 ALA n 
1 128 GLN n 
1 129 GLY n 
1 130 ALA n 
1 131 MET n 
1 132 THR n 
1 133 LYS n 
1 134 ALA n 
1 135 LEU n 
1 136 GLU n 
1 137 LEU n 
1 138 PHE n 
1 139 ARG n 
1 140 ASN n 
1 141 ASP n 
1 142 ILE n 
1 143 ALA n 
1 144 ALA n 
1 145 LYS n 
1 146 TYR n 
1 147 LYS n 
1 148 GLU n 
1 149 LEU n 
1 150 GLY n 
1 151 PHE n 
1 152 GLN n 
1 153 GLY n 
# 
_entity_src_nat.entity_id                  1 
_entity_src_nat.pdbx_src_id                1 
_entity_src_nat.pdbx_alt_source_flag       sample 
_entity_src_nat.pdbx_beg_seq_num           ? 
_entity_src_nat.pdbx_end_seq_num           ? 
_entity_src_nat.common_name                horse 
_entity_src_nat.pdbx_organism_scientific   'Equus caballus' 
_entity_src_nat.pdbx_ncbi_taxonomy_id      9796 
_entity_src_nat.genus                      ? 
_entity_src_nat.species                    ? 
_entity_src_nat.strain                     ? 
_entity_src_nat.tissue                     heart 
_entity_src_nat.tissue_fraction            ? 
_entity_src_nat.pdbx_secretion             ? 
_entity_src_nat.pdbx_fragment              ? 
_entity_src_nat.pdbx_variant               ? 
_entity_src_nat.pdbx_cell_line             ? 
_entity_src_nat.pdbx_atcc                  ? 
_entity_src_nat.pdbx_cellular_location     ? 
_entity_src_nat.pdbx_organ                 ? 
_entity_src_nat.pdbx_organelle             ? 
_entity_src_nat.pdbx_cell                  ? 
_entity_src_nat.pdbx_plasmid_name          ? 
_entity_src_nat.pdbx_plasmid_details       ? 
_entity_src_nat.details                    ? 
# 
_struct_ref.id                         1 
_struct_ref.db_name                    UNP 
_struct_ref.db_code                    MYG_HORSE 
_struct_ref.pdbx_db_accession          P68082 
_struct_ref.entity_id                  1 
_struct_ref.pdbx_seq_one_letter_code   
;GLSDGEWQQVLNVWGKVEADIAGHGQEVLIRLFTGHPETLEKFDKFKHLKTEAEMKASEDLKKHGTVVLTALGGILKKKG
HHEAELKPLAQSHATKHKIPIKYLEFISDAIIHVLHSKHPGDFGADAQGAMTKALELFRNDIAAKYKELGFQG
;
_struct_ref.pdbx_align_begin           2 
_struct_ref.pdbx_db_isoform            ? 
# 
_struct_ref_seq.align_id                      1 
_struct_ref_seq.ref_id                        1 
_struct_ref_seq.pdbx_PDB_id_code              3VAU 
_struct_ref_seq.pdbx_strand_id                A 
_struct_ref_seq.seq_align_beg                 1 
_struct_ref_seq.pdbx_seq_align_beg_ins_code   ? 
_struct_ref_seq.seq_align_end                 153 
_struct_ref_seq.pdbx_seq_align_end_ins_code   ? 
_struct_ref_seq.pdbx_db_accession             P68082 
_struct_ref_seq.db_align_beg                  2 
_struct_ref_seq.pdbx_db_align_beg_ins_code    ? 
_struct_ref_seq.db_align_end                  154 
_struct_ref_seq.pdbx_db_align_end_ins_code    ? 
_struct_ref_seq.pdbx_auth_seq_align_beg       1 
_struct_ref_seq.pdbx_auth_seq_align_end       153 
# 
loop_
_chem_comp.id 
_chem_comp.type 
_chem_comp.mon_nstd_flag 
_chem_comp.name 
_chem_comp.pdbx_synonyms 
_chem_comp.formula 
_chem_comp.formula_weight 
ALA 'L-peptide linking' y ALANINE ?         'C3 H7 N O2'       89.093  
ARG 'L-peptide linking' y ARGININE ?         'C6 H15 N4 O2 1'   175.209 
ASN 'L-peptide linking' y ASPARAGINE ?         'C4 H8 N2 O3'      132.118 
ASP 'L-peptide linking' y 'ASPARTIC ACID' ?         'C4 H7 N O4'       133.103 
GLN 'L-peptide linking' y GLUTAMINE ?         'C5 H10 N2 O3'     146.144 
GLU 'L-peptide linking' y 'GLUTAMIC ACID' ?         'C5 H9 N O4'       147.129 
GLY 'peptide linking'   y GLYCINE ?         'C2 H5 N O2'       75.067  
HIS 'L-peptide linking' y HISTIDINE ?         'C6 H10 N3 O2 1'   156.162 
HOH non-polymer         . WATER ?         'H2 O'             18.015  
ILE 'L-peptide linking' y ISOLEUCINE ?         'C6 H13 N O2'      131.173 
LEU 'L-peptide linking' y LEUCINE ?         'C6 H13 N O2'      131.173 
LYS 'L-peptide linking' y LYSINE ?         'C6 H15 N2 O2 1'   147.195 
MET 'L-peptide linking' y METHIONINE ?         'C5 H11 N O2 S'    149.211 
NO2 non-polymer         . 'NITRITE ION' ?         'N O2 -1'          46.005  
NTE non-polymer         . 
;[3,3'-{7-ethenyl-3,8,13,17-tetramethyl-12-[(E)-2-nitroethenyl]porphyrin-2,18-diyl-kappa~4~N~21~,N~22~,N~23~,N~24~}dipro panoato(2-)]iron
;
Nitriheme 'C34 H31 Fe N5 O6' 661.485 
PHE 'L-peptide linking' y PHENYLALANINE ?         'C9 H11 N O2'      165.189 
PRO 'L-peptide linking' y PROLINE ?         'C5 H9 N O2'       115.130 
SER 'L-peptide linking' y SERINE ?         'C3 H7 N O3'       105.093 
SO4 non-polymer         . 'SULFATE ION' ?         'O4 S -2'          96.063  
THR 'L-peptide linking' y THREONINE ?         'C4 H9 N O3'       119.119 
TRP 'L-peptide linking' y TRYPTOPHAN ?         'C11 H12 N2 O2'    204.225 
TYR 'L-peptide linking' y TYROSINE ?         'C9 H11 N O3'      181.189 
VAL 'L-peptide linking' y VALINE ?         'C5 H11 N O2'      117.146 
# 
_exptl.entry_id          3VAU 
_exptl.method            'X-RAY DIFFRACTION' 
_exptl.crystals_number   1 
# 
_exptl_crystal.id                    1 
_exptl_crystal.density_meas          ? 
_exptl_crystal.density_Matthews      1.78 
_exptl_crystal.density_percent_sol   30.95 
_exptl_crystal.description           ? 
_exptl_crystal.F_000                 ? 
_exptl_crystal.preparation           ? 
# 
_exptl_crystal_grow.crystal_id      1 
_exptl_crystal_grow.method          'VAPOR DIFFUSION, HANGING DROP' 
_exptl_crystal_grow.temp            295 
_exptl_crystal_grow.temp_details    ? 
_exptl_crystal_grow.pH              7.4 
_exptl_crystal_grow.pdbx_details    'ammonium sulfate, 100mM TrisHCl, pH 7.4, VAPOR DIFFUSION, HANGING DROP, temperature 295K' 
_exptl_crystal_grow.pdbx_pH_range   . 
# 
_diffrn.id                     1 
_diffrn.ambient_temp           100 
_diffrn.ambient_temp_details   ? 
_diffrn.crystal_id             1 
# 
_diffrn_detector.diffrn_id              1 
_diffrn_detector.detector               'IMAGE PLATE' 
_diffrn_detector.type                   'RIGAKU RAXIS IV++' 
_diffrn_detector.pdbx_collection_date   2010-03-23 
_diffrn_detector.details                Osmic 
# 
_diffrn_radiation.diffrn_id                        1 
_diffrn_radiation.wavelength_id                    1 
_diffrn_radiation.pdbx_monochromatic_or_laue_m_l   M 
_diffrn_radiation.monochromator                    'Osmic mirrors' 
_diffrn_radiation.pdbx_diffrn_protocol             'SINGLE WAVELENGTH' 
_diffrn_radiation.pdbx_scattering_type             x-ray 
# 
_diffrn_radiation_wavelength.id           1 
_diffrn_radiation_wavelength.wavelength   1.5418 
_diffrn_radiation_wavelength.wt           1.0 
# 
_diffrn_source.diffrn_id                   1 
_diffrn_source.source                      'ROTATING ANODE' 
_diffrn_source.type                        'RIGAKU RUH3R' 
_diffrn_source.pdbx_synchrotron_site       ? 
_diffrn_source.pdbx_synchrotron_beamline   ? 
_diffrn_source.pdbx_wavelength             ? 
_diffrn_source.pdbx_wavelength_list        1.5418 
# 
_reflns.entry_id                     3VAU 
_reflns.observed_criterion_sigma_I   2.0 
_reflns.observed_criterion_sigma_F   2.0 
_reflns.d_resolution_low             26.34 
_reflns.d_resolution_high            1.70 
_reflns.number_obs                   13475 
_reflns.number_all                   13478 
_reflns.percent_possible_obs         100 
_reflns.pdbx_Rmerge_I_obs            0.053 
_reflns.pdbx_Rsym_value              ? 
_reflns.pdbx_netI_over_sigmaI        11.8 
_reflns.B_iso_Wilson_estimate        ? 
_reflns.pdbx_redundancy              3.87 
_reflns.R_free_details               ? 
_reflns.limit_h_max                  ? 
_reflns.limit_h_min                  ? 
_reflns.limit_k_max                  ? 
_reflns.limit_k_min                  ? 
_reflns.limit_l_max                  ? 
_reflns.limit_l_min                  ? 
_reflns.observed_criterion_F_max     ? 
_reflns.observed_criterion_F_min     ? 
_reflns.pdbx_chi_squared             ? 
_reflns.pdbx_scaling_rejects         ? 
_reflns.pdbx_ordinal                 1 
_reflns.pdbx_diffrn_id               1 
# 
_reflns_shell.d_res_high                  1.70 
_reflns_shell.d_res_low                   1.76 
_reflns_shell.percent_possible_all        100 
_reflns_shell.Rmerge_I_obs                0.062 
_reflns_shell.pdbx_Rsym_value             ? 
_reflns_shell.meanI_over_sigI_obs         3.4 
_reflns_shell.pdbx_redundancy             3.76 
_reflns_shell.percent_possible_obs        ? 
_reflns_shell.number_unique_all           1362 
_reflns_shell.number_measured_all         ? 
_reflns_shell.number_measured_obs         ? 
_reflns_shell.number_unique_obs           ? 
_reflns_shell.pdbx_chi_squared            ? 
_reflns_shell.pdbx_rejects                ? 
_reflns_shell.pdbx_netI_over_sigmaI_obs   ? 
_reflns_shell.number_possible             ? 
_reflns_shell.Rmerge_F_all                ? 
_reflns_shell.Rmerge_F_obs                ? 
_reflns_shell.Rmerge_I_all                ? 
_reflns_shell.meanI_over_sigI_all         ? 
_reflns_shell.pdbx_Rrim_I_all             ? 
_reflns_shell.pdbx_Rpim_I_all             ? 
_reflns_shell.pdbx_ordinal                1 
_reflns_shell.pdbx_diffrn_id              1 
# 
_refine.entry_id                                 3VAU 
_refine.ls_number_reflns_obs                     12804 
_refine.ls_number_reflns_all                     13475 
_refine.pdbx_ls_sigma_I                          2.0 
_refine.pdbx_ls_sigma_F                          ? 
_refine.pdbx_data_cutoff_high_absF               ? 
_refine.pdbx_data_cutoff_low_absF                ? 
_refine.pdbx_data_cutoff_high_rms_absF           ? 
_refine.ls_d_res_low                             26.34 
_refine.ls_d_res_high                            1.70 
_refine.ls_percent_reflns_obs                    99.92 
_refine.ls_R_factor_obs                          0.17566 
_refine.ls_R_factor_all                          0.176 
_refine.ls_R_factor_R_work                       0.17273 
_refine.ls_R_factor_R_free                       0.23657 
_refine.ls_R_factor_R_free_error                 ? 
_refine.ls_R_factor_R_free_error_details         ? 
_refine.ls_percent_reflns_R_free                 4.9 
_refine.ls_number_reflns_R_free                  663 
_refine.ls_number_parameters                     ? 
_refine.ls_number_restraints                     ? 
_refine.occupancy_min                            ? 
_refine.occupancy_max                            ? 
_refine.correlation_coeff_Fo_to_Fc               0.969 
_refine.correlation_coeff_Fo_to_Fc_free          0.937 
_refine.B_iso_mean                               22.304 
_refine.aniso_B[1][1]                            0.06 
_refine.aniso_B[2][2]                            0.02 
_refine.aniso_B[3][3]                            -0.07 
_refine.aniso_B[1][2]                            0.00 
_refine.aniso_B[1][3]                            0.02 
_refine.aniso_B[2][3]                            0.00 
_refine.solvent_model_details                    MASK 
_refine.solvent_model_param_ksol                 ? 
_refine.solvent_model_param_bsol                 ? 
_refine.pdbx_solvent_vdw_probe_radii             1.40 
_refine.pdbx_solvent_ion_probe_radii             0.80 
_refine.pdbx_solvent_shrinkage_radii             0.80 
_refine.pdbx_ls_cross_valid_method               THROUGHOUT 
_refine.details                                  'HYDROGENS HAVE BEEN ADDED IN THE RIDING POSITIONS' 
_refine.pdbx_starting_model                      1DWR 
_refine.pdbx_method_to_determine_struct          'MOLECULAR REPLACEMENT' 
_refine.pdbx_isotropic_thermal_model             ? 
_refine.pdbx_stereochemistry_target_values       'MAXIMUM LIKELIHOOD' 
_refine.pdbx_stereochem_target_val_spec_case     ? 
_refine.pdbx_R_Free_selection_details            RANDOM 
_refine.pdbx_overall_ESU_R                       0.126 
_refine.pdbx_overall_ESU_R_Free                  0.132 
_refine.overall_SU_ML                            0.080 
_refine.pdbx_overall_phase_error                 ? 
_refine.overall_SU_B                             2.387 
_refine.overall_SU_R_Cruickshank_DPI             ? 
_refine.ls_redundancy_reflns_obs                 ? 
_refine.B_iso_min                                ? 
_refine.B_iso_max                                ? 
_refine.overall_SU_R_free                        ? 
_refine.ls_wR_factor_R_free                      ? 
_refine.ls_wR_factor_R_work                      ? 
_refine.overall_FOM_free_R_set                   ? 
_refine.overall_FOM_work_R_set                   ? 
_refine.pdbx_diffrn_id                           1 
_refine.pdbx_refine_id                           'X-RAY DIFFRACTION' 
_refine.pdbx_TLS_residual_ADP_flag               ? 
_refine.pdbx_overall_SU_R_free_Cruickshank_DPI   ? 
_refine.pdbx_overall_SU_R_Blow_DPI               ? 
_refine.pdbx_overall_SU_R_free_Blow_DPI          ? 
# 
_refine_hist.pdbx_refine_id                   'X-RAY DIFFRACTION' 
_refine_hist.cycle_id                         LAST 
_refine_hist.pdbx_number_atoms_protein        1185 
_refine_hist.pdbx_number_atoms_nucleic_acid   0 
_refine_hist.pdbx_number_atoms_ligand         54 
_refine_hist.number_atoms_solvent             94 
_refine_hist.number_atoms_total               1333 
_refine_hist.d_res_high                       1.70 
_refine_hist.d_res_low                        26.34 
# 
loop_
_refine_ls_restr.type 
_refine_ls_restr.dev_ideal 
_refine_ls_restr.dev_ideal_target 
_refine_ls_restr.weight 
_refine_ls_restr.number 
_refine_ls_restr.pdbx_restraint_function 
_refine_ls_restr.pdbx_refine_id 
r_bond_refined_d       0.023  0.021  ? 1275 ? 'X-RAY DIFFRACTION' 
r_angle_refined_deg    2.046  2.008  ? 1728 ? 'X-RAY DIFFRACTION' 
r_dihedral_angle_1_deg 4.789  5.000  ? 152  ? 'X-RAY DIFFRACTION' 
r_dihedral_angle_2_deg 37.072 25.000 ? 52   ? 'X-RAY DIFFRACTION' 
r_dihedral_angle_3_deg 14.524 15.000 ? 228  ? 'X-RAY DIFFRACTION' 
r_dihedral_angle_4_deg 14.260 15.000 ? 2    ? 'X-RAY DIFFRACTION' 
r_chiral_restr         0.129  0.200  ? 178  ? 'X-RAY DIFFRACTION' 
r_gen_planes_refined   0.011  0.021  ? 949  ? 'X-RAY DIFFRACTION' 
r_mcbond_it            1.334  1.500  ? 752  ? 'X-RAY DIFFRACTION' 
r_mcangle_it           2.312  2.000  ? 1190 ? 'X-RAY DIFFRACTION' 
r_scbond_it            3.989  3.000  ? 523  ? 'X-RAY DIFFRACTION' 
r_scangle_it           6.230  4.500  ? 537  ? 'X-RAY DIFFRACTION' 
# 
_refine_ls_shell.pdbx_refine_id                   'X-RAY DIFFRACTION' 
_refine_ls_shell.pdbx_total_number_of_bins_used   20 
_refine_ls_shell.d_res_high                       1.700 
_refine_ls_shell.d_res_low                        1.744 
_refine_ls_shell.number_reflns_R_work             946 
_refine_ls_shell.R_factor_R_work                  0.384 
_refine_ls_shell.percent_reflns_obs               100.00 
_refine_ls_shell.R_factor_R_free                  0.412 
_refine_ls_shell.R_factor_R_free_error            ? 
_refine_ls_shell.percent_reflns_R_free            ? 
_refine_ls_shell.number_reflns_R_free             52 
_refine_ls_shell.number_reflns_all                ? 
_refine_ls_shell.R_factor_all                     ? 
_refine_ls_shell.number_reflns_obs                ? 
_refine_ls_shell.redundancy_reflns_obs            ? 
# 
_struct.entry_id                  3VAU 
_struct.title                     'Myoglobin nitrite structure: nitriheme modified' 
_struct.pdbx_model_details        ? 
_struct.pdbx_CASP_flag            ? 
_struct.pdbx_model_type_details   ? 
# 
_struct_keywords.entry_id        3VAU 
_struct_keywords.pdbx_keywords   'OXYGEN TRANSPORT' 
_struct_keywords.text            'myoglobin, nitrite, nitriheme, Oxygen Transport' 
# 
loop_
_struct_asym.id 
_struct_asym.pdbx_blank_PDB_chainid_flag 
_struct_asym.pdbx_modified 
_struct_asym.entity_id 
_struct_asym.details 
A N N 1 ? 
B N N 2 ? 
C N N 3 ? 
D N N 4 ? 
E N N 5 ? 
# 
_struct_biol.id        1 
_struct_biol.details   ? 
# 
loop_
_struct_conf.conf_type_id 
_struct_conf.id 
_struct_conf.pdbx_PDB_helix_id 
_struct_conf.beg_label_comp_id 
_struct_conf.beg_label_asym_id 
_struct_conf.beg_label_seq_id 
_struct_conf.pdbx_beg_PDB_ins_code 
_struct_conf.end_label_comp_id 
_struct_conf.end_label_asym_id 
_struct_conf.end_label_seq_id 
_struct_conf.pdbx_end_PDB_ins_code 
_struct_conf.beg_auth_comp_id 
_struct_conf.beg_auth_asym_id 
_struct_conf.beg_auth_seq_id 
_struct_conf.end_auth_comp_id 
_struct_conf.end_auth_asym_id 
_struct_conf.end_auth_seq_id 
_struct_conf.pdbx_PDB_helix_class 
_struct_conf.details 
_struct_conf.pdbx_PDB_helix_length 
HELX_P HELX_P1 1 SER A 3   ? ALA A 19  ? SER A 3   ALA A 19  1 ? 17 
HELX_P HELX_P2 2 ASP A 20  ? HIS A 36  ? ASP A 20  HIS A 36  1 ? 17 
HELX_P HELX_P3 3 HIS A 36  ? GLU A 41  ? HIS A 36  GLU A 41  1 ? 6  
HELX_P HELX_P4 4 THR A 51  ? SER A 58  ? THR A 51  SER A 58  1 ? 8  
HELX_P HELX_P5 5 SER A 58  ? LYS A 77  ? SER A 58  LYS A 77  1 ? 20 
HELX_P HELX_P6 6 HIS A 82  ? LYS A 96  ? HIS A 82  LYS A 96  1 ? 15 
HELX_P HELX_P7 7 PRO A 100 ? HIS A 119 ? PRO A 100 HIS A 119 1 ? 20 
HELX_P HELX_P8 8 GLY A 124 ? GLY A 150 ? GLY A 124 GLY A 150 1 ? 27 
# 
_struct_conf_type.id          HELX_P 
_struct_conf_type.criteria    ? 
_struct_conf_type.reference   ? 
# 
loop_
_struct_conn.id 
_struct_conn.conn_type_id 
_struct_conn.pdbx_leaving_atom_flag 
_struct_conn.pdbx_PDB_id 
_struct_conn.ptnr1_label_asym_id 
_struct_conn.ptnr1_label_comp_id 
_struct_conn.ptnr1_label_seq_id 
_struct_conn.ptnr1_label_atom_id 
_struct_conn.pdbx_ptnr1_label_alt_id 
_struct_conn.pdbx_ptnr1_PDB_ins_code 
_struct_conn.pdbx_ptnr1_standard_comp_id 
_struct_conn.ptnr1_symmetry 
_struct_conn.ptnr2_label_asym_id 
_struct_conn.ptnr2_label_comp_id 
_struct_conn.ptnr2_label_seq_id 
_struct_conn.ptnr2_label_atom_id 
_struct_conn.pdbx_ptnr2_label_alt_id 
_struct_conn.pdbx_ptnr2_PDB_ins_code 
_struct_conn.ptnr1_auth_asym_id 
_struct_conn.ptnr1_auth_comp_id 
_struct_conn.ptnr1_auth_seq_id 
_struct_conn.ptnr2_auth_asym_id 
_struct_conn.ptnr2_auth_comp_id 
_struct_conn.ptnr2_auth_seq_id 
_struct_conn.ptnr2_symmetry 
_struct_conn.pdbx_ptnr3_label_atom_id 
_struct_conn.pdbx_ptnr3_label_seq_id 
_struct_conn.pdbx_ptnr3_label_comp_id 
_struct_conn.pdbx_ptnr3_label_asym_id 
_struct_conn.pdbx_ptnr3_label_alt_id 
_struct_conn.pdbx_ptnr3_PDB_ins_code 
_struct_conn.details 
_struct_conn.pdbx_dist_value 
_struct_conn.pdbx_value_order 
_struct_conn.pdbx_role 
metalc1 metalc ? ? A HIS 93 NE2 ? ? ? 1_555 B NTE . FE ? ? A HIS 93  A NTE 201 1_555 ? ? ? ? ? ? ? 2.049 ? ? 
metalc2 metalc ? ? B NTE .  FE  ? ? ? 1_555 C NO2 . O1 ? ? A NTE 201 A NO2 202 1_555 ? ? ? ? ? ? ? 1.981 ? ? 
metalc3 metalc ? ? B NTE .  FE  ? ? ? 1_555 C NO2 . N  ? ? A NTE 201 A NO2 202 1_555 ? ? ? ? ? ? ? 2.686 ? ? 
# 
_struct_conn_type.id          metalc 
_struct_conn_type.criteria    ? 
_struct_conn_type.reference   ? 
# 
loop_
_struct_site.id 
_struct_site.pdbx_evidence_code 
_struct_site.pdbx_auth_asym_id 
_struct_site.pdbx_auth_comp_id 
_struct_site.pdbx_auth_seq_id 
_struct_site.pdbx_auth_ins_code 
_struct_site.pdbx_num_residues 
_struct_site.details 
AC1 Software A NTE 201 ? 25 'BINDING SITE FOR RESIDUE NTE A 201' 
AC2 Software A NO2 202 ? 5  'BINDING SITE FOR RESIDUE NO2 A 202' 
AC3 Software A SO4 203 ? 7  'BINDING SITE FOR RESIDUE SO4 A 203' 
# 
loop_
_struct_site_gen.id 
_struct_site_gen.site_id 
_struct_site_gen.pdbx_num_res 
_struct_site_gen.label_comp_id 
_struct_site_gen.label_asym_id 
_struct_site_gen.label_seq_id 
_struct_site_gen.pdbx_auth_ins_code 
_struct_site_gen.auth_comp_id 
_struct_site_gen.auth_asym_id 
_struct_site_gen.auth_seq_id 
_struct_site_gen.label_atom_id 
_struct_site_gen.label_alt_id 
_struct_site_gen.symmetry 
_struct_site_gen.details 
1  AC1 25 LYS A 42  ? LYS A 42  . ? 1_555 ? 
2  AC1 25 PHE A 43  ? PHE A 43  . ? 1_555 ? 
3  AC1 25 LYS A 45  ? LYS A 45  . ? 1_555 ? 
4  AC1 25 HIS A 64  ? HIS A 64  . ? 1_555 ? 
5  AC1 25 VAL A 67  ? VAL A 67  . ? 1_555 ? 
6  AC1 25 VAL A 68  ? VAL A 68  . ? 1_555 ? 
7  AC1 25 ALA A 71  ? ALA A 71  . ? 1_555 ? 
8  AC1 25 LEU A 89  ? LEU A 89  . ? 1_555 ? 
9  AC1 25 SER A 92  ? SER A 92  . ? 1_555 ? 
10 AC1 25 HIS A 93  ? HIS A 93  . ? 1_555 ? 
11 AC1 25 HIS A 97  ? HIS A 97  . ? 1_555 ? 
12 AC1 25 ILE A 99  ? ILE A 99  . ? 1_555 ? 
13 AC1 25 TYR A 103 ? TYR A 103 . ? 1_555 ? 
14 AC1 25 ILE A 107 ? ILE A 107 . ? 1_555 ? 
15 AC1 25 HIS A 113 ? HIS A 113 . ? 1_565 ? 
16 AC1 25 HIS A 116 ? HIS A 116 . ? 1_565 ? 
17 AC1 25 GLN A 128 ? GLN A 128 . ? 1_565 ? 
18 AC1 25 LEU A 135 ? LEU A 135 . ? 1_555 ? 
19 AC1 25 PHE A 138 ? PHE A 138 . ? 1_555 ? 
20 AC1 25 NO2 C .   ? NO2 A 202 . ? 1_555 ? 
21 AC1 25 HOH E .   ? HOH A 333 . ? 1_555 ? 
22 AC1 25 HOH E .   ? HOH A 344 . ? 1_555 ? 
23 AC1 25 HOH E .   ? HOH A 354 . ? 1_555 ? 
24 AC1 25 HOH E .   ? HOH A 364 . ? 1_555 ? 
25 AC1 25 HOH E .   ? HOH A 387 . ? 1_555 ? 
26 AC2 5  LEU A 29  ? LEU A 29  . ? 1_555 ? 
27 AC2 5  PHE A 43  ? PHE A 43  . ? 1_555 ? 
28 AC2 5  HIS A 64  ? HIS A 64  . ? 1_555 ? 
29 AC2 5  VAL A 68  ? VAL A 68  . ? 1_555 ? 
30 AC2 5  NTE B .   ? NTE A 201 . ? 1_555 ? 
31 AC3 7  ALA A 57  ? ALA A 57  . ? 1_555 ? 
32 AC3 7  SER A 58  ? SER A 58  . ? 1_555 ? 
33 AC3 7  GLU A 59  ? GLU A 59  . ? 1_555 ? 
34 AC3 7  ASP A 60  ? ASP A 60  . ? 1_555 ? 
35 AC3 7  HOH E .   ? HOH A 359 . ? 1_555 ? 
36 AC3 7  HOH E .   ? HOH A 360 . ? 1_555 ? 
37 AC3 7  HOH E .   ? HOH A 378 . ? 1_555 ? 
# 
_atom_sites.entry_id                    3VAU 
_atom_sites.fract_transf_matrix[1][1]   0.02401915 
_atom_sites.fract_transf_matrix[1][2]   -0.00126111 
_atom_sites.fract_transf_matrix[1][3]   0.01713475 
_atom_sites.fract_transf_matrix[2][1]   -0.00734058 
_atom_sites.fract_transf_matrix[2][2]   -0.03350744 
_atom_sites.fract_transf_matrix[2][3]   0.00782374 
_atom_sites.fract_transf_matrix[3][1]   0.01222592 
_atom_sites.fract_transf_matrix[3][2]   -0.00499099 
_atom_sites.fract_transf_matrix[3][3]   -0.00990444 
_atom_sites.fract_transf_vector[1]      0.002890 
_atom_sites.fract_transf_vector[2]      -0.226540 
_atom_sites.fract_transf_vector[3]      0.256734 
# 
loop_
_atom_type.symbol 
C  
FE 
N  
O  
S  
# 
loop_
_atom_site.group_PDB 
_atom_site.id 
_atom_site.type_symbol 
_atom_site.label_atom_id 
_atom_site.label_alt_id 
_atom_site.label_comp_id 
_atom_site.label_asym_id 
_atom_site.label_entity_id 
_atom_site.label_seq_id 
_atom_site.pdbx_PDB_ins_code 
_atom_site.Cartn_x 
_atom_site.Cartn_y 
_atom_site.Cartn_z 
_atom_site.occupancy 
_atom_site.B_iso_or_equiv 
_atom_site.pdbx_formal_charge 
_atom_site.auth_seq_id 
_atom_site.auth_comp_id 
_atom_site.auth_asym_id 
_atom_site.auth_atom_id 
_atom_site.pdbx_PDB_model_num 
ATOM   1    N  N   . GLY A 1 1   ? -16.872 7.138   -1.725  1.00 35.70 ? 1   GLY A N   1 
ATOM   2    C  CA  . GLY A 1 1   ? -16.024 8.223   -1.157  1.00 33.55 ? 1   GLY A CA  1 
ATOM   3    C  C   . GLY A 1 1   ? -15.531 9.111   -2.288  1.00 32.86 ? 1   GLY A C   1 
ATOM   4    O  O   . GLY A 1 1   ? -15.277 10.304  -2.075  1.00 35.59 ? 1   GLY A O   1 
ATOM   5    N  N   . LEU A 1 2   ? -15.389 8.539   -3.475  1.00 28.51 ? 2   LEU A N   1 
ATOM   6    C  CA  . LEU A 1 2   ? -14.742 9.206   -4.598  1.00 25.75 ? 2   LEU A CA  1 
ATOM   7    C  C   . LEU A 1 2   ? -15.730 9.367   -5.730  1.00 24.17 ? 2   LEU A C   1 
ATOM   8    O  O   . LEU A 1 2   ? -16.609 8.506   -5.927  1.00 25.05 ? 2   LEU A O   1 
ATOM   9    C  CB  . LEU A 1 2   ? -13.581 8.347   -5.133  1.00 23.30 ? 2   LEU A CB  1 
ATOM   10   C  CG  . LEU A 1 2   ? -12.224 8.388   -4.438  1.00 21.95 ? 2   LEU A CG  1 
ATOM   11   C  CD1 . LEU A 1 2   ? -12.334 7.820   -2.993  1.00 25.02 ? 2   LEU A CD1 1 
ATOM   12   C  CD2 . LEU A 1 2   ? -11.111 7.624   -5.221  1.00 17.71 ? 2   LEU A CD2 1 
ATOM   13   N  N   . SER A 1 3   ? -15.574 10.418  -6.484  1.00 23.32 ? 3   SER A N   1 
ATOM   14   C  CA  . SER A 1 3   ? -16.364 10.598  -7.699  1.00 24.17 ? 3   SER A CA  1 
ATOM   15   C  C   . SER A 1 3   ? -15.956 9.582   -8.793  1.00 24.89 ? 3   SER A C   1 
ATOM   16   O  O   . SER A 1 3   ? -14.920 8.933   -8.682  1.00 23.17 ? 3   SER A O   1 
ATOM   17   C  CB  . SER A 1 3   ? -16.249 12.026  -8.212  1.00 24.00 ? 3   SER A CB  1 
ATOM   18   O  OG  . SER A 1 3   ? -14.952 12.184  -8.760  1.00 23.76 ? 3   SER A OG  1 
ATOM   19   N  N   . ASP A 1 4   ? -16.781 9.428   -9.827  1.00 25.34 ? 4   ASP A N   1 
ATOM   20   C  CA  . ASP A 1 4   ? -16.393 8.601   -10.985 1.00 26.78 ? 4   ASP A CA  1 
ATOM   21   C  C   . ASP A 1 4   ? -15.134 9.120   -11.595 1.00 24.07 ? 4   ASP A C   1 
ATOM   22   O  O   . ASP A 1 4   ? -14.290 8.325   -11.981 1.00 23.57 ? 4   ASP A O   1 
ATOM   23   C  CB  . ASP A 1 4   ? -17.482 8.606   -12.068 1.00 30.15 ? 4   ASP A CB  1 
ATOM   24   C  CG  . ASP A 1 4   ? -18.760 7.861   -11.621 1.00 35.93 ? 4   ASP A CG  1 
ATOM   25   O  OD1 . ASP A 1 4   ? -18.696 7.012   -10.692 1.00 43.64 ? 4   ASP A OD1 1 
ATOM   26   O  OD2 . ASP A 1 4   ? -19.840 8.130   -12.205 1.00 41.83 ? 4   ASP A OD2 1 
ATOM   27   N  N   . GLY A 1 5   ? -15.036 10.452  -11.714 1.00 24.08 ? 5   GLY A N   1 
ATOM   28   C  CA  . GLY A 1 5   ? -13.838 11.113  -12.266 1.00 23.04 ? 5   GLY A CA  1 
ATOM   29   C  C   . GLY A 1 5   ? -12.573 10.685  -11.495 1.00 22.61 ? 5   GLY A C   1 
ATOM   30   O  O   . GLY A 1 5   ? -11.549 10.343  -12.060 1.00 22.32 ? 5   GLY A O   1 
ATOM   31   N  N   . GLU A 1 6   ? -12.673 10.734  -10.185 1.00 20.75 ? 6   GLU A N   1 
ATOM   32   C  CA  . GLU A 1 6   ? -11.586 10.398  -9.339  1.00 19.81 ? 6   GLU A CA  1 
ATOM   33   C  C   . GLU A 1 6   ? -11.267 8.915   -9.435  1.00 18.89 ? 6   GLU A C   1 
ATOM   34   O  O   . GLU A 1 6   ? -10.107 8.563   -9.506  1.00 17.65 ? 6   GLU A O   1 
ATOM   35   C  CB  . GLU A 1 6   ? -11.990 10.763  -7.902  1.00 19.16 ? 6   GLU A CB  1 
ATOM   36   C  CG  . GLU A 1 6   ? -12.014 12.304  -7.703  1.00 20.65 ? 6   GLU A CG  1 
ATOM   37   C  CD  . GLU A 1 6   ? -12.596 12.711  -6.352  1.00 20.90 ? 6   GLU A CD  1 
ATOM   38   O  OE1 . GLU A 1 6   ? -13.438 12.027  -5.748  1.00 26.34 ? 6   GLU A OE1 1 
ATOM   39   O  OE2 . GLU A 1 6   ? -12.146 13.771  -5.860  1.00 24.18 ? 6   GLU A OE2 1 
ATOM   40   N  N   . TRP A 1 7   ? -12.278 8.029   -9.410  1.00 19.41 ? 7   TRP A N   1 
ATOM   41   C  CA  . TRP A 1 7   ? -11.907 6.596   -9.591  1.00 17.43 ? 7   TRP A CA  1 
ATOM   42   C  C   . TRP A 1 7   ? -11.193 6.355   -10.920 1.00 17.86 ? 7   TRP A C   1 
ATOM   43   O  O   . TRP A 1 7   ? -10.283 5.514   -11.033 1.00 18.13 ? 7   TRP A O   1 
ATOM   44   C  CB  . TRP A 1 7   ? -13.107 5.677   -9.520  1.00 17.02 ? 7   TRP A CB  1 
ATOM   45   C  CG  . TRP A 1 7   ? -13.550 5.443   -8.124  1.00 17.85 ? 7   TRP A CG  1 
ATOM   46   C  CD1 . TRP A 1 7   ? -14.750 5.828   -7.563  1.00 17.32 ? 7   TRP A CD1 1 
ATOM   47   C  CD2 . TRP A 1 7   ? -12.800 4.825   -7.080  1.00 14.56 ? 7   TRP A CD2 1 
ATOM   48   N  NE1 . TRP A 1 7   ? -14.799 5.452   -6.212  1.00 18.57 ? 7   TRP A NE1 1 
ATOM   49   C  CE2 . TRP A 1 7   ? -13.612 4.830   -5.913  1.00 18.74 ? 7   TRP A CE2 1 
ATOM   50   C  CE3 . TRP A 1 7   ? -11.535 4.223   -7.022  1.00 17.64 ? 7   TRP A CE3 1 
ATOM   51   C  CZ2 . TRP A 1 7   ? -13.184 4.291   -4.720  1.00 17.19 ? 7   TRP A CZ2 1 
ATOM   52   C  CZ3 . TRP A 1 7   ? -11.120 3.652   -5.823  1.00 17.80 ? 7   TRP A CZ3 1 
ATOM   53   C  CH2 . TRP A 1 7   ? -11.938 3.717   -4.677  1.00 17.36 ? 7   TRP A CH2 1 
ATOM   54   N  N   . GLN A 1 8   ? -11.651 7.073   -11.960 1.00 18.37 ? 8   GLN A N   1 
ATOM   55   C  CA  . GLN A 1 8   ? -11.018 6.965   -13.273 1.00 20.48 ? 8   GLN A CA  1 
ATOM   56   C  C   . GLN A 1 8   ? -9.554  7.337   -13.182 1.00 18.94 ? 8   GLN A C   1 
ATOM   57   O  O   . GLN A 1 8   ? -8.701  6.655   -13.722 1.00 19.56 ? 8   GLN A O   1 
ATOM   58   C  CB  . GLN A 1 8   ? -11.716 7.875   -14.310 1.00 21.91 ? 8   GLN A CB  1 
ATOM   59   C  CG  . GLN A 1 8   ? -11.404 7.364   -15.698 1.00 28.82 ? 8   GLN A CG  1 
ATOM   60   C  CD  . GLN A 1 8   ? -12.064 8.216   -16.790 1.00 35.34 ? 8   GLN A CD  1 
ATOM   61   O  OE1 . GLN A 1 8   ? -12.387 9.373   -16.562 1.00 38.91 ? 8   GLN A OE1 1 
ATOM   62   N  NE2 . GLN A 1 8   ? -12.207 7.650   -17.991 1.00 38.52 ? 8   GLN A NE2 1 
ATOM   63   N  N   . GLN A 1 9   ? -9.264  8.420   -12.460 1.00 19.04 ? 9   GLN A N   1 
ATOM   64   C  CA  . GLN A 1 9   ? -7.876  8.804   -12.182 1.00 19.30 ? 9   GLN A CA  1 
ATOM   65   C  C   . GLN A 1 9   ? -7.116  7.741   -11.418 1.00 16.66 ? 9   GLN A C   1 
ATOM   66   O  O   . GLN A 1 9   ? -5.959  7.457   -11.759 1.00 16.17 ? 9   GLN A O   1 
ATOM   67   C  CB  . GLN A 1 9   ? -7.840  10.170  -11.432 1.00 20.62 ? 9   GLN A CB  1 
ATOM   68   C  CG  . GLN A 1 9   ? -7.877  11.436  -12.373 1.00 28.97 ? 9   GLN A CG  1 
ATOM   69   C  CD  . GLN A 1 9   ? -6.640  11.466  -13.290 1.00 35.63 ? 9   GLN A CD  1 
ATOM   70   O  OE1 . GLN A 1 9   ? -6.466  10.600  -14.178 1.00 45.20 ? 9   GLN A OE1 1 
ATOM   71   N  NE2 . GLN A 1 9   ? -5.754  12.396  -13.046 1.00 38.22 ? 9   GLN A NE2 1 
ATOM   72   N  N   . VAL A 1 10  ? -7.700  7.244   -10.355 1.00 14.62 ? 10  VAL A N   1 
ATOM   73   C  CA  . VAL A 1 10  ? -7.065  6.157   -9.579  1.00 15.24 ? 10  VAL A CA  1 
ATOM   74   C  C   . VAL A 1 10  ? -6.626  4.981   -10.464 1.00 15.38 ? 10  VAL A C   1 
ATOM   75   O  O   . VAL A 1 10  ? -5.513  4.493   -10.418 1.00 14.63 ? 10  VAL A O   1 
ATOM   76   C  CB  . VAL A 1 10  ? -7.976  5.639   -8.437  1.00 14.26 ? 10  VAL A CB  1 
ATOM   77   C  CG1 . VAL A 1 10  ? -7.315  4.459   -7.743  1.00 15.84 ? 10  VAL A CG1 1 
ATOM   78   C  CG2 . VAL A 1 10  ? -8.217  6.746   -7.379  1.00 17.17 ? 10  VAL A CG2 1 
ATOM   79   N  N   . LEU A 1 11  ? -7.532  4.516   -11.297 1.00 16.11 ? 11  LEU A N   1 
ATOM   80   C  CA  . LEU A 1 11  ? -7.275  3.320   -12.049 1.00 17.40 ? 11  LEU A CA  1 
ATOM   81   C  C   . LEU A 1 11  ? -6.372  3.644   -13.250 1.00 17.91 ? 11  LEU A C   1 
ATOM   82   O  O   . LEU A 1 11  ? -5.639  2.773   -13.693 1.00 18.14 ? 11  LEU A O   1 
ATOM   83   C  CB  . LEU A 1 11  ? -8.606  2.715   -12.450 1.00 17.18 ? 11  LEU A CB  1 
ATOM   84   C  CG  . LEU A 1 11  ? -9.429  2.239   -11.220 1.00 17.65 ? 11  LEU A CG  1 
ATOM   85   C  CD1 . LEU A 1 11  ? -10.734 1.563   -11.575 1.00 19.08 ? 11  LEU A CD1 1 
ATOM   86   C  CD2 . LEU A 1 11  ? -8.554  1.249   -10.359 1.00 20.24 ? 11  LEU A CD2 1 
ATOM   87   N  N   . ASN A 1 12  ? -6.295  4.906   -13.635 1.00 17.48 ? 12  ASN A N   1 
ATOM   88   C  CA  . ASN A 1 12  ? -5.345  5.300   -14.678 1.00 19.56 ? 12  ASN A CA  1 
ATOM   89   C  C   . ASN A 1 12  ? -3.923  5.269   -14.075 1.00 18.58 ? 12  ASN A C   1 
ATOM   90   O  O   . ASN A 1 12  ? -2.985  4.693   -14.648 1.00 19.31 ? 12  ASN A O   1 
ATOM   91   C  CB  . ASN A 1 12  ? -5.695  6.692   -15.221 1.00 20.67 ? 12  ASN A CB  1 
ATOM   92   C  CG  . ASN A 1 12  ? -4.753  7.124   -16.329 1.00 27.06 ? 12  ASN A CG  1 
ATOM   93   O  OD1 . ASN A 1 12  ? -3.906  8.004   -16.143 1.00 33.42 ? 12  ASN A OD1 1 
ATOM   94   N  ND2 . ASN A 1 12  ? -4.853  6.461   -17.464 1.00 34.37 ? 12  ASN A ND2 1 
ATOM   95   N  N   . VAL A 1 13  ? -3.785  5.838   -12.888 1.00 17.89 ? 13  VAL A N   1 
ATOM   96   C  CA  . VAL A 1 13  ? -2.525  5.811   -12.169 1.00 17.63 ? 13  VAL A CA  1 
ATOM   97   C  C   . VAL A 1 13  ? -2.137  4.364   -11.916 1.00 18.07 ? 13  VAL A C   1 
ATOM   98   O  O   . VAL A 1 13  ? -0.951  3.980   -12.094 1.00 18.39 ? 13  VAL A O   1 
ATOM   99   C  CB  . VAL A 1 13  ? -2.565  6.600   -10.809 1.00 19.30 ? 13  VAL A CB  1 
ATOM   100  C  CG1 . VAL A 1 13  ? -1.292  6.261   -9.987  1.00 19.57 ? 13  VAL A CG1 1 
ATOM   101  C  CG2 . VAL A 1 13  ? -2.678  8.108   -11.060 1.00 20.56 ? 13  VAL A CG2 1 
ATOM   102  N  N   . TRP A 1 14  ? -3.101  3.512   -11.555 1.00 15.86 ? 14  TRP A N   1 
ATOM   103  C  CA  . TRP A 1 14  ? -2.760  2.140   -11.220 1.00 16.82 ? 14  TRP A CA  1 
ATOM   104  C  C   . TRP A 1 14  ? -2.185  1.377   -12.408 1.00 16.46 ? 14  TRP A C   1 
ATOM   105  O  O   . TRP A 1 14  ? -1.381  0.501   -12.263 1.00 15.91 ? 14  TRP A O   1 
ATOM   106  C  CB  . TRP A 1 14  ? -3.967  1.424   -10.644 1.00 17.32 ? 14  TRP A CB  1 
ATOM   107  C  CG  . TRP A 1 14  ? -3.570  0.196   -9.998  1.00 17.40 ? 14  TRP A CG  1 
ATOM   108  C  CD1 . TRP A 1 14  ? -3.755  -1.076  -10.487 1.00 23.15 ? 14  TRP A CD1 1 
ATOM   109  C  CD2 . TRP A 1 14  ? -2.867  0.076   -8.775  1.00 16.64 ? 14  TRP A CD2 1 
ATOM   110  N  NE1 . TRP A 1 14  ? -3.210  -1.986  -9.619  1.00 21.02 ? 14  TRP A NE1 1 
ATOM   111  C  CE2 . TRP A 1 14  ? -2.678  -1.307  -8.550  1.00 17.72 ? 14  TRP A CE2 1 
ATOM   112  C  CE3 . TRP A 1 14  ? -2.435  0.990   -7.815  1.00 17.57 ? 14  TRP A CE3 1 
ATOM   113  C  CZ2 . TRP A 1 14  ? -2.036  -1.801  -7.407  1.00 20.18 ? 14  TRP A CZ2 1 
ATOM   114  C  CZ3 . TRP A 1 14  ? -1.735  0.454   -6.624  1.00 23.21 ? 14  TRP A CZ3 1 
ATOM   115  C  CH2 . TRP A 1 14  ? -1.568  -0.906  -6.486  1.00 18.49 ? 14  TRP A CH2 1 
ATOM   116  N  N   . GLY A 1 15  ? -2.561  1.809   -13.614 1.00 17.72 ? 15  GLY A N   1 
ATOM   117  C  CA  . GLY A 1 15  ? -1.966  1.314   -14.839 1.00 17.92 ? 15  GLY A CA  1 
ATOM   118  C  C   . GLY A 1 15  ? -0.438  1.432   -14.812 1.00 17.35 ? 15  GLY A C   1 
ATOM   119  O  O   . GLY A 1 15  ? 0.275   0.565   -15.347 1.00 19.56 ? 15  GLY A O   1 
ATOM   120  N  N   . LYS A 1 16  ? 0.085   2.519   -14.229 1.00 16.99 ? 16  LYS A N   1 
ATOM   121  C  CA  . LYS A 1 16  ? 1.545   2.627   -14.108 1.00 17.70 ? 16  LYS A CA  1 
ATOM   122  C  C   . LYS A 1 16  ? 2.107   1.537   -13.259 1.00 16.45 ? 16  LYS A C   1 
ATOM   123  O  O   . LYS A 1 16  ? 3.165   0.991   -13.579 1.00 17.65 ? 16  LYS A O   1 
ATOM   124  C  CB  . LYS A 1 16  ? 1.945   4.003   -13.508 1.00 17.26 ? 16  LYS A CB  1 
ATOM   125  C  CG  . LYS A 1 16  ? 1.387   5.126   -14.304 1.00 20.91 ? 16  LYS A CG  1 
ATOM   126  C  CD  . LYS A 1 16  ? 1.611   6.386   -13.496 1.00 27.26 ? 16  LYS A CD  1 
ATOM   127  C  CE  . LYS A 1 16  ? 1.709   7.653   -14.277 1.00 28.40 ? 16  LYS A CE  1 
ATOM   128  N  NZ  . LYS A 1 16  ? 1.071   7.667   -15.581 1.00 30.31 ? 16  LYS A NZ  1 
ATOM   129  N  N   . VAL A 1 17  ? 1.415   1.234   -12.130 1.00 15.91 ? 17  VAL A N   1 
ATOM   130  C  CA  . VAL A 1 17  ? 1.902   0.252   -11.219 1.00 15.93 ? 17  VAL A CA  1 
ATOM   131  C  C   . VAL A 1 17  ? 1.865   -1.152  -11.857 1.00 15.96 ? 17  VAL A C   1 
ATOM   132  O  O   . VAL A 1 17  ? 2.814   -1.960  -11.664 1.00 18.49 ? 17  VAL A O   1 
ATOM   133  C  CB  . VAL A 1 17  ? 1.043   0.221   -9.894  1.00 14.62 ? 17  VAL A CB  1 
ATOM   134  C  CG1 . VAL A 1 17  ? 1.497   -0.849  -8.964  1.00 17.87 ? 17  VAL A CG1 1 
ATOM   135  C  CG2 . VAL A 1 17  ? 1.045   1.663   -9.240  1.00 17.51 ? 17  VAL A CG2 1 
ATOM   136  N  N   . GLU A 1 18  ? 0.838   -1.412  -12.647 1.00 17.25 ? 18  GLU A N   1 
ATOM   137  C  CA  . GLU A 1 18  ? 0.639   -2.734  -13.203 1.00 19.23 ? 18  GLU A CA  1 
ATOM   138  C  C   . GLU A 1 18  ? 1.628   -3.047  -14.300 1.00 18.84 ? 18  GLU A C   1 
ATOM   139  O  O   . GLU A 1 18  ? 1.855   -4.247  -14.592 1.00 20.35 ? 18  GLU A O   1 
ATOM   140  C  CB  . GLU A 1 18  ? -0.737  -2.833  -13.779 1.00 21.22 ? 18  GLU A CB  1 
ATOM   141  C  CG  . GLU A 1 18  ? -1.748  -2.834  -12.691 1.00 21.49 ? 18  GLU A CG  1 
ATOM   142  C  CD  . GLU A 1 18  ? -3.133  -3.216  -13.203 1.00 33.39 ? 18  GLU A CD  1 
ATOM   143  O  OE1 . GLU A 1 18  ? -3.457  -2.943  -14.390 1.00 35.46 ? 18  GLU A OE1 1 
ATOM   144  O  OE2 . GLU A 1 18  ? -3.889  -3.756  -12.379 1.00 34.88 ? 18  GLU A OE2 1 
ATOM   145  N  N   . ALA A 1 19  ? 2.280   -2.024  -14.816 1.00 17.46 ? 19  ALA A N   1 
ATOM   146  C  CA  . ALA A 1 19  ? 3.324   -2.258  -15.876 1.00 18.27 ? 19  ALA A CA  1 
ATOM   147  C  C   . ALA A 1 19  ? 4.552   -2.807  -15.187 1.00 18.34 ? 19  ALA A C   1 
ATOM   148  O  O   . ALA A 1 19  ? 5.385   -3.427  -15.842 1.00 19.10 ? 19  ALA A O   1 
ATOM   149  C  CB  . ALA A 1 19  ? 3.688   -1.000  -16.615 1.00 16.96 ? 19  ALA A CB  1 
ATOM   150  N  N   . ASP A 1 20  ? 4.689   -2.574  -13.871 1.00 17.05 ? 20  ASP A N   1 
ATOM   151  C  CA  . ASP A 1 20  ? 5.780   -3.190  -13.119 1.00 17.55 ? 20  ASP A CA  1 
ATOM   152  C  C   . ASP A 1 20  ? 5.445   -3.366  -11.647 1.00 17.42 ? 20  ASP A C   1 
ATOM   153  O  O   . ASP A 1 20  ? 5.901   -2.599  -10.798 1.00 17.90 ? 20  ASP A O   1 
ATOM   154  C  CB  . ASP A 1 20  ? 7.026   -2.355  -13.291 1.00 19.19 ? 20  ASP A CB  1 
ATOM   155  C  CG  . ASP A 1 20  ? 8.244   -2.902  -12.513 1.00 19.88 ? 20  ASP A CG  1 
ATOM   156  O  OD1 . ASP A 1 20  ? 8.274   -4.112  -12.147 1.00 22.86 ? 20  ASP A OD1 1 
ATOM   157  O  OD2 . ASP A 1 20  ? 9.138   -2.046  -12.300 1.00 24.34 ? 20  ASP A OD2 1 
ATOM   158  N  N   . ILE A 1 21  ? 4.635   -4.366  -11.386 1.00 16.38 ? 21  ILE A N   1 
ATOM   159  C  CA  . ILE A 1 21  ? 4.077   -4.546  -10.056 1.00 17.88 ? 21  ILE A CA  1 
ATOM   160  C  C   . ILE A 1 21  ? 5.156   -4.915  -9.076  1.00 18.19 ? 21  ILE A C   1 
ATOM   161  O  O   . ILE A 1 21  ? 5.211   -4.319  -7.964  1.00 17.44 ? 21  ILE A O   1 
ATOM   162  C  CB  . ILE A 1 21  ? 2.961   -5.586  -10.089 1.00 18.40 ? 21  ILE A CB  1 
ATOM   163  C  CG1 . ILE A 1 21  ? 2.375   -5.710  -8.702  1.00 24.78 ? 21  ILE A CG1 1 
ATOM   164  C  CG2 . ILE A 1 21  ? 3.505   -6.965  -10.368 1.00 24.05 ? 21  ILE A CG2 1 
ATOM   165  C  CD1 . ILE A 1 21  ? 1.478   -4.543  -8.422  1.00 32.72 ? 21  ILE A CD1 1 
ATOM   166  N  N   . ALA A 1 22  ? 6.095   -5.769  -9.505  1.00 19.58 ? 22  ALA A N   1 
ATOM   167  C  CA  . ALA A 1 22  ? 7.155   -6.124  -8.584  1.00 20.72 ? 22  ALA A CA  1 
ATOM   168  C  C   . ALA A 1 22  ? 8.125   -4.956  -8.247  1.00 19.84 ? 22  ALA A C   1 
ATOM   169  O  O   . ALA A 1 22  ? 8.550   -4.829  -7.097  1.00 20.09 ? 22  ALA A O   1 
ATOM   170  C  CB  . ALA A 1 22  ? 7.947   -7.340  -9.088  1.00 22.32 ? 22  ALA A CB  1 
ATOM   171  N  N   . GLY A 1 23  ? 8.444   -4.122  -9.210  1.00 19.83 ? 23  GLY A N   1 
ATOM   172  C  CA  . GLY A 1 23  ? 9.326   -2.974  -9.043  1.00 17.79 ? 23  GLY A CA  1 
ATOM   173  C  C   . GLY A 1 23  ? 8.663   -1.916  -8.191  1.00 18.15 ? 23  GLY A C   1 
ATOM   174  O  O   . GLY A 1 23  ? 9.282   -1.381  -7.253  1.00 17.92 ? 23  GLY A O   1 
ATOM   175  N  N   . HIS A 1 24  ? 7.382   -1.683  -8.450  1.00 16.27 ? 24  HIS A N   1 
ATOM   176  C  CA  . HIS A 1 24  ? 6.671   -0.709  -7.583  1.00 13.50 ? 24  HIS A CA  1 
ATOM   177  C  C   . HIS A 1 24  ? 6.542   -1.265  -6.145  1.00 14.08 ? 24  HIS A C   1 
ATOM   178  O  O   . HIS A 1 24  ? 6.712   -0.510  -5.173  1.00 14.60 ? 24  HIS A O   1 
ATOM   179  C  CB  . HIS A 1 24  ? 5.296   -0.363  -8.134  1.00 13.44 ? 24  HIS A CB  1 
ATOM   180  C  CG  . HIS A 1 24  ? 5.348   0.580   -9.290  1.00 16.94 ? 24  HIS A CG  1 
ATOM   181  N  ND1 . HIS A 1 24  ? 5.632   0.165   -10.581 1.00 15.12 ? 24  HIS A ND1 1 
ATOM   182  C  CD2 . HIS A 1 24  ? 5.110   1.926   -9.356  1.00 14.23 ? 24  HIS A CD2 1 
ATOM   183  C  CE1 . HIS A 1 24  ? 5.645   1.224   -11.373 1.00 16.70 ? 24  HIS A CE1 1 
ATOM   184  N  NE2 . HIS A 1 24  ? 5.333   2.294   -10.663 1.00 15.94 ? 24  HIS A NE2 1 
ATOM   185  N  N   . GLY A 1 25  ? 6.197   -2.534  -6.048  1.00 13.28 ? 25  GLY A N   1 
ATOM   186  C  CA  . GLY A 1 25  ? 6.027   -3.199  -4.713  1.00 15.56 ? 25  GLY A CA  1 
ATOM   187  C  C   . GLY A 1 25  ? 7.278   -3.165  -3.904  1.00 16.20 ? 25  GLY A C   1 
ATOM   188  O  O   . GLY A 1 25  ? 7.241   -2.839  -2.729  1.00 17.79 ? 25  GLY A O   1 
ATOM   189  N  N   . GLN A 1 26  ? 8.369   -3.550  -4.523  1.00 17.59 ? 26  GLN A N   1 
ATOM   190  C  CA  . GLN A 1 26  ? 9.681   -3.490  -3.871  1.00 19.19 ? 26  GLN A CA  1 
ATOM   191  C  C   . GLN A 1 26  ? 9.999   -2.085  -3.351  1.00 17.93 ? 26  GLN A C   1 
ATOM   192  O  O   . GLN A 1 26  ? 10.392  -1.910  -2.201  1.00 17.91 ? 26  GLN A O   1 
ATOM   193  C  CB  . GLN A 1 26  ? 10.757  -3.906  -4.868  1.00 20.91 ? 26  GLN A CB  1 
ATOM   194  C  CG  . GLN A 1 26  ? 12.137  -3.780  -4.258  1.00 26.29 ? 26  GLN A CG  1 
ATOM   195  C  CD  . GLN A 1 26  ? 13.192  -3.946  -5.298  1.00 32.93 ? 26  GLN A CD  1 
ATOM   196  O  OE1 . GLN A 1 26  ? 13.858  -4.973  -5.329  1.00 37.16 ? 26  GLN A OE1 1 
ATOM   197  N  NE2 . GLN A 1 26  ? 13.314  -2.965  -6.194  1.00 35.57 ? 26  GLN A NE2 1 
ATOM   198  N  N   . GLU A 1 27  ? 9.838   -1.067  -4.196  1.00 16.83 ? 27  GLU A N   1 
ATOM   199  C  CA  . GLU A 1 27  ? 10.194  0.311   -3.794  1.00 18.81 ? 27  GLU A CA  1 
ATOM   200  C  C   . GLU A 1 27  ? 9.270   0.781   -2.678  1.00 17.14 ? 27  GLU A C   1 
ATOM   201  O  O   . GLU A 1 27  ? 9.703   1.508   -1.799  1.00 17.65 ? 27  GLU A O   1 
ATOM   202  C  CB  . GLU A 1 27  ? 10.130  1.321   -4.936  1.00 19.44 ? 27  GLU A CB  1 
ATOM   203  C  CG  . GLU A 1 27  ? 11.291  1.073   -5.882  1.00 23.65 ? 27  GLU A CG  1 
ATOM   204  C  CD  . GLU A 1 27  ? 11.412  2.169   -6.950  1.00 34.61 ? 27  GLU A CD  1 
ATOM   205  O  OE1 . GLU A 1 27  ? 11.155  3.381   -6.645  1.00 36.46 ? 27  GLU A OE1 1 
ATOM   206  O  OE2 . GLU A 1 27  ? 11.789  1.786   -8.112  1.00 38.52 ? 27  GLU A OE2 1 
ATOM   207  N  N   . VAL A 1 28  ? 8.001   0.429   -2.791  1.00 15.23 ? 28  VAL A N   1 
ATOM   208  C  CA  . VAL A 1 28  ? 7.040   0.816   -1.721  1.00 14.88 ? 28  VAL A CA  1 
ATOM   209  C  C   . VAL A 1 28  ? 7.505   0.254   -0.351  1.00 14.98 ? 28  VAL A C   1 
ATOM   210  O  O   . VAL A 1 28  ? 7.622   0.992   0.615   1.00 16.92 ? 28  VAL A O   1 
ATOM   211  C  CB  . VAL A 1 28  ? 5.577   0.379   -2.027  1.00 14.20 ? 28  VAL A CB  1 
ATOM   212  C  CG1 . VAL A 1 28  ? 4.695   0.492   -0.722  1.00 14.55 ? 28  VAL A CG1 1 
ATOM   213  C  CG2 . VAL A 1 28  ? 4.959   1.330   -3.065  1.00 15.85 ? 28  VAL A CG2 1 
ATOM   214  N  N   . LEU A 1 29  ? 7.853   -1.036  -0.319  1.00 14.65 ? 29  LEU A N   1 
ATOM   215  C  CA  . LEU A 1 29  ? 8.291   -1.645  0.923   1.00 14.77 ? 29  LEU A CA  1 
ATOM   216  C  C   . LEU A 1 29  ? 9.652   -1.099  1.402   1.00 15.45 ? 29  LEU A C   1 
ATOM   217  O  O   . LEU A 1 29  ? 9.804   -0.794  2.591   1.00 15.46 ? 29  LEU A O   1 
ATOM   218  C  CB  . LEU A 1 29  ? 8.320   -3.159  0.788   1.00 13.99 ? 29  LEU A CB  1 
ATOM   219  C  CG  . LEU A 1 29  ? 6.967   -3.862  0.570   1.00 14.13 ? 29  LEU A CG  1 
ATOM   220  C  CD1 . LEU A 1 29  ? 7.156   -5.357  0.410   1.00 9.72  ? 29  LEU A CD1 1 
ATOM   221  C  CD2 . LEU A 1 29  ? 6.033   -3.565  1.775   1.00 15.98 ? 29  LEU A CD2 1 
ATOM   222  N  N   . ILE A 1 30  ? 10.574  -0.877  0.449   1.00 16.84 ? 30  ILE A N   1 
ATOM   223  C  CA  . ILE A 1 30  ? 11.829  -0.220  0.816   1.00 19.23 ? 30  ILE A CA  1 
ATOM   224  C  C   . ILE A 1 30  ? 11.621  1.132   1.408   1.00 18.23 ? 30  ILE A C   1 
ATOM   225  O  O   . ILE A 1 30  ? 12.235  1.435   2.467   1.00 19.42 ? 30  ILE A O   1 
ATOM   226  C  CB  . ILE A 1 30  ? 12.842  -0.190  -0.345  1.00 18.76 ? 30  ILE A CB  1 
ATOM   227  C  CG1 . ILE A 1 30  ? 13.287  -1.627  -0.569  1.00 20.97 ? 30  ILE A CG1 1 
ATOM   228  C  CG2 . ILE A 1 30  ? 14.055  0.627   0.131   1.00 20.29 ? 30  ILE A CG2 1 
ATOM   229  C  CD1 . ILE A 1 30  ? 14.143  -1.886  -1.780  1.00 24.93 ? 30  ILE A CD1 1 
ATOM   230  N  N   . ARG A 1 31  ? 10.759  1.940   0.798   1.00 18.41 ? 31  ARG A N   1 
ATOM   231  C  CA  . ARG A 1 31  ? 10.431  3.294   1.296   1.00 16.48 ? 31  ARG A CA  1 
ATOM   232  C  C   . ARG A 1 31  ? 9.801   3.142   2.708   1.00 17.37 ? 31  ARG A C   1 
ATOM   233  O  O   . ARG A 1 31  ? 10.176  3.847   3.645   1.00 18.21 ? 31  ARG A O   1 
ATOM   234  C  CB  . ARG A 1 31  ? 9.520   4.044   0.334   1.00 17.09 ? 31  ARG A CB  1 
ATOM   235  C  CG  . ARG A 1 31  ? 8.881   5.421   0.773   1.00 18.96 ? 31  ARG A CG  1 
ATOM   236  C  CD  . ARG A 1 31  ? 10.024  6.445   1.072   1.00 25.55 ? 31  ARG A CD  1 
ATOM   237  N  NE  . ARG A 1 31  ? 9.477   7.771   1.316   1.00 31.56 ? 31  ARG A NE  1 
ATOM   238  C  CZ  . ARG A 1 31  ? 10.209  8.870   1.505   1.00 36.85 ? 31  ARG A CZ  1 
ATOM   239  N  NH1 . ARG A 1 31  ? 11.550  8.820   1.448   1.00 35.34 ? 31  ARG A NH1 1 
ATOM   240  N  NH2 . ARG A 1 31  ? 9.577   10.017  1.737   1.00 36.56 ? 31  ARG A NH2 1 
ATOM   241  N  N   . LEU A 1 32  ? 8.919   2.159   2.888   1.00 15.65 ? 32  LEU A N   1 
ATOM   242  C  CA  . LEU A 1 32  ? 8.298   1.957   4.204   1.00 16.49 ? 32  LEU A CA  1 
ATOM   243  C  C   . LEU A 1 32  ? 9.325   1.564   5.307   1.00 17.07 ? 32  LEU A C   1 
ATOM   244  O  O   . LEU A 1 32  ? 9.359   2.168   6.422   1.00 16.63 ? 32  LEU A O   1 
ATOM   245  C  CB  . LEU A 1 32  ? 7.209   0.863   4.058   1.00 13.93 ? 32  LEU A CB  1 
ATOM   246  C  CG  . LEU A 1 32  ? 6.572   0.438   5.363   1.00 12.59 ? 32  LEU A CG  1 
ATOM   247  C  CD1 . LEU A 1 32  ? 5.675   1.542   5.822   1.00 16.00 ? 32  LEU A CD1 1 
ATOM   248  C  CD2 . LEU A 1 32  ? 5.750   -0.844  5.102   1.00 17.17 ? 32  LEU A CD2 1 
ATOM   249  N  N   . PHE A 1 33  ? 10.198  0.623   4.965   1.00 15.71 ? 33  PHE A N   1 
ATOM   250  C  CA  . PHE A 1 33  ? 11.125  0.060   5.939   1.00 17.07 ? 33  PHE A CA  1 
ATOM   251  C  C   . PHE A 1 33  ? 12.259  1.034   6.301   1.00 19.44 ? 33  PHE A C   1 
ATOM   252  O  O   . PHE A 1 33  ? 12.746  0.981   7.405   1.00 20.75 ? 33  PHE A O   1 
ATOM   253  C  CB  . PHE A 1 33  ? 11.752  -1.230  5.458   1.00 17.43 ? 33  PHE A CB  1 
ATOM   254  C  CG  . PHE A 1 33  ? 10.795  -2.338  5.236   1.00 14.51 ? 33  PHE A CG  1 
ATOM   255  C  CD1 . PHE A 1 33  ? 9.600   -2.405  5.956   1.00 16.24 ? 33  PHE A CD1 1 
ATOM   256  C  CD2 . PHE A 1 33  ? 11.129  -3.390  4.404   1.00 16.83 ? 33  PHE A CD2 1 
ATOM   257  C  CE1 . PHE A 1 33  ? 8.715   -3.461  5.775   1.00 18.54 ? 33  PHE A CE1 1 
ATOM   258  C  CE2 . PHE A 1 33  ? 10.278  -4.450  4.184   1.00 16.16 ? 33  PHE A CE2 1 
ATOM   259  C  CZ  . PHE A 1 33  ? 9.044   -4.513  4.885   1.00 20.84 ? 33  PHE A CZ  1 
ATOM   260  N  N   . THR A 1 34  ? 12.681  1.816   5.339   1.00 21.10 ? 34  THR A N   1 
ATOM   261  C  CA  . THR A 1 34  ? 13.803  2.723   5.531   1.00 23.89 ? 34  THR A CA  1 
ATOM   262  C  C   . THR A 1 34  ? 13.298  3.947   6.265   1.00 24.97 ? 34  THR A C   1 
ATOM   263  O  O   . THR A 1 34  ? 13.978  4.436   7.229   1.00 25.28 ? 34  THR A O   1 
ATOM   264  C  CB  . THR A 1 34  ? 14.512  3.072   4.172   1.00 22.65 ? 34  THR A CB  1 
ATOM   265  O  OG1 . THR A 1 34  ? 13.604  3.715   3.271   1.00 25.50 ? 34  THR A OG1 1 
ATOM   266  C  CG2 . THR A 1 34  ? 15.117  1.900   3.492   1.00 23.72 ? 34  THR A CG2 1 
ATOM   267  N  N   . GLY A 1 35  ? 12.104  4.417   5.897   1.00 23.65 ? 35  GLY A N   1 
ATOM   268  C  CA  . GLY A 1 35  ? 11.500  5.553   6.550   1.00 23.88 ? 35  GLY A CA  1 
ATOM   269  C  C   . GLY A 1 35  ? 11.009  5.268   7.945   1.00 22.77 ? 35  GLY A C   1 
ATOM   270  O  O   . GLY A 1 35  ? 11.026  6.148   8.799   1.00 23.66 ? 35  GLY A O   1 
ATOM   271  N  N   . HIS A 1 36  ? 10.584  4.021   8.202   1.00 22.19 ? 36  HIS A N   1 
ATOM   272  C  CA  . HIS A 1 36  ? 9.982   3.649   9.498   1.00 20.93 ? 36  HIS A CA  1 
ATOM   273  C  C   . HIS A 1 36  ? 10.459  2.284   9.849   1.00 20.30 ? 36  HIS A C   1 
ATOM   274  O  O   . HIS A 1 36  ? 9.777   1.250   9.614   1.00 19.15 ? 36  HIS A O   1 
ATOM   275  C  CB  . HIS A 1 36  ? 8.438   3.690   9.388   1.00 22.05 ? 36  HIS A CB  1 
ATOM   276  C  CG  . HIS A 1 36  ? 7.919   5.002   8.862   1.00 23.72 ? 36  HIS A CG  1 
ATOM   277  N  ND1 . HIS A 1 36  ? 7.603   6.049   9.698   1.00 25.35 ? 36  HIS A ND1 1 
ATOM   278  C  CD2 . HIS A 1 36  ? 7.692   5.447   7.605   1.00 29.55 ? 36  HIS A CD2 1 
ATOM   279  C  CE1 . HIS A 1 36  ? 7.180   7.077   8.983   1.00 27.82 ? 36  HIS A CE1 1 
ATOM   280  N  NE2 . HIS A 1 36  ? 7.222   6.736   7.707   1.00 32.10 ? 36  HIS A NE2 1 
ATOM   281  N  N   . PRO A 1 37  ? 11.699  2.197   10.380  1.00 19.03 ? 37  PRO A N   1 
ATOM   282  C  CA  . PRO A 1 37  ? 12.271  0.902   10.661  1.00 19.99 ? 37  PRO A CA  1 
ATOM   283  C  C   . PRO A 1 37  ? 11.494  0.012   11.557  1.00 20.14 ? 37  PRO A C   1 
ATOM   284  O  O   . PRO A 1 37  ? 11.705  -1.233  11.559  1.00 21.64 ? 37  PRO A O   1 
ATOM   285  C  CB  . PRO A 1 37  ? 13.636  1.279   11.290  1.00 20.92 ? 37  PRO A CB  1 
ATOM   286  C  CG  . PRO A 1 37  ? 13.913  2.528   10.650  1.00 17.92 ? 37  PRO A CG  1 
ATOM   287  C  CD  . PRO A 1 37  ? 12.673  3.282   10.605  1.00 19.57 ? 37  PRO A CD  1 
ATOM   288  N  N   . GLU A 1 38  ? 10.603  0.586   12.367  1.00 21.09 ? 38  GLU A N   1 
ATOM   289  C  CA  . GLU A 1 38  ? 9.812   -0.262  13.292  1.00 21.12 ? 38  GLU A CA  1 
ATOM   290  C  C   . GLU A 1 38  ? 8.899   -1.197  12.495  1.00 20.80 ? 38  GLU A C   1 
ATOM   291  O  O   . GLU A 1 38  ? 8.459   -2.214  13.007  1.00 22.25 ? 38  GLU A O   1 
ATOM   292  C  CB  . GLU A 1 38  ? 8.979   0.591   14.271  1.00 19.86 ? 38  GLU A CB  1 
ATOM   293  C  CG  . GLU A 1 38  ? 7.871   1.510   13.666  1.00 21.95 ? 38  GLU A CG  1 
ATOM   294  C  CD  . GLU A 1 38  ? 8.390   2.805   13.130  1.00 19.91 ? 38  GLU A CD  1 
ATOM   295  O  OE1 . GLU A 1 38  ? 9.569   2.843   12.671  1.00 22.56 ? 38  GLU A OE1 1 
ATOM   296  O  OE2 . GLU A 1 38  ? 7.587   3.750   13.106  1.00 24.60 ? 38  GLU A OE2 1 
ATOM   297  N  N   . THR A 1 39  ? 8.619   -0.802  11.240  1.00 19.75 ? 39  THR A N   1 
ATOM   298  C  CA  . THR A 1 39  ? 7.708   -1.561  10.404  1.00 20.96 ? 39  THR A CA  1 
ATOM   299  C  C   . THR A 1 39  ? 8.365   -2.834  10.015  1.00 20.17 ? 39  THR A C   1 
ATOM   300  O  O   . THR A 1 39  ? 7.728   -3.844  9.943   1.00 21.07 ? 39  THR A O   1 
ATOM   301  C  CB  . THR A 1 39  ? 7.197   -0.761  9.152   1.00 20.64 ? 39  THR A CB  1 
ATOM   302  O  OG1 . THR A 1 39  ? 8.295   -0.294  8.371   1.00 20.08 ? 39  THR A OG1 1 
ATOM   303  C  CG2 . THR A 1 39  ? 6.389   0.452   9.555   1.00 22.50 ? 39  THR A CG2 1 
ATOM   304  N  N   . LEU A 1 40  ? 9.677   -2.782  9.795   1.00 20.52 ? 40  LEU A N   1 
ATOM   305  C  CA  . LEU A 1 40  ? 10.396  -3.971  9.384   1.00 21.56 ? 40  LEU A CA  1 
ATOM   306  C  C   . LEU A 1 40  ? 10.275  -5.035  10.484  1.00 20.31 ? 40  LEU A C   1 
ATOM   307  O  O   . LEU A 1 40  ? 10.227  -6.212  10.192  1.00 21.42 ? 40  LEU A O   1 
ATOM   308  C  CB  . LEU A 1 40  ? 11.863  -3.558  9.100   1.00 22.33 ? 40  LEU A CB  1 
ATOM   309  C  CG  . LEU A 1 40  ? 12.759  -4.686  8.582   1.00 23.32 ? 40  LEU A CG  1 
ATOM   310  C  CD1 . LEU A 1 40  ? 12.341  -5.238  7.215   1.00 24.79 ? 40  LEU A CD1 1 
ATOM   311  C  CD2 . LEU A 1 40  ? 14.238  -4.163  8.621   1.00 25.80 ? 40  LEU A CD2 1 
ATOM   312  N  N   . GLU A 1 41  ? 10.225  -4.609  11.760  1.00 22.18 ? 41  GLU A N   1 
ATOM   313  C  CA  . GLU A 1 41  ? 10.091  -5.528  12.896  1.00 24.92 ? 41  GLU A CA  1 
ATOM   314  C  C   . GLU A 1 41  ? 8.809   -6.329  12.894  1.00 24.49 ? 41  GLU A C   1 
ATOM   315  O  O   . GLU A 1 41  ? 8.732   -7.355  13.555  1.00 27.01 ? 41  GLU A O   1 
ATOM   316  C  CB  . GLU A 1 41  ? 10.306  -4.815  14.265  1.00 25.71 ? 41  GLU A CB  1 
ATOM   317  C  CG  . GLU A 1 41  ? 11.726  -4.257  14.421  1.00 30.78 ? 41  GLU A CG  1 
ATOM   318  C  CD  . GLU A 1 41  ? 12.857  -5.207  13.983  1.00 35.43 ? 41  GLU A CD  1 
ATOM   319  O  OE1 . GLU A 1 41  ? 12.967  -6.265  14.628  1.00 37.54 ? 41  GLU A OE1 1 
ATOM   320  O  OE2 . GLU A 1 41  ? 13.621  -4.902  12.992  1.00 38.77 ? 41  GLU A OE2 1 
ATOM   321  N  N   . LYS A 1 42  ? 7.804   -5.855  12.157  1.00 23.19 ? 42  LYS A N   1 
ATOM   322  C  CA  . LYS A 1 42  ? 6.591   -6.594  12.005  1.00 23.11 ? 42  LYS A CA  1 
ATOM   323  C  C   . LYS A 1 42  ? 6.687   -7.819  11.076  1.00 22.08 ? 42  LYS A C   1 
ATOM   324  O  O   . LYS A 1 42  ? 5.812   -8.713  11.133  1.00 20.39 ? 42  LYS A O   1 
ATOM   325  C  CB  . LYS A 1 42  ? 5.451   -5.653  11.592  1.00 22.32 ? 42  LYS A CB  1 
ATOM   326  C  CG  . LYS A 1 42  ? 5.118   -4.642  12.630  1.00 24.71 ? 42  LYS A CG  1 
ATOM   327  C  CD  . LYS A 1 42  ? 4.445   -5.375  13.821  1.00 28.30 ? 42  LYS A CD  1 
ATOM   328  C  CE  . LYS A 1 42  ? 4.094   -4.401  14.959  1.00 29.31 ? 42  LYS A CE  1 
ATOM   329  N  NZ  . LYS A 1 42  ? 3.174   -5.035  16.010  1.00 29.33 ? 42  LYS A NZ  1 
ATOM   330  N  N   . PHE A 1 43  ? 7.783   -7.902  10.293  1.00 22.08 ? 43  PHE A N   1 
ATOM   331  C  CA  . PHE A 1 43  ? 7.998   -8.988  9.326   1.00 22.08 ? 43  PHE A CA  1 
ATOM   332  C  C   . PHE A 1 43  ? 9.173   -9.836  9.784   1.00 23.88 ? 43  PHE A C   1 
ATOM   333  O  O   . PHE A 1 43  ? 10.337  -9.443  9.554   1.00 24.80 ? 43  PHE A O   1 
ATOM   334  C  CB  . PHE A 1 43  ? 8.416   -8.441  7.949   1.00 20.26 ? 43  PHE A CB  1 
ATOM   335  C  CG  . PHE A 1 43  ? 7.327   -7.645  7.217   1.00 19.13 ? 43  PHE A CG  1 
ATOM   336  C  CD1 . PHE A 1 43  ? 7.080   -6.292  7.496   1.00 20.46 ? 43  PHE A CD1 1 
ATOM   337  C  CD2 . PHE A 1 43  ? 6.506   -8.296  6.260   1.00 19.59 ? 43  PHE A CD2 1 
ATOM   338  C  CE1 . PHE A 1 43  ? 6.029   -5.578  6.768   1.00 17.74 ? 43  PHE A CE1 1 
ATOM   339  C  CE2 . PHE A 1 43  ? 5.512   -7.568  5.551   1.00 22.59 ? 43  PHE A CE2 1 
ATOM   340  C  CZ  . PHE A 1 43  ? 5.287   -6.241  5.860   1.00 21.76 ? 43  PHE A CZ  1 
ATOM   341  N  N   . ASP A 1 44  ? 8.929   -10.982 10.408  1.00 27.38 ? 44  ASP A N   1 
ATOM   342  C  CA  . ASP A 1 44  ? 10.086  -11.784 10.840  1.00 30.24 ? 44  ASP A CA  1 
ATOM   343  C  C   . ASP A 1 44  ? 10.795  -12.337 9.595   1.00 30.11 ? 44  ASP A C   1 
ATOM   344  O  O   . ASP A 1 44  ? 11.917  -12.780 9.707   1.00 32.20 ? 44  ASP A O   1 
ATOM   345  C  CB  . ASP A 1 44  ? 9.709   -12.967 11.768  1.00 32.98 ? 44  ASP A CB  1 
ATOM   346  C  CG  . ASP A 1 44  ? 8.859   -12.540 12.962  1.00 37.15 ? 44  ASP A CG  1 
ATOM   347  O  OD1 . ASP A 1 44  ? 9.058   -11.432 13.531  1.00 44.05 ? 44  ASP A OD1 1 
ATOM   348  O  OD2 . ASP A 1 44  ? 7.959   -13.336 13.293  1.00 43.92 ? 44  ASP A OD2 1 
ATOM   349  N  N   . LYS A 1 45  ? 10.153  -12.316 8.427   1.00 28.53 ? 45  LYS A N   1 
ATOM   350  C  CA  . LYS A 1 45  ? 10.907  -12.687 7.212   1.00 28.05 ? 45  LYS A CA  1 
ATOM   351  C  C   . LYS A 1 45  ? 11.745  -11.575 6.580   1.00 27.38 ? 45  LYS A C   1 
ATOM   352  O  O   . LYS A 1 45  ? 12.489  -11.851 5.632   1.00 26.62 ? 45  LYS A O   1 
ATOM   353  C  CB  . LYS A 1 45  ? 10.033  -13.331 6.157   1.00 28.43 ? 45  LYS A CB  1 
ATOM   354  C  CG  . LYS A 1 45  ? 9.046   -12.428 5.415   1.00 30.59 ? 45  LYS A CG  1 
ATOM   355  C  CD  . LYS A 1 45  ? 8.315   -13.309 4.391   1.00 32.62 ? 45  LYS A CD  1 
ATOM   356  C  CE  . LYS A 1 45  ? 7.269   -12.512 3.615   1.00 39.44 ? 45  LYS A CE  1 
ATOM   357  N  NZ  . LYS A 1 45  ? 6.452   -13.454 2.767   1.00 41.56 ? 45  LYS A NZ  1 
ATOM   358  N  N   . PHE A 1 46  ? 11.632  -10.339 7.045   1.00 24.95 ? 46  PHE A N   1 
ATOM   359  C  CA  . PHE A 1 46  ? 12.482  -9.288  6.493   1.00 25.34 ? 46  PHE A CA  1 
ATOM   360  C  C   . PHE A 1 46  ? 13.359  -8.707  7.545   1.00 26.10 ? 46  PHE A C   1 
ATOM   361  O  O   . PHE A 1 46  ? 14.166  -7.848  7.258   1.00 25.14 ? 46  PHE A O   1 
ATOM   362  C  CB  . PHE A 1 46  ? 11.695  -8.164  5.784   1.00 24.88 ? 46  PHE A CB  1 
ATOM   363  C  CG  . PHE A 1 46  ? 10.859  -8.679  4.641   1.00 24.29 ? 46  PHE A CG  1 
ATOM   364  C  CD1 . PHE A 1 46  ? 11.427  -9.539  3.706   1.00 24.97 ? 46  PHE A CD1 1 
ATOM   365  C  CD2 . PHE A 1 46  ? 9.513   -8.281  4.478   1.00 20.36 ? 46  PHE A CD2 1 
ATOM   366  C  CE1 . PHE A 1 46  ? 10.659  -10.084 2.613   1.00 24.98 ? 46  PHE A CE1 1 
ATOM   367  C  CE2 . PHE A 1 46  ? 8.733   -8.811  3.408   1.00 24.76 ? 46  PHE A CE2 1 
ATOM   368  C  CZ  . PHE A 1 46  ? 9.304   -9.711  2.473   1.00 22.13 ? 46  PHE A CZ  1 
ATOM   369  N  N   . LYS A 1 47  ? 13.185  -9.168  8.772   1.00 28.50 ? 47  LYS A N   1 
ATOM   370  C  CA  . LYS A 1 47  ? 13.931  -8.614  9.912   1.00 33.54 ? 47  LYS A CA  1 
ATOM   371  C  C   . LYS A 1 47  ? 15.451  -8.659  9.769   1.00 34.69 ? 47  LYS A C   1 
ATOM   372  O  O   . LYS A 1 47  ? 16.165  -7.835  10.365  1.00 36.27 ? 47  LYS A O   1 
ATOM   373  C  CB  . LYS A 1 47  ? 13.541  -9.376  11.177  1.00 33.03 ? 47  LYS A CB  1 
ATOM   374  C  CG  . LYS A 1 47  ? 12.616  -8.616  12.026  1.00 36.14 ? 47  LYS A CG  1 
ATOM   375  C  CD  . LYS A 1 47  ? 12.282  -9.486  13.233  1.00 39.13 ? 47  LYS A CD  1 
ATOM   376  C  CE  . LYS A 1 47  ? 11.608  -8.716  14.375  1.00 42.30 ? 47  LYS A CE  1 
ATOM   377  N  NZ  . LYS A 1 47  ? 10.965  -9.610  15.380  1.00 44.39 ? 47  LYS A NZ  1 
ATOM   378  N  N   . HIS A 1 48  ? 15.928  -9.634  9.011   1.00 36.65 ? 48  HIS A N   1 
ATOM   379  C  CA  . HIS A 1 48  ? 17.353  -9.793  8.705   1.00 38.11 ? 48  HIS A CA  1 
ATOM   380  C  C   . HIS A 1 48  ? 17.921  -8.722  7.758   1.00 39.48 ? 48  HIS A C   1 
ATOM   381  O  O   . HIS A 1 48  ? 19.161  -8.534  7.682   1.00 40.90 ? 48  HIS A O   1 
ATOM   382  C  CB  . HIS A 1 48  ? 17.564  -11.170 8.084   1.00 38.73 ? 48  HIS A CB  1 
ATOM   383  C  CG  . HIS A 1 48  ? 17.094  -11.258 6.661   1.00 40.15 ? 48  HIS A CG  1 
ATOM   384  N  ND1 . HIS A 1 48  ? 15.808  -11.642 6.321   1.00 37.94 ? 48  HIS A ND1 1 
ATOM   385  C  CD2 . HIS A 1 48  ? 17.729  -10.967 5.491   1.00 37.74 ? 48  HIS A CD2 1 
ATOM   386  C  CE1 . HIS A 1 48  ? 15.689  -11.623 5.003   1.00 40.94 ? 48  HIS A CE1 1 
ATOM   387  N  NE2 . HIS A 1 48  ? 16.837  -11.217 4.476   1.00 39.03 ? 48  HIS A NE2 1 
ATOM   388  N  N   . LEU A 1 49  ? 17.046  -8.038  7.006   1.00 37.44 ? 49  LEU A N   1 
ATOM   389  C  CA  . LEU A 1 49  ? 17.490  -7.036  6.062   1.00 37.84 ? 49  LEU A CA  1 
ATOM   390  C  C   . LEU A 1 49  ? 17.997  -5.850  6.860   1.00 38.81 ? 49  LEU A C   1 
ATOM   391  O  O   . LEU A 1 49  ? 17.250  -4.994  7.296   1.00 39.10 ? 49  LEU A O   1 
ATOM   392  C  CB  . LEU A 1 49  ? 16.407  -6.674  5.029   1.00 36.23 ? 49  LEU A CB  1 
ATOM   393  C  CG  . LEU A 1 49  ? 15.927  -7.813  4.096   1.00 34.55 ? 49  LEU A CG  1 
ATOM   394  C  CD1 . LEU A 1 49  ? 14.646  -7.432  3.334   1.00 28.38 ? 49  LEU A CD1 1 
ATOM   395  C  CD2 . LEU A 1 49  ? 17.043  -8.219  3.086   1.00 34.00 ? 49  LEU A CD2 1 
ATOM   396  N  N   . LYS A 1 50  ? 19.301  -5.823  7.064   1.00 39.75 ? 50  LYS A N   1 
ATOM   397  C  CA  . LYS A 1 50  ? 19.923  -4.718  7.788   1.00 39.86 ? 50  LYS A CA  1 
ATOM   398  C  C   . LYS A 1 50  ? 20.098  -3.493  6.901   1.00 38.95 ? 50  LYS A C   1 
ATOM   399  O  O   . LYS A 1 50  ? 19.962  -2.373  7.368   1.00 40.01 ? 50  LYS A O   1 
ATOM   400  C  CB  . LYS A 1 50  ? 21.260  -5.162  8.375   1.00 40.93 ? 50  LYS A CB  1 
ATOM   401  C  CG  . LYS A 1 50  ? 21.081  -5.981  9.653   1.00 45.20 ? 50  LYS A CG  1 
ATOM   402  C  CD  . LYS A 1 50  ? 20.499  -5.070  10.763  1.00 50.81 ? 50  LYS A CD  1 
ATOM   403  C  CE  . LYS A 1 50  ? 20.319  -5.784  12.107  1.00 53.40 ? 50  LYS A CE  1 
ATOM   404  N  NZ  . LYS A 1 50  ? 19.000  -6.472  12.131  1.00 52.63 ? 50  LYS A NZ  1 
ATOM   405  N  N   . THR A 1 51  ? 20.386  -3.692  5.612   1.00 35.71 ? 51  THR A N   1 
ATOM   406  C  CA  . THR A 1 51  ? 20.677  -2.545  4.758   1.00 32.85 ? 51  THR A CA  1 
ATOM   407  C  C   . THR A 1 51  ? 19.724  -2.462  3.616   1.00 32.02 ? 51  THR A C   1 
ATOM   408  O  O   . THR A 1 51  ? 19.159  -3.463  3.207   1.00 31.71 ? 51  THR A O   1 
ATOM   409  C  CB  . THR A 1 51  ? 22.113  -2.647  4.182   1.00 33.57 ? 51  THR A CB  1 
ATOM   410  O  OG1 . THR A 1 51  ? 22.204  -3.758  3.249   1.00 30.00 ? 51  THR A OG1 1 
ATOM   411  C  CG2 . THR A 1 51  ? 23.090  -2.872  5.351   1.00 31.70 ? 51  THR A CG2 1 
ATOM   412  N  N   . GLU A 1 52  ? 19.591  -1.270  3.067   1.00 31.17 ? 52  GLU A N   1 
ATOM   413  C  CA  . GLU A 1 52  ? 18.804  -1.093  1.868   1.00 31.45 ? 52  GLU A CA  1 
ATOM   414  C  C   . GLU A 1 52  ? 19.348  -1.900  0.661   1.00 31.37 ? 52  GLU A C   1 
ATOM   415  O  O   . GLU A 1 52  ? 18.573  -2.337  -0.214  1.00 30.12 ? 52  GLU A O   1 
ATOM   416  C  CB  . GLU A 1 52  ? 18.681  0.380   1.531   1.00 31.61 ? 52  GLU A CB  1 
ATOM   417  C  CG  . GLU A 1 52  ? 17.958  0.627   0.203   1.00 32.00 ? 52  GLU A CG  1 
ATOM   418  C  CD  . GLU A 1 52  ? 17.659  2.097   -0.081  1.00 34.99 ? 52  GLU A CD  1 
ATOM   419  O  OE1 . GLU A 1 52  ? 17.683  2.943   0.834   1.00 37.97 ? 52  GLU A OE1 1 
ATOM   420  O  OE2 . GLU A 1 52  ? 17.380  2.401   -1.251  1.00 40.20 ? 52  GLU A OE2 1 
ATOM   421  N  N   . ALA A 1 53  ? 20.663  -2.085  0.601   1.00 30.07 ? 53  ALA A N   1 
ATOM   422  C  CA  . ALA A 1 53  ? 21.217  -2.975  -0.415  1.00 29.27 ? 53  ALA A CA  1 
ATOM   423  C  C   . ALA A 1 53  ? 20.686  -4.380  -0.259  1.00 28.03 ? 53  ALA A C   1 
ATOM   424  O  O   . ALA A 1 53  ? 20.357  -5.011  -1.261  1.00 28.84 ? 53  ALA A O   1 
ATOM   425  C  CB  . ALA A 1 53  ? 22.795  -3.000  -0.340  1.00 29.36 ? 53  ALA A CB  1 
ATOM   426  N  N   . GLU A 1 54  ? 20.643  -4.916  0.954   1.00 26.54 ? 54  GLU A N   1 
ATOM   427  C  CA  . GLU A 1 54  ? 20.114  -6.252  1.163   1.00 27.30 ? 54  GLU A CA  1 
ATOM   428  C  C   . GLU A 1 54  ? 18.614  -6.271  0.776   1.00 26.88 ? 54  GLU A C   1 
ATOM   429  O  O   . GLU A 1 54  ? 18.107  -7.255  0.229   1.00 27.97 ? 54  GLU A O   1 
ATOM   430  C  CB  . GLU A 1 54  ? 20.263  -6.693  2.609   1.00 27.89 ? 54  GLU A CB  1 
ATOM   431  C  CG  . GLU A 1 54  ? 21.704  -7.080  2.930   1.00 31.99 ? 54  GLU A CG  1 
ATOM   432  C  CD  . GLU A 1 54  ? 21.996  -7.288  4.400   1.00 38.90 ? 54  GLU A CD  1 
ATOM   433  O  OE1 . GLU A 1 54  ? 21.228  -6.809  5.275   1.00 39.63 ? 54  GLU A OE1 1 
ATOM   434  O  OE2 . GLU A 1 54  ? 23.055  -7.910  4.666   1.00 40.55 ? 54  GLU A OE2 1 
ATOM   435  N  N   . MET A 1 55  ? 17.933  -5.183  1.074   1.00 25.74 ? 55  MET A N   1 
ATOM   436  C  CA  . MET A 1 55  ? 16.468  -5.100  0.746   1.00 25.10 ? 55  MET A CA  1 
ATOM   437  C  C   . MET A 1 55  ? 16.280  -5.165  -0.772  1.00 24.10 ? 55  MET A C   1 
ATOM   438  O  O   . MET A 1 55  ? 15.396  -5.886  -1.264  1.00 23.62 ? 55  MET A O   1 
ATOM   439  C  CB  . MET A 1 55  ? 15.857  -3.770  1.267   1.00 23.11 ? 55  MET A CB  1 
ATOM   440  C  CG  . MET A 1 55  ? 15.815  -3.653  2.780   1.00 26.08 ? 55  MET A CG  1 
ATOM   441  S  SD  . MET A 1 55  ? 15.131  -2.055  3.227   1.00 24.07 ? 55  MET A SD  1 
ATOM   442  C  CE  . MET A 1 55  ? 15.431  -2.048  5.023   1.00 28.26 ? 55  MET A CE  1 
ATOM   443  N  N   . LYS A 1 56  ? 17.123  -4.409  -1.475  1.00 26.26 ? 56  LYS A N   1 
ATOM   444  C  CA  . LYS A 1 56  ? 17.045  -4.251  -2.927  1.00 27.36 ? 56  LYS A CA  1 
ATOM   445  C  C   . LYS A 1 56  ? 17.372  -5.572  -3.564  1.00 27.97 ? 56  LYS A C   1 
ATOM   446  O  O   . LYS A 1 56  ? 16.792  -5.892  -4.620  1.00 28.65 ? 56  LYS A O   1 
ATOM   447  C  CB  . LYS A 1 56  ? 18.034  -3.199  -3.382  1.00 27.81 ? 56  LYS A CB  1 
ATOM   448  C  CG  . LYS A 1 56  ? 17.556  -2.300  -4.474  1.00 34.77 ? 56  LYS A CG  1 
ATOM   449  C  CD  . LYS A 1 56  ? 17.055  -1.044  -3.822  1.00 39.94 ? 56  LYS A CD  1 
ATOM   450  C  CE  . LYS A 1 56  ? 17.307  0.175   -4.701  1.00 43.51 ? 56  LYS A CE  1 
ATOM   451  N  NZ  . LYS A 1 56  ? 16.833  1.417   -4.016  1.00 46.87 ? 56  LYS A NZ  1 
ATOM   452  N  N   . ALA A 1 57  ? 18.283  -6.335  -2.925  1.00 26.07 ? 57  ALA A N   1 
ATOM   453  C  CA  . ALA A 1 57  ? 18.721  -7.646  -3.392  1.00 26.29 ? 57  ALA A CA  1 
ATOM   454  C  C   . ALA A 1 57  ? 17.762  -8.782  -3.022  1.00 25.25 ? 57  ALA A C   1 
ATOM   455  O  O   . ALA A 1 57  ? 17.840  -9.898  -3.580  1.00 26.21 ? 57  ALA A O   1 
ATOM   456  C  CB  . ALA A 1 57  ? 20.177  -7.975  -2.855  1.00 28.46 ? 57  ALA A CB  1 
ATOM   457  N  N   . SER A 1 58  ? 16.826  -8.520  -2.098  1.00 23.42 ? 58  SER A N   1 
ATOM   458  C  CA  . SER A 1 58  ? 15.925  -9.581  -1.621  1.00 21.90 ? 58  SER A CA  1 
ATOM   459  C  C   . SER A 1 58  ? 14.813  -9.894  -2.613  1.00 21.56 ? 58  SER A C   1 
ATOM   460  O  O   . SER A 1 58  ? 13.939  -9.065  -2.840  1.00 20.61 ? 58  SER A O   1 
ATOM   461  C  CB  . SER A 1 58  ? 15.274  -9.097  -0.365  1.00 20.93 ? 58  SER A CB  1 
ATOM   462  O  OG  . SER A 1 58  ? 14.394  -10.103 0.068   1.00 18.67 ? 58  SER A OG  1 
ATOM   463  N  N   . GLU A 1 59  ? 14.816  -11.096 -3.196  1.00 23.23 ? 59  GLU A N   1 
ATOM   464  C  CA  . GLU A 1 59  ? 13.799  -11.449 -4.170  1.00 21.63 ? 59  GLU A CA  1 
ATOM   465  C  C   . GLU A 1 59  ? 12.496  -11.750 -3.428  1.00 21.13 ? 59  GLU A C   1 
ATOM   466  O  O   . GLU A 1 59  ? 11.421  -11.611 -3.972  1.00 21.41 ? 59  GLU A O   1 
ATOM   467  C  CB  . GLU A 1 59  ? 14.243  -12.644 -5.025  1.00 24.00 ? 59  GLU A CB  1 
ATOM   468  C  CG  . GLU A 1 59  ? 15.447  -12.280 -5.940  1.00 23.06 ? 59  GLU A CG  1 
ATOM   469  C  CD  . GLU A 1 59  ? 15.137  -11.193 -6.927  1.00 22.62 ? 59  GLU A CD  1 
ATOM   470  O  OE1 . GLU A 1 59  ? 13.999  -11.064 -7.434  1.00 29.44 ? 59  GLU A OE1 1 
ATOM   471  O  OE2 . GLU A 1 59  ? 16.054  -10.414 -7.246  1.00 32.44 ? 59  GLU A OE2 1 
ATOM   472  N  N   . ASP A 1 60  ? 12.583  -12.165 -2.176  1.00 20.30 ? 60  ASP A N   1 
ATOM   473  C  CA  . ASP A 1 60  ? 11.402  -12.376 -1.417  1.00 19.66 ? 60  ASP A CA  1 
ATOM   474  C  C   . ASP A 1 60  ? 10.726  -11.075 -1.043  1.00 18.64 ? 60  ASP A C   1 
ATOM   475  O  O   . ASP A 1 60  ? 9.483   -11.057 -0.971  1.00 17.55 ? 60  ASP A O   1 
ATOM   476  C  CB  . ASP A 1 60  ? 11.758  -13.166 -0.144  1.00 20.71 ? 60  ASP A CB  1 
ATOM   477  C  CG  . ASP A 1 60  ? 10.598  -13.812 0.431   1.00 25.32 ? 60  ASP A CG  1 
ATOM   478  O  OD1 . ASP A 1 60  ? 9.892   -14.560 -0.311  1.00 27.92 ? 60  ASP A OD1 1 
ATOM   479  O  OD2 . ASP A 1 60  ? 10.341  -13.510 1.622   1.00 31.09 ? 60  ASP A OD2 1 
ATOM   480  N  N   . LEU A 1 61  ? 11.485  -9.975  -0.821  1.00 18.49 ? 61  LEU A N   1 
ATOM   481  C  CA  . LEU A 1 61  ? 10.866  -8.619  -0.607  1.00 19.09 ? 61  LEU A CA  1 
ATOM   482  C  C   . LEU A 1 61  ? 10.092  -8.176  -1.842  1.00 18.16 ? 61  LEU A C   1 
ATOM   483  O  O   . LEU A 1 61  ? 8.975   -7.684  -1.764  1.00 17.56 ? 61  LEU A O   1 
ATOM   484  C  CB  . LEU A 1 61  ? 11.925  -7.594  -0.188  1.00 19.47 ? 61  LEU A CB  1 
ATOM   485  C  CG  . LEU A 1 61  ? 11.410  -6.219  0.227   1.00 21.70 ? 61  LEU A CG  1 
ATOM   486  C  CD1 . LEU A 1 61  ? 12.460  -5.559  1.131   1.00 26.62 ? 61  LEU A CD1 1 
ATOM   487  C  CD2 . LEU A 1 61  ? 11.232  -5.369  -0.956  1.00 29.70 ? 61  LEU A CD2 1 
ATOM   488  N  N   . LYS A 1 62  ? 10.651  -8.434  -3.011  1.00 19.11 ? 62  LYS A N   1 
ATOM   489  C  CA  . LYS A 1 62  ? 9.985   -8.143  -4.298  1.00 17.85 ? 62  LYS A CA  1 
ATOM   490  C  C   . LYS A 1 62  ? 8.712   -8.967  -4.431  1.00 17.84 ? 62  LYS A C   1 
ATOM   491  O  O   . LYS A 1 62  ? 7.648   -8.444  -4.826  1.00 16.87 ? 62  LYS A O   1 
ATOM   492  C  CB  . LYS A 1 62  ? 10.940  -8.468  -5.477  1.00 19.05 ? 62  LYS A CB  1 
ATOM   493  C  CG  . LYS A 1 62  ? 10.393  -8.012  -6.761  1.00 25.17 ? 62  LYS A CG  1 
ATOM   494  C  CD  . LYS A 1 62  ? 11.226  -8.347  -7.996  1.00 34.44 ? 62  LYS A CD  1 
ATOM   495  C  CE  . LYS A 1 62  ? 12.496  -7.585  -8.095  1.00 38.53 ? 62  LYS A CE  1 
ATOM   496  N  NZ  . LYS A 1 62  ? 13.163  -7.992  -9.410  1.00 42.01 ? 62  LYS A NZ  1 
ATOM   497  N  N   . LYS A 1 63  ? 8.810   -10.262 -4.081  1.00 16.50 ? 63  LYS A N   1 
ATOM   498  C  CA  . LYS A 1 63  ? 7.685   -11.129 -4.067  1.00 16.38 ? 63  LYS A CA  1 
ATOM   499  C  C   . LYS A 1 63  ? 6.563   -10.585 -3.152  1.00 16.54 ? 63  LYS A C   1 
ATOM   500  O  O   . LYS A 1 63  ? 5.426   -10.524 -3.596  1.00 15.10 ? 63  LYS A O   1 
ATOM   501  C  CB  . LYS A 1 63  ? 8.058   -12.570 -3.637  1.00 15.88 ? 63  LYS A CB  1 
ATOM   502  C  CG  . LYS A 1 63  ? 6.877   -13.530 -3.727  1.00 18.23 ? 63  LYS A CG  1 
ATOM   503  C  CD  . LYS A 1 63  ? 7.480   -14.880 -3.227  1.00 21.90 ? 63  LYS A CD  1 
ATOM   504  C  CE  . LYS A 1 63  ? 6.549   -15.995 -3.327  1.00 23.10 ? 63  LYS A CE  1 
ATOM   505  N  NZ  . LYS A 1 63  ? 7.425   -17.158 -2.819  1.00 24.10 ? 63  LYS A NZ  1 
ATOM   506  N  N   . HIS A 1 64  ? 6.899   -10.229 -1.890  1.00 15.34 ? 64  HIS A N   1 
ATOM   507  C  CA  . HIS A 1 64  ? 5.882   -9.663  -1.047  1.00 13.87 ? 64  HIS A CA  1 
ATOM   508  C  C   . HIS A 1 64  ? 5.330   -8.401  -1.585  1.00 14.67 ? 64  HIS A C   1 
ATOM   509  O  O   . HIS A 1 64  ? 4.123   -8.184  -1.514  1.00 13.78 ? 64  HIS A O   1 
ATOM   510  C  CB  . HIS A 1 64  ? 6.389   -9.442  0.379   1.00 14.76 ? 64  HIS A CB  1 
ATOM   511  C  CG  . HIS A 1 64  ? 5.263   -9.171  1.333   1.00 16.36 ? 64  HIS A CG  1 
ATOM   512  N  ND1 . HIS A 1 64  ? 4.355   -10.154 1.678   1.00 17.75 ? 64  HIS A ND1 1 
ATOM   513  C  CD2 . HIS A 1 64  ? 4.783   -8.016  1.852   1.00 20.86 ? 64  HIS A CD2 1 
ATOM   514  C  CE1 . HIS A 1 64  ? 3.416   -9.631  2.443   1.00 18.75 ? 64  HIS A CE1 1 
ATOM   515  N  NE2 . HIS A 1 64  ? 3.662   -8.338  2.589   1.00 16.57 ? 64  HIS A NE2 1 
ATOM   516  N  N   . GLY A 1 65  ? 6.192   -7.561  -2.148  1.00 15.28 ? 65  GLY A N   1 
ATOM   517  C  CA  . GLY A 1 65  ? 5.729   -6.312  -2.874  1.00 14.53 ? 65  GLY A CA  1 
ATOM   518  C  C   . GLY A 1 65  ? 4.622   -6.630  -3.929  1.00 15.19 ? 65  GLY A C   1 
ATOM   519  O  O   . GLY A 1 65  ? 3.621   -5.969  -3.968  1.00 14.63 ? 65  GLY A O   1 
ATOM   520  N  N   . THR A 1 66  ? 4.849   -7.652  -4.735  1.00 14.62 ? 66  THR A N   1 
ATOM   521  C  CA  . THR A 1 66  ? 3.860   -8.102  -5.690  1.00 15.44 ? 66  THR A CA  1 
ATOM   522  C  C   . THR A 1 66  ? 2.590   -8.549  -4.971  1.00 14.59 ? 66  THR A C   1 
ATOM   523  O  O   . THR A 1 66  ? 1.515   -8.196  -5.435  1.00 13.73 ? 66  THR A O   1 
ATOM   524  C  CB  . THR A 1 66  ? 4.397   -9.327  -6.491  1.00 16.15 ? 66  THR A CB  1 
ATOM   525  O  OG1 . THR A 1 66  ? 5.502   -8.878  -7.242  1.00 21.56 ? 66  THR A OG1 1 
ATOM   526  C  CG2 . THR A 1 66  ? 3.320   -9.816  -7.389  1.00 17.56 ? 66  THR A CG2 1 
ATOM   527  N  N   . VAL A 1 67  ? 2.694   -9.313  -3.878  1.00 13.64 ? 67  VAL A N   1 
ATOM   528  C  CA  . VAL A 1 67  ? 1.469   -9.739  -3.183  1.00 14.10 ? 67  VAL A CA  1 
ATOM   529  C  C   . VAL A 1 67  ? 0.662   -8.516  -2.682  1.00 12.59 ? 67  VAL A C   1 
ATOM   530  O  O   . VAL A 1 67  ? -0.623  -8.471  -2.804  1.00 13.25 ? 67  VAL A O   1 
ATOM   531  C  CB  . VAL A 1 67  ? 1.861   -10.696 -2.003  1.00 14.22 ? 67  VAL A CB  1 
ATOM   532  C  CG1 . VAL A 1 67  ? 0.674   -10.939 -1.027  1.00 16.01 ? 67  VAL A CG1 1 
ATOM   533  C  CG2 . VAL A 1 67  ? 2.361   -12.070 -2.550  1.00 15.44 ? 67  VAL A CG2 1 
ATOM   534  N  N   . VAL A 1 68  ? 1.380   -7.577  -2.050  1.00 14.34 ? 68  VAL A N   1 
ATOM   535  C  CA  . VAL A 1 68  ? 0.749   -6.434  -1.380  1.00 13.39 ? 68  VAL A CA  1 
ATOM   536  C  C   . VAL A 1 68  ? 0.069   -5.574  -2.446  1.00 12.31 ? 68  VAL A C   1 
ATOM   537  O  O   . VAL A 1 68  ? -1.139  -5.252  -2.305  1.00 13.59 ? 68  VAL A O   1 
ATOM   538  C  CB  . VAL A 1 68  ? 1.720   -5.655  -0.499  1.00 13.66 ? 68  VAL A CB  1 
ATOM   539  C  CG1 . VAL A 1 68  ? 1.040   -4.365  0.056   1.00 16.14 ? 68  VAL A CG1 1 
ATOM   540  C  CG2 . VAL A 1 68  ? 2.146   -6.580  0.566   1.00 15.35 ? 68  VAL A CG2 1 
ATOM   541  N  N   . LEU A 1 69  ? 0.785   -5.253  -3.523  1.00 13.55 ? 69  LEU A N   1 
ATOM   542  C  CA  . LEU A 1 69  ? 0.190   -4.367  -4.508  1.00 14.30 ? 69  LEU A CA  1 
ATOM   543  C  C   . LEU A 1 69  ? -0.880  -5.027  -5.353  1.00 13.68 ? 69  LEU A C   1 
ATOM   544  O  O   . LEU A 1 69  ? -1.770  -4.331  -5.848  1.00 15.44 ? 69  LEU A O   1 
ATOM   545  C  CB  . LEU A 1 69  ? 1.273   -3.723  -5.402  1.00 12.02 ? 69  LEU A CB  1 
ATOM   546  C  CG  . LEU A 1 69  ? 2.215   -2.698  -4.714  1.00 12.88 ? 69  LEU A CG  1 
ATOM   547  C  CD1 . LEU A 1 69  ? 2.965   -1.916  -5.785  1.00 13.21 ? 69  LEU A CD1 1 
ATOM   548  C  CD2 . LEU A 1 69  ? 1.425   -1.777  -3.747  1.00 14.82 ? 69  LEU A CD2 1 
ATOM   549  N  N   . THR A 1 70  ? -0.803  -6.352  -5.505  1.00 13.16 ? 70  THR A N   1 
ATOM   550  C  CA  . THR A 1 70  ? -1.849  -7.097  -6.253  1.00 15.82 ? 70  THR A CA  1 
ATOM   551  C  C   . THR A 1 70  ? -3.120  -7.018  -5.422  1.00 13.15 ? 70  THR A C   1 
ATOM   552  O  O   . THR A 1 70  ? -4.187  -6.782  -5.912  1.00 14.80 ? 70  THR A O   1 
ATOM   553  C  CB  . THR A 1 70  ? -1.391  -8.568  -6.491  1.00 16.00 ? 70  THR A CB  1 
ATOM   554  O  OG1 . THR A 1 70  ? -0.281  -8.514  -7.427  1.00 18.97 ? 70  THR A OG1 1 
ATOM   555  C  CG2 . THR A 1 70  ? -2.564  -9.409  -7.134  1.00 20.51 ? 70  THR A CG2 1 
ATOM   556  N  N   . ALA A 1 71  ? -2.977  -7.223  -4.148  1.00 14.27 ? 71  ALA A N   1 
ATOM   557  C  CA  . ALA A 1 71  ? -4.149  -7.187  -3.225  1.00 14.52 ? 71  ALA A CA  1 
ATOM   558  C  C   . ALA A 1 71  ? -4.766  -5.767  -3.266  1.00 14.21 ? 71  ALA A C   1 
ATOM   559  O  O   . ALA A 1 71  ? -5.971  -5.614  -3.478  1.00 13.72 ? 71  ALA A O   1 
ATOM   560  C  CB  . ALA A 1 71  ? -3.759  -7.563  -1.826  1.00 12.90 ? 71  ALA A CB  1 
ATOM   561  N  N   . LEU A 1 72  ? -3.927  -4.723  -3.126  1.00 13.12 ? 72  LEU A N   1 
ATOM   562  C  CA  . LEU A 1 72  ? -4.436  -3.362  -3.259  1.00 14.29 ? 72  LEU A CA  1 
ATOM   563  C  C   . LEU A 1 72  ? -5.103  -3.043  -4.587  1.00 13.77 ? 72  LEU A C   1 
ATOM   564  O  O   . LEU A 1 72  ? -6.148  -2.354  -4.632  1.00 13.82 ? 72  LEU A O   1 
ATOM   565  C  CB  . LEU A 1 72  ? -3.294  -2.362  -3.018  1.00 12.33 ? 72  LEU A CB  1 
ATOM   566  C  CG  . LEU A 1 72  ? -3.687  -0.883  -2.994  1.00 14.81 ? 72  LEU A CG  1 
ATOM   567  C  CD1 . LEU A 1 72  ? -4.780  -0.560  -1.948  1.00 13.90 ? 72  LEU A CD1 1 
ATOM   568  C  CD2 . LEU A 1 72  ? -2.442  -0.118  -2.582  1.00 14.97 ? 72  LEU A CD2 1 
ATOM   569  N  N   . GLY A 1 73  ? -4.525  -3.554  -5.671  1.00 11.98 ? 73  GLY A N   1 
ATOM   570  C  CA  . GLY A 1 73  ? -4.998  -3.274  -7.032  1.00 16.05 ? 73  GLY A CA  1 
ATOM   571  C  C   . GLY A 1 73  ? -6.392  -3.852  -7.148  1.00 17.71 ? 73  GLY A C   1 
ATOM   572  O  O   . GLY A 1 73  ? -7.291  -3.254  -7.700  1.00 16.86 ? 73  GLY A O   1 
ATOM   573  N  N   . GLY A 1 74  ? -6.532  -5.068  -6.645  1.00 17.87 ? 74  GLY A N   1 
ATOM   574  C  CA  . GLY A 1 74  ? -7.856  -5.750  -6.616  1.00 18.67 ? 74  GLY A CA  1 
ATOM   575  C  C   . GLY A 1 74  ? -8.919  -4.918  -5.915  1.00 18.33 ? 74  GLY A C   1 
ATOM   576  O  O   . GLY A 1 74  ? -10.047 -4.756  -6.420  1.00 18.47 ? 74  GLY A O   1 
ATOM   577  N  N   . ILE A 1 75  ? -8.513  -4.353  -4.787  1.00 17.45 ? 75  ILE A N   1 
ATOM   578  C  CA  . ILE A 1 75  ? -9.376  -3.540  -3.970  1.00 16.49 ? 75  ILE A CA  1 
ATOM   579  C  C   . ILE A 1 75  ? -9.775  -2.264  -4.687  1.00 16.09 ? 75  ILE A C   1 
ATOM   580  O  O   . ILE A 1 75  ? -10.983 -1.868  -4.736  1.00 15.66 ? 75  ILE A O   1 
ATOM   581  C  CB  . ILE A 1 75  ? -8.725  -3.376  -2.627  1.00 16.97 ? 75  ILE A CB  1 
ATOM   582  C  CG1 . ILE A 1 75  ? -8.889  -4.694  -1.821  1.00 21.93 ? 75  ILE A CG1 1 
ATOM   583  C  CG2 . ILE A 1 75  ? -9.308  -2.216  -1.827  1.00 18.87 ? 75  ILE A CG2 1 
ATOM   584  C  CD1 . ILE A 1 75  ? -7.935  -4.664  -0.624  1.00 23.97 ? 75  ILE A CD1 1 
ATOM   585  N  N   . LEU A 1 76  ? -8.778  -1.622  -5.278  1.00 16.06 ? 76  LEU A N   1 
ATOM   586  C  CA  . LEU A 1 76  ? -8.995  -0.337  -5.947  1.00 15.68 ? 76  LEU A CA  1 
ATOM   587  C  C   . LEU A 1 76  ? -9.936  -0.506  -7.117  1.00 16.79 ? 76  LEU A C   1 
ATOM   588  O  O   . LEU A 1 76  ? -10.775 0.362   -7.342  1.00 16.10 ? 76  LEU A O   1 
ATOM   589  C  CB  . LEU A 1 76  ? -7.705  0.275   -6.447  1.00 16.45 ? 76  LEU A CB  1 
ATOM   590  C  CG  . LEU A 1 76  ? -6.784  0.734   -5.297  1.00 16.06 ? 76  LEU A CG  1 
ATOM   591  C  CD1 . LEU A 1 76  ? -5.484  1.209   -5.945  1.00 17.46 ? 76  LEU A CD1 1 
ATOM   592  C  CD2 . LEU A 1 76  ? -7.492  1.858   -4.508  1.00 16.61 ? 76  LEU A CD2 1 
ATOM   593  N  N   . LYS A 1 77  ? -9.786  -1.608  -7.849  1.00 16.59 ? 77  LYS A N   1 
ATOM   594  C  CA  . LYS A 1 77  ? -10.680 -1.912  -8.938  1.00 18.44 ? 77  LYS A CA  1 
ATOM   595  C  C   . LYS A 1 77  ? -12.125 -2.144  -8.500  1.00 17.04 ? 77  LYS A C   1 
ATOM   596  O  O   . LYS A 1 77  ? -13.033 -2.045  -9.313  1.00 18.22 ? 77  LYS A O   1 
ATOM   597  C  CB  . LYS A 1 77  ? -10.116 -3.062  -9.751  1.00 18.79 ? 77  LYS A CB  1 
ATOM   598  C  CG  . LYS A 1 77  ? -8.928  -2.576  -10.488 1.00 21.53 ? 77  LYS A CG  1 
ATOM   599  C  CD  . LYS A 1 77  ? -8.325  -3.639  -11.192 1.00 25.03 ? 77  LYS A CD  1 
ATOM   600  C  CE  . LYS A 1 77  ? -7.014  -3.111  -11.799 1.00 25.83 ? 77  LYS A CE  1 
ATOM   601  N  NZ  . LYS A 1 77  ? -6.378  -4.306  -12.393 1.00 28.96 ? 77  LYS A NZ  1 
ATOM   602  N  N   . LYS A 1 78  ? -12.396 -2.254  -7.202  1.00 18.06 ? 78  LYS A N   1 
ATOM   603  C  CA  . LYS A 1 78  ? -13.781 -2.345  -6.754  1.00 19.46 ? 78  LYS A CA  1 
ATOM   604  C  C   . LYS A 1 78  ? -14.392 -0.963  -6.495  1.00 17.95 ? 78  LYS A C   1 
ATOM   605  O  O   . LYS A 1 78  ? -15.630 -0.866  -6.220  1.00 19.86 ? 78  LYS A O   1 
ATOM   606  C  CB  . LYS A 1 78  ? -13.884 -3.154  -5.464  1.00 18.24 ? 78  LYS A CB  1 
ATOM   607  C  CG  . LYS A 1 78  ? -13.418 -4.606  -5.505  1.00 24.74 ? 78  LYS A CG  1 
ATOM   608  C  CD  . LYS A 1 78  ? -14.112 -5.389  -6.557  1.00 32.51 ? 78  LYS A CD  1 
ATOM   609  C  CE  . LYS A 1 78  ? -15.656 -5.215  -6.487  1.00 38.21 ? 78  LYS A CE  1 
ATOM   610  N  NZ  . LYS A 1 78  ? -16.455 -6.448  -6.903  1.00 44.42 ? 78  LYS A NZ  1 
ATOM   611  N  N   . LYS A 1 79  ? -13.590 0.105   -6.556  1.00 15.87 ? 79  LYS A N   1 
ATOM   612  C  CA  . LYS A 1 79  ? -14.103 1.471   -6.478  1.00 18.38 ? 79  LYS A CA  1 
ATOM   613  C  C   . LYS A 1 79  ? -14.932 1.640   -5.228  1.00 18.71 ? 79  LYS A C   1 
ATOM   614  O  O   . LYS A 1 79  ? -16.032 2.215   -5.264  1.00 19.14 ? 79  LYS A O   1 
ATOM   615  C  CB  . LYS A 1 79  ? -14.914 1.867   -7.722  1.00 18.98 ? 79  LYS A CB  1 
ATOM   616  C  CG  . LYS A 1 79  ? -14.121 1.844   -9.035  1.00 19.82 ? 79  LYS A CG  1 
ATOM   617  C  CD  . LYS A 1 79  ? -14.917 2.603   -10.195 1.00 23.24 ? 79  LYS A CD  1 
ATOM   618  C  CE  . LYS A 1 79  ? -16.215 1.969   -10.643 1.00 30.97 ? 79  LYS A CE  1 
ATOM   619  N  NZ  . LYS A 1 79  ? -16.752 2.959   -11.720 1.00 25.65 ? 79  LYS A NZ  1 
ATOM   620  N  N   . GLY A 1 80  ? -14.386 1.138   -4.122  1.00 20.15 ? 80  GLY A N   1 
ATOM   621  C  CA  . GLY A 1 80  ? -14.986 1.390   -2.803  1.00 20.45 ? 80  GLY A CA  1 
ATOM   622  C  C   . GLY A 1 80  ? -15.936 0.252   -2.394  1.00 21.04 ? 80  GLY A C   1 
ATOM   623  O  O   . GLY A 1 80  ? -16.295 0.153   -1.225  1.00 22.40 ? 80  GLY A O   1 
ATOM   624  N  N   . HIS A 1 81  ? -16.346 -0.590  -3.327  1.00 20.39 ? 81  HIS A N   1 
ATOM   625  C  CA  . HIS A 1 81  ? -17.277 -1.681  -3.015  1.00 23.30 ? 81  HIS A CA  1 
ATOM   626  C  C   . HIS A 1 81  ? -16.432 -2.908  -2.695  1.00 21.68 ? 81  HIS A C   1 
ATOM   627  O  O   . HIS A 1 81  ? -16.464 -3.942  -3.396  1.00 22.48 ? 81  HIS A O   1 
ATOM   628  C  CB  . HIS A 1 81  ? -18.241 -1.900  -4.180  1.00 26.12 ? 81  HIS A CB  1 
ATOM   629  C  CG  . HIS A 1 81  ? -19.250 -0.801  -4.284  1.00 34.80 ? 81  HIS A CG  1 
ATOM   630  N  ND1 . HIS A 1 81  ? -18.938 0.451   -4.788  1.00 44.06 ? 81  HIS A ND1 1 
ATOM   631  C  CD2 . HIS A 1 81  ? -20.532 -0.723  -3.837  1.00 42.88 ? 81  HIS A CD2 1 
ATOM   632  C  CE1 . HIS A 1 81  ? -19.996 1.239   -4.686  1.00 47.37 ? 81  HIS A CE1 1 
ATOM   633  N  NE2 . HIS A 1 81  ? -20.975 0.552   -4.112  1.00 46.62 ? 81  HIS A NE2 1 
ATOM   634  N  N   . HIS A 1 82  ? -15.664 -2.790  -1.610  1.00 20.83 ? 82  HIS A N   1 
ATOM   635  C  CA  . HIS A 1 82  ? -14.529 -3.723  -1.362  1.00 18.60 ? 82  HIS A CA  1 
ATOM   636  C  C   . HIS A 1 82  ? -14.680 -4.412  0.000   1.00 19.64 ? 82  HIS A C   1 
ATOM   637  O  O   . HIS A 1 82  ? -13.703 -4.886  0.543   1.00 19.40 ? 82  HIS A O   1 
ATOM   638  C  CB  . HIS A 1 82  ? -13.162 -2.982  -1.435  1.00 18.75 ? 82  HIS A CB  1 
ATOM   639  C  CG  . HIS A 1 82  ? -13.120 -1.769  -0.559  1.00 16.63 ? 82  HIS A CG  1 
ATOM   640  N  ND1 . HIS A 1 82  ? -12.512 -0.583  -0.924  1.00 18.87 ? 82  HIS A ND1 1 
ATOM   641  C  CD2 . HIS A 1 82  ? -13.669 -1.535  0.662   1.00 20.37 ? 82  HIS A CD2 1 
ATOM   642  C  CE1 . HIS A 1 82  ? -12.631 0.310   0.039   1.00 21.12 ? 82  HIS A CE1 1 
ATOM   643  N  NE2 . HIS A 1 82  ? -13.334 -0.232  1.020   1.00 19.51 ? 82  HIS A NE2 1 
ATOM   644  N  N   . GLU A 1 83  ? -15.876 -4.426  0.588   1.00 19.66 ? 83  GLU A N   1 
ATOM   645  C  CA  . GLU A 1 83  ? -16.012 -5.033  1.924   1.00 23.29 ? 83  GLU A CA  1 
ATOM   646  C  C   . GLU A 1 83  ? -15.477 -6.464  1.967   1.00 21.13 ? 83  GLU A C   1 
ATOM   647  O  O   . GLU A 1 83  ? -14.717 -6.798  2.875   1.00 21.43 ? 83  GLU A O   1 
ATOM   648  C  CB  . GLU A 1 83  ? -17.478 -4.977  2.364   1.00 24.59 ? 83  GLU A CB  1 
ATOM   649  C  CG  . GLU A 1 83  ? -17.871 -6.027  3.418   1.00 34.68 ? 83  GLU A CG  1 
ATOM   650  C  CD  . GLU A 1 83  ? -17.564 -5.563  4.822   1.00 43.45 ? 83  GLU A CD  1 
ATOM   651  O  OE1 . GLU A 1 83  ? -17.443 -4.321  4.999   1.00 46.87 ? 83  GLU A OE1 1 
ATOM   652  O  OE2 . GLU A 1 83  ? -17.440 -6.419  5.746   1.00 46.66 ? 83  GLU A OE2 1 
ATOM   653  N  N   . ALA A 1 84  ? -15.847 -7.319  1.001   1.00 22.15 ? 84  ALA A N   1 
ATOM   654  C  CA  . ALA A 1 84  ? -15.355 -8.720  1.003   1.00 22.83 ? 84  ALA A CA  1 
ATOM   655  C  C   . ALA A 1 84  ? -13.832 -8.816  0.918   1.00 24.47 ? 84  ALA A C   1 
ATOM   656  O  O   . ALA A 1 84  ? -13.188 -9.664  1.579   1.00 21.99 ? 84  ALA A O   1 
ATOM   657  C  CB  . ALA A 1 84  ? -16.019 -9.534  -0.173  1.00 25.64 ? 84  ALA A CB  1 
ATOM   658  N  N   . GLU A 1 85  ? -13.240 -7.922  0.124   1.00 23.60 ? 85  GLU A N   1 
ATOM   659  C  CA  . GLU A 1 85  ? -11.819 -7.971  -0.106  1.00 24.38 ? 85  GLU A CA  1 
ATOM   660  C  C   . GLU A 1 85  ? -11.066 -7.407  1.089   1.00 23.82 ? 85  GLU A C   1 
ATOM   661  O  O   . GLU A 1 85  ? -9.952  -7.818  1.413   1.00 21.83 ? 85  GLU A O   1 
ATOM   662  C  CB  . GLU A 1 85  ? -11.448 -7.143  -1.342  1.00 25.09 ? 85  GLU A CB  1 
ATOM   663  C  CG  . GLU A 1 85  ? -11.862 -7.734  -2.665  1.00 27.24 ? 85  GLU A CG  1 
ATOM   664  C  CD  . GLU A 1 85  ? -13.313 -7.493  -3.047  1.00 32.97 ? 85  GLU A CD  1 
ATOM   665  O  OE1 . GLU A 1 85  ? -14.075 -6.802  -2.318  1.00 27.72 ? 85  GLU A OE1 1 
ATOM   666  O  OE2 . GLU A 1 85  ? -13.663 -7.974  -4.150  1.00 37.20 ? 85  GLU A OE2 1 
ATOM   667  N  N   . LEU A 1 86  ? -11.687 -6.476  1.804   1.00 23.24 ? 86  LEU A N   1 
ATOM   668  C  CA  . LEU A 1 86  ? -10.959 -5.768  2.848   1.00 23.64 ? 86  LEU A CA  1 
ATOM   669  C  C   . LEU A 1 86  ? -11.070 -6.499  4.179   1.00 23.91 ? 86  LEU A C   1 
ATOM   670  O  O   . LEU A 1 86  ? -10.139 -6.576  4.964   1.00 20.94 ? 86  LEU A O   1 
ATOM   671  C  CB  . LEU A 1 86  ? -11.464 -4.330  2.858   1.00 25.24 ? 86  LEU A CB  1 
ATOM   672  C  CG  . LEU A 1 86  ? -10.726 -3.245  3.579   1.00 30.70 ? 86  LEU A CG  1 
ATOM   673  C  CD1 . LEU A 1 86  ? -11.063 -1.945  2.991   1.00 30.06 ? 86  LEU A CD1 1 
ATOM   674  C  CD2 . LEU A 1 86  ? -11.318 -3.314  4.988   1.00 32.41 ? 86  LEU A CD2 1 
ATOM   675  N  N   . LYS A 1 87  ? -12.223 -7.082  4.432   1.00 23.78 ? 87  LYS A N   1 
ATOM   676  C  CA  . LYS A 1 87  ? -12.423 -7.893  5.650   1.00 24.66 ? 87  LYS A CA  1 
ATOM   677  C  C   . LYS A 1 87  ? -11.266 -8.838  6.088   1.00 22.91 ? 87  LYS A C   1 
ATOM   678  O  O   . LYS A 1 87  ? -10.748 -8.737  7.233   1.00 23.29 ? 87  LYS A O   1 
ATOM   679  C  CB  . LYS A 1 87  ? -13.725 -8.731  5.489   1.00 26.66 ? 87  LYS A CB  1 
ATOM   680  C  CG  . LYS A 1 87  ? -14.183 -9.261  6.820   1.00 31.18 ? 87  LYS A CG  1 
ATOM   681  C  CD  . LYS A 1 87  ? -15.661 -9.608  6.743   1.00 36.83 ? 87  LYS A CD  1 
ATOM   682  C  CE  . LYS A 1 87  ? -16.263 -9.675  8.129   1.00 42.64 ? 87  LYS A CE  1 
ATOM   683  N  NZ  . LYS A 1 87  ? -16.887 -11.017 8.253   1.00 44.29 ? 87  LYS A NZ  1 
ATOM   684  N  N   . PRO A 1 88  ? -10.837 -9.757  5.226   1.00 21.98 ? 88  PRO A N   1 
ATOM   685  C  CA  . PRO A 1 88  ? -9.759  -10.658 5.695   1.00 19.33 ? 88  PRO A CA  1 
ATOM   686  C  C   . PRO A 1 88  ? -8.461  -9.928  5.936   1.00 19.45 ? 88  PRO A C   1 
ATOM   687  O  O   . PRO A 1 88  ? -7.719  -10.371 6.790   1.00 18.86 ? 88  PRO A O   1 
ATOM   688  C  CB  . PRO A 1 88  ? -9.533  -11.614 4.495   1.00 21.77 ? 88  PRO A CB  1 
ATOM   689  C  CG  . PRO A 1 88  ? -10.101 -10.839 3.316   1.00 18.47 ? 88  PRO A CG  1 
ATOM   690  C  CD  . PRO A 1 88  ? -11.237 -10.096 3.830   1.00 21.55 ? 88  PRO A CD  1 
ATOM   691  N  N   . LEU A 1 89  ? -8.204  -8.854  5.176   1.00 17.03 ? 89  LEU A N   1 
ATOM   692  C  CA  . LEU A 1 89  ? -6.972  -8.107  5.388   1.00 16.06 ? 89  LEU A CA  1 
ATOM   693  C  C   . LEU A 1 89  ? -7.044  -7.315  6.687   1.00 15.77 ? 89  LEU A C   1 
ATOM   694  O  O   . LEU A 1 89  ? -6.039  -7.266  7.413   1.00 15.15 ? 89  LEU A O   1 
ATOM   695  C  CB  . LEU A 1 89  ? -6.751  -7.157  4.221   1.00 16.95 ? 89  LEU A CB  1 
ATOM   696  C  CG  . LEU A 1 89  ? -6.399  -7.819  2.881   1.00 16.73 ? 89  LEU A CG  1 
ATOM   697  C  CD1 . LEU A 1 89  ? -6.208  -6.728  1.830   1.00 21.52 ? 89  LEU A CD1 1 
ATOM   698  C  CD2 . LEU A 1 89  ? -5.064  -8.618  2.961   1.00 19.07 ? 89  LEU A CD2 1 
ATOM   699  N  N   . ALA A 1 90  ? -8.191  -6.714  7.010   1.00 15.27 ? 90  ALA A N   1 
ATOM   700  C  CA  . ALA A 1 90  ? -8.337  -6.075  8.342   1.00 16.00 ? 90  ALA A CA  1 
ATOM   701  C  C   . ALA A 1 90  ? -8.103  -7.120  9.388   1.00 16.37 ? 90  ALA A C   1 
ATOM   702  O  O   . ALA A 1 90  ? -7.403  -6.881  10.369  1.00 17.06 ? 90  ALA A O   1 
ATOM   703  C  CB  . ALA A 1 90  ? -9.714  -5.467  8.485   1.00 15.09 ? 90  ALA A CB  1 
ATOM   704  N  N   . GLN A 1 91  ? -8.722  -8.307  9.208   1.00 16.85 ? 91  GLN A N   1 
ATOM   705  C  CA  . GLN A 1 91  ? -8.643  -9.304  10.299  1.00 17.79 ? 91  GLN A CA  1 
ATOM   706  C  C   . GLN A 1 91  ? -7.212  -9.811  10.421  1.00 16.37 ? 91  GLN A C   1 
ATOM   707  O  O   . GLN A 1 91  ? -6.654  -9.904  11.522  1.00 18.17 ? 91  GLN A O   1 
ATOM   708  C  CB  . GLN A 1 91  ? -9.639  -10.486 10.105  1.00 19.23 ? 91  GLN A CB  1 
ATOM   709  C  CG  . GLN A 1 91  ? -11.071 -9.989  10.286  1.00 26.28 ? 91  GLN A CG  1 
ATOM   710  C  CD  . GLN A 1 91  ? -12.132 -10.904 9.709   1.00 37.37 ? 91  GLN A CD  1 
ATOM   711  O  OE1 . GLN A 1 91  ? -11.848 -11.756 8.841   1.00 42.30 ? 91  GLN A OE1 1 
ATOM   712  N  NE2 . GLN A 1 91  ? -13.379 -10.708 10.165  1.00 40.53 ? 91  GLN A NE2 1 
ATOM   713  N  N   . SER A 1 92  ? -6.561  -10.098 9.269   1.00 15.49 ? 92  SER A N   1 
ATOM   714  C  CA  . SER A 1 92  ? -5.183  -10.610 9.411   1.00 14.02 ? 92  SER A CA  1 
ATOM   715  C  C   . SER A 1 92  ? -4.243  -9.564  9.971   1.00 15.38 ? 92  SER A C   1 
ATOM   716  O  O   . SER A 1 92  ? -3.393  -9.834  10.805  1.00 14.82 ? 92  SER A O   1 
ATOM   717  C  CB  . SER A 1 92  ? -4.636  -11.234 8.150   1.00 16.99 ? 92  SER A CB  1 
ATOM   718  O  OG  . SER A 1 92  ? -4.347  -10.235 7.168   1.00 16.83 ? 92  SER A OG  1 
ATOM   719  N  N   . HIS A 1 93  ? -4.407  -8.325  9.528   1.00 14.49 ? 93  HIS A N   1 
ATOM   720  C  CA  . HIS A 1 93  ? -3.484  -7.286  9.976   1.00 15.86 ? 93  HIS A CA  1 
ATOM   721  C  C   . HIS A 1 93  ? -3.687  -6.831  11.419  1.00 15.29 ? 93  HIS A C   1 
ATOM   722  O  O   . HIS A 1 93  ? -2.707  -6.603  12.139  1.00 17.86 ? 93  HIS A O   1 
ATOM   723  C  CB  . HIS A 1 93  ? -3.441  -6.163  8.972   1.00 14.99 ? 93  HIS A CB  1 
ATOM   724  C  CG  . HIS A 1 93  ? -2.704  -6.566  7.714   1.00 15.54 ? 93  HIS A CG  1 
ATOM   725  N  ND1 . HIS A 1 93  ? -3.132  -7.613  6.887   1.00 14.88 ? 93  HIS A ND1 1 
ATOM   726  C  CD2 . HIS A 1 93  ? -1.584  -6.063  7.152   1.00 14.66 ? 93  HIS A CD2 1 
ATOM   727  C  CE1 . HIS A 1 93  ? -2.280  -7.736  5.875   1.00 14.25 ? 93  HIS A CE1 1 
ATOM   728  N  NE2 . HIS A 1 93  ? -1.345  -6.796  5.995   1.00 12.77 ? 93  HIS A NE2 1 
ATOM   729  N  N   . ALA A 1 94  ? -4.917  -6.833  11.886  1.00 15.45 ? 94  ALA A N   1 
ATOM   730  C  CA  . ALA A 1 94  ? -5.166  -6.560  13.295  1.00 17.15 ? 94  ALA A CA  1 
ATOM   731  C  C   . ALA A 1 94  ? -4.799  -7.789  14.176  1.00 20.61 ? 94  ALA A C   1 
ATOM   732  O  O   . ALA A 1 94  ? -4.132  -7.618  15.211  1.00 22.90 ? 94  ALA A O   1 
ATOM   733  C  CB  . ALA A 1 94  ? -6.630  -6.216  13.502  1.00 15.04 ? 94  ALA A CB  1 
ATOM   734  N  N   . THR A 1 95  ? -5.246  -8.983  13.792  1.00 21.51 ? 95  THR A N   1 
ATOM   735  C  CA  . THR A 1 95  ? -5.282  -10.107 14.771  1.00 23.88 ? 95  THR A CA  1 
ATOM   736  C  C   . THR A 1 95  ? -4.014  -10.909 14.680  1.00 23.89 ? 95  THR A C   1 
ATOM   737  O  O   . THR A 1 95  ? -3.473  -11.337 15.702  1.00 24.75 ? 95  THR A O   1 
ATOM   738  C  CB  . THR A 1 95  ? -6.566  -11.034 14.603  1.00 25.60 ? 95  THR A CB  1 
ATOM   739  O  OG1 . THR A 1 95  ? -7.772  -10.221 14.642  1.00 28.97 ? 95  THR A OG1 1 
ATOM   740  C  CG2 . THR A 1 95  ? -6.642  -12.134 15.747  1.00 31.69 ? 95  THR A CG2 1 
ATOM   741  N  N   . LYS A 1 96  ? -3.546  -11.157 13.460  1.00 22.34 ? 96  LYS A N   1 
ATOM   742  C  CA  . LYS A 1 96  ? -2.326  -11.943 13.282  1.00 22.64 ? 96  LYS A CA  1 
ATOM   743  C  C   . LYS A 1 96  ? -1.080  -11.093 13.217  1.00 21.76 ? 96  LYS A C   1 
ATOM   744  O  O   . LYS A 1 96  ? -0.153  -11.306 14.018  1.00 25.03 ? 96  LYS A O   1 
ATOM   745  C  CB  . LYS A 1 96  ? -2.443  -12.876 12.056  1.00 22.26 ? 96  LYS A CB  1 
ATOM   746  C  CG  . LYS A 1 96  ? -1.272  -13.869 11.933  1.00 27.36 ? 96  LYS A CG  1 
ATOM   747  C  CD  . LYS A 1 96  ? -1.340  -14.769 10.689  1.00 35.24 ? 96  LYS A CD  1 
ATOM   748  C  CE  . LYS A 1 96  ? 0.057   -15.420 10.456  1.00 36.00 ? 96  LYS A CE  1 
ATOM   749  N  NZ  . LYS A 1 96  ? 0.629   -16.154 11.697  1.00 40.03 ? 96  LYS A NZ  1 
ATOM   750  N  N   . HIS A 1 97  ? -1.046  -10.075 12.334  1.00 21.56 ? 97  HIS A N   1 
ATOM   751  C  CA  . HIS A 1 97  ? 0.170   -9.355  12.119  1.00 19.16 ? 97  HIS A CA  1 
ATOM   752  C  C   . HIS A 1 97  ? 0.353   -8.230  13.124  1.00 19.61 ? 97  HIS A C   1 
ATOM   753  O  O   . HIS A 1 97  ? 1.455   -7.802  13.300  1.00 19.70 ? 97  HIS A O   1 
ATOM   754  C  CB  . HIS A 1 97  ? 0.272   -8.818  10.666  1.00 20.46 ? 97  HIS A CB  1 
ATOM   755  C  CG  . HIS A 1 97  ? -0.018  -9.857  9.648   1.00 19.81 ? 97  HIS A CG  1 
ATOM   756  N  ND1 . HIS A 1 97  ? 0.532   -11.130 9.689   1.00 21.71 ? 97  HIS A ND1 1 
ATOM   757  C  CD2 . HIS A 1 97  ? -0.811  -9.822  8.555   1.00 17.19 ? 97  HIS A CD2 1 
ATOM   758  C  CE1 . HIS A 1 97  ? 0.069   -11.825 8.671   1.00 20.94 ? 97  HIS A CE1 1 
ATOM   759  N  NE2 . HIS A 1 97  ? -0.740  -11.051 7.965   1.00 20.73 ? 97  HIS A NE2 1 
ATOM   760  N  N   . LYS A 1 98  ? -0.728  -7.814  13.817  1.00 18.40 ? 98  LYS A N   1 
ATOM   761  C  CA  . LYS A 1 98  ? -0.684  -6.715  14.785  1.00 20.45 ? 98  LYS A CA  1 
ATOM   762  C  C   . LYS A 1 98  ? -0.126  -5.420  14.188  1.00 19.37 ? 98  LYS A C   1 
ATOM   763  O  O   . LYS A 1 98  ? 0.796   -4.784  14.712  1.00 18.12 ? 98  LYS A O   1 
ATOM   764  C  CB  . LYS A 1 98  ? 0.115   -7.154  16.028  1.00 21.70 ? 98  LYS A CB  1 
ATOM   765  C  CG  . LYS A 1 98  ? -0.320  -8.520  16.516  1.00 28.61 ? 98  LYS A CG  1 
ATOM   766  C  CD  . LYS A 1 98  ? -1.424  -8.452  17.546  1.00 38.07 ? 98  LYS A CD  1 
ATOM   767  C  CE  . LYS A 1 98  ? -1.194  -9.554  18.587  1.00 41.84 ? 98  LYS A CE  1 
ATOM   768  N  NZ  . LYS A 1 98  ? -1.568  -10.916 18.078  1.00 39.74 ? 98  LYS A NZ  1 
ATOM   769  N  N   . ILE A 1 99  ? -0.708  -5.003  13.094  1.00 18.99 ? 99  ILE A N   1 
ATOM   770  C  CA  . ILE A 1 99  ? -0.230  -3.828  12.388  1.00 17.28 ? 99  ILE A CA  1 
ATOM   771  C  C   . ILE A 1 99  ? -1.047  -2.583  12.788  1.00 16.86 ? 99  ILE A C   1 
ATOM   772  O  O   . ILE A 1 99  ? -2.208  -2.483  12.426  1.00 18.75 ? 99  ILE A O   1 
ATOM   773  C  CB  . ILE A 1 99  ? -0.303  -4.032  10.840  1.00 17.21 ? 99  ILE A CB  1 
ATOM   774  C  CG1 . ILE A 1 99  ? 0.409   -5.330  10.405  1.00 17.56 ? 99  ILE A CG1 1 
ATOM   775  C  CG2 . ILE A 1 99  ? 0.262   -2.740  10.147  1.00 17.64 ? 99  ILE A CG2 1 
ATOM   776  C  CD1 . ILE A 1 99  ? 1.905   -5.502  10.862  1.00 16.27 ? 99  ILE A CD1 1 
ATOM   777  N  N   . PRO A 1 100 ? -0.468  -1.646  13.550  1.00 18.29 ? 100 PRO A N   1 
ATOM   778  C  CA  . PRO A 1 100 ? -1.253  -0.454  13.905  1.00 18.74 ? 100 PRO A CA  1 
ATOM   779  C  C   . PRO A 1 100 ? -1.698  0.309   12.641  1.00 18.64 ? 100 PRO A C   1 
ATOM   780  O  O   . PRO A 1 100 ? -0.998  0.263   11.587  1.00 18.02 ? 100 PRO A O   1 
ATOM   781  C  CB  . PRO A 1 100 ? -0.268  0.415   14.695  1.00 20.61 ? 100 PRO A CB  1 
ATOM   782  C  CG  . PRO A 1 100 ? 0.867   -0.469  15.065  1.00 21.41 ? 100 PRO A CG  1 
ATOM   783  C  CD  . PRO A 1 100 ? 0.919   -1.558  14.020  1.00 18.75 ? 100 PRO A CD  1 
ATOM   784  N  N   . ILE A 1 101 ? -2.850  0.957   12.708  1.00 17.32 ? 101 ILE A N   1 
ATOM   785  C  CA  . ILE A 1 101 ? -3.349  1.682   11.545  1.00 18.56 ? 101 ILE A CA  1 
ATOM   786  C  C   . ILE A 1 101 ? -2.347  2.739   11.071  1.00 18.29 ? 101 ILE A C   1 
ATOM   787  O  O   . ILE A 1 101 ? -2.298  3.063   9.903   1.00 18.27 ? 101 ILE A O   1 
ATOM   788  C  CB  . ILE A 1 101 ? -4.751  2.288   11.847  1.00 19.11 ? 101 ILE A CB  1 
ATOM   789  C  CG1 . ILE A 1 101 ? -5.456  2.723   10.589  1.00 20.79 ? 101 ILE A CG1 1 
ATOM   790  C  CG2 . ILE A 1 101 ? -4.714  3.496   12.795  1.00 23.76 ? 101 ILE A CG2 1 
ATOM   791  C  CD1 . ILE A 1 101 ? -6.208  1.466   10.000  1.00 26.11 ? 101 ILE A CD1 1 
ATOM   792  N  N   . LYS A 1 102 ? -1.572  3.283   12.010  1.00 17.43 ? 102 LYS A N   1 
ATOM   793  C  CA  . LYS A 1 102 ? -0.551  4.274   11.658  1.00 17.96 ? 102 LYS A CA  1 
ATOM   794  C  C   . LYS A 1 102 ? 0.388   3.735   10.542  1.00 17.86 ? 102 LYS A C   1 
ATOM   795  O  O   . LYS A 1 102 ? 0.845   4.490   9.700   1.00 16.62 ? 102 LYS A O   1 
ATOM   796  C  CB  . LYS A 1 102 ? 0.301   4.525   12.904  1.00 17.69 ? 102 LYS A CB  1 
ATOM   797  C  CG  . LYS A 1 102 ? 1.357   5.609   12.761  1.00 28.40 ? 102 LYS A CG  1 
ATOM   798  C  CD  . LYS A 1 102 ? 0.662   6.923   12.540  1.00 35.65 ? 102 LYS A CD  1 
ATOM   799  C  CE  . LYS A 1 102 ? 1.627   8.109   12.664  1.00 39.21 ? 102 LYS A CE  1 
ATOM   800  N  NZ  . LYS A 1 102 ? 0.894   9.367   12.430  1.00 36.37 ? 102 LYS A NZ  1 
ATOM   801  N  N   . TYR A 1 103 ? 0.690   2.444   10.584  1.00 17.19 ? 103 TYR A N   1 
ATOM   802  C  CA  . TYR A 1 103 ? 1.614   1.858   9.596   1.00 17.08 ? 103 TYR A CA  1 
ATOM   803  C  C   . TYR A 1 103 ? 0.931   1.785   8.238   1.00 16.49 ? 103 TYR A C   1 
ATOM   804  O  O   . TYR A 1 103 ? 1.603   1.798   7.204   1.00 15.35 ? 103 TYR A O   1 
ATOM   805  C  CB  . TYR A 1 103 ? 2.024   0.473   9.970   1.00 17.12 ? 103 TYR A CB  1 
ATOM   806  C  CG  . TYR A 1 103 ? 2.905   0.368   11.187  1.00 17.88 ? 103 TYR A CG  1 
ATOM   807  C  CD1 . TYR A 1 103 ? 3.171   1.476   11.977  1.00 23.93 ? 103 TYR A CD1 1 
ATOM   808  C  CD2 . TYR A 1 103 ? 3.448   -0.879  11.532  1.00 18.00 ? 103 TYR A CD2 1 
ATOM   809  C  CE1 . TYR A 1 103 ? 3.988   1.336   13.148  1.00 23.48 ? 103 TYR A CE1 1 
ATOM   810  C  CE2 . TYR A 1 103 ? 4.226   -1.039  12.644  1.00 23.65 ? 103 TYR A CE2 1 
ATOM   811  C  CZ  . TYR A 1 103 ? 4.498   0.069   13.436  1.00 24.08 ? 103 TYR A CZ  1 
ATOM   812  O  OH  . TYR A 1 103 ? 5.289   -0.173  14.551  1.00 32.66 ? 103 TYR A OH  1 
ATOM   813  N  N   . LEU A 1 104 ? -0.416  1.598   8.243   1.00 15.15 ? 104 LEU A N   1 
ATOM   814  C  CA  . LEU A 1 104 ? -1.132  1.762   6.984   1.00 16.51 ? 104 LEU A CA  1 
ATOM   815  C  C   . LEU A 1 104 ? -1.076  3.184   6.414   1.00 15.66 ? 104 LEU A C   1 
ATOM   816  O  O   . LEU A 1 104 ? -0.980  3.353   5.202   1.00 14.99 ? 104 LEU A O   1 
ATOM   817  C  CB  . LEU A 1 104 ? -2.583  1.261   7.107   1.00 14.93 ? 104 LEU A CB  1 
ATOM   818  C  CG  . LEU A 1 104 ? -2.647  -0.261  6.887   1.00 22.92 ? 104 LEU A CG  1 
ATOM   819  C  CD1 . LEU A 1 104 ? -2.255  -0.965  8.079   1.00 23.70 ? 104 LEU A CD1 1 
ATOM   820  C  CD2 . LEU A 1 104 ? -4.200  -0.513  6.581   1.00 25.17 ? 104 LEU A CD2 1 
ATOM   821  N  N   . GLU A 1 105 ? -1.056  4.216   7.254   1.00 15.89 ? 105 GLU A N   1 
ATOM   822  C  CA  . GLU A 1 105 ? -0.845  5.568   6.821   1.00 16.18 ? 105 GLU A CA  1 
ATOM   823  C  C   . GLU A 1 105 ? 0.588   5.644   6.233   1.00 15.01 ? 105 GLU A C   1 
ATOM   824  O  O   . GLU A 1 105 ? 0.782   6.197   5.153   1.00 15.07 ? 105 GLU A O   1 
ATOM   825  C  CB  . GLU A 1 105 ? -1.003  6.507   8.014   1.00 16.36 ? 105 GLU A CB  1 
ATOM   826  C  CG  . GLU A 1 105 ? -0.724  7.982   7.632   1.00 19.07 ? 105 GLU A CG  1 
ATOM   827  C  CD  . GLU A 1 105 ? -0.671  8.884   8.888   1.00 23.72 ? 105 GLU A CD  1 
ATOM   828  O  OE1 . GLU A 1 105 ? -0.805  8.423   10.062  1.00 27.34 ? 105 GLU A OE1 1 
ATOM   829  O  OE2 . GLU A 1 105 ? -0.412  10.057  8.695   1.00 31.17 ? 105 GLU A OE2 1 
ATOM   830  N  N   . PHE A 1 106 ? 1.549   4.999   6.889   1.00 15.51 ? 106 PHE A N   1 
ATOM   831  C  CA  . PHE A 1 106 ? 2.931   5.059   6.387   1.00 15.22 ? 106 PHE A CA  1 
ATOM   832  C  C   . PHE A 1 106 ? 2.979   4.443   4.985   1.00 17.03 ? 106 PHE A C   1 
ATOM   833  O  O   . PHE A 1 106 ? 3.617   4.973   4.104   1.00 15.53 ? 106 PHE A O   1 
ATOM   834  C  CB  . PHE A 1 106 ? 3.903   4.339   7.263   1.00 14.42 ? 106 PHE A CB  1 
ATOM   835  C  CG  . PHE A 1 106 ? 4.072   4.896   8.657   1.00 17.31 ? 106 PHE A CG  1 
ATOM   836  C  CD1 . PHE A 1 106 ? 3.836   6.264   8.912   1.00 22.09 ? 106 PHE A CD1 1 
ATOM   837  C  CD2 . PHE A 1 106 ? 4.577   4.048   9.660   1.00 23.63 ? 106 PHE A CD2 1 
ATOM   838  C  CE1 . PHE A 1 106 ? 4.093   6.771   10.206  1.00 28.72 ? 106 PHE A CE1 1 
ATOM   839  C  CE2 . PHE A 1 106 ? 4.825   4.548   10.976  1.00 23.33 ? 106 PHE A CE2 1 
ATOM   840  C  CZ  . PHE A 1 106 ? 4.594   5.909   11.213  1.00 22.10 ? 106 PHE A CZ  1 
ATOM   841  N  N   . ILE A 1 107 ? 2.352   3.291   4.788   1.00 13.63 ? 107 ILE A N   1 
ATOM   842  C  CA  . ILE A 1 107 ? 2.522   2.617   3.457   1.00 14.68 ? 107 ILE A CA  1 
ATOM   843  C  C   . ILE A 1 107 ? 1.748   3.422   2.395   1.00 13.49 ? 107 ILE A C   1 
ATOM   844  O  O   . ILE A 1 107 ? 2.190   3.449   1.257   1.00 13.64 ? 107 ILE A O   1 
ATOM   845  C  CB  . ILE A 1 107 ? 2.138   1.113   3.508   1.00 14.92 ? 107 ILE A CB  1 
ATOM   846  C  CG1 . ILE A 1 107 ? 2.857   0.310   2.371   1.00 14.42 ? 107 ILE A CG1 1 
ATOM   847  C  CG2 . ILE A 1 107 ? 0.704   0.952   3.469   1.00 15.07 ? 107 ILE A CG2 1 
ATOM   848  C  CD1 . ILE A 1 107 ? 2.681   -1.206  2.431   1.00 14.94 ? 107 ILE A CD1 1 
ATOM   849  N  N   . SER A 1 108 ? 0.646   4.100   2.753   1.00 14.65 ? 108 SER A N   1 
ATOM   850  C  CA  A SER A 1 108 ? -0.074  4.977   1.821   0.50 15.29 ? 108 SER A CA  1 
ATOM   851  C  CA  B SER A 1 108 ? -0.072  5.003   1.841   0.50 14.91 ? 108 SER A CA  1 
ATOM   852  C  C   . SER A 1 108 ? 0.861   6.131   1.387   1.00 15.74 ? 108 SER A C   1 
ATOM   853  O  O   . SER A 1 108 ? 1.000   6.436   0.214   1.00 14.93 ? 108 SER A O   1 
ATOM   854  C  CB  A SER A 1 108 ? -1.374  5.518   2.475   0.50 16.07 ? 108 SER A CB  1 
ATOM   855  C  CB  B SER A 1 108 ? -1.286  5.651   2.542   0.50 15.49 ? 108 SER A CB  1 
ATOM   856  O  OG  A SER A 1 108 ? -2.142  4.434   3.005   0.50 17.42 ? 108 SER A OG  1 
ATOM   857  O  OG  B SER A 1 108 ? -1.925  6.489   1.613   0.50 14.71 ? 108 SER A OG  1 
ATOM   858  N  N   . ASP A 1 109 ? 1.552   6.754   2.352   1.00 15.94 ? 109 ASP A N   1 
ATOM   859  C  CA  . ASP A 1 109 ? 2.507   7.829   2.038   1.00 17.47 ? 109 ASP A CA  1 
ATOM   860  C  C   . ASP A 1 109 ? 3.634   7.292   1.145   1.00 14.86 ? 109 ASP A C   1 
ATOM   861  O  O   . ASP A 1 109 ? 4.024   7.944   0.174   1.00 17.07 ? 109 ASP A O   1 
ATOM   862  C  CB  . ASP A 1 109 ? 3.138   8.452   3.315   1.00 19.15 ? 109 ASP A CB  1 
ATOM   863  C  CG  . ASP A 1 109 ? 2.125   9.138   4.238   1.00 24.63 ? 109 ASP A CG  1 
ATOM   864  O  OD1 . ASP A 1 109 ? 1.064   9.546   3.792   1.00 25.84 ? 109 ASP A OD1 1 
ATOM   865  O  OD2 . ASP A 1 109 ? 2.448   9.289   5.454   1.00 32.13 ? 109 ASP A OD2 1 
ATOM   866  N  N   . ALA A 1 110 ? 4.093   6.064   1.426   1.00 14.88 ? 110 ALA A N   1 
ATOM   867  C  CA  . ALA A 1 110 ? 5.132   5.445   0.608   1.00 13.61 ? 110 ALA A CA  1 
ATOM   868  C  C   . ALA A 1 110 ? 4.653   5.215   -0.846  1.00 14.53 ? 110 ALA A C   1 
ATOM   869  O  O   . ALA A 1 110 ? 5.439   5.374   -1.770  1.00 15.07 ? 110 ALA A O   1 
ATOM   870  C  CB  . ALA A 1 110 ? 5.623   4.124   1.236   1.00 15.04 ? 110 ALA A CB  1 
ATOM   871  N  N   . ILE A 1 111 ? 3.425   4.737   -1.051  1.00 15.26 ? 111 ILE A N   1 
ATOM   872  C  CA  . ILE A 1 111 ? 2.879   4.604   -2.419  1.00 13.32 ? 111 ILE A CA  1 
ATOM   873  C  C   . ILE A 1 111 ? 2.891   5.963   -3.166  1.00 15.73 ? 111 ILE A C   1 
ATOM   874  O  O   . ILE A 1 111 ? 3.355   6.035   -4.323  1.00 14.90 ? 111 ILE A O   1 
ATOM   875  C  CB  . ILE A 1 111 ? 1.466   4.016   -2.349  1.00 12.95 ? 111 ILE A CB  1 
ATOM   876  C  CG1 . ILE A 1 111 ? 1.600   2.564   -1.817  1.00 13.65 ? 111 ILE A CG1 1 
ATOM   877  C  CG2 . ILE A 1 111 ? 0.733   4.170   -3.687  1.00 17.00 ? 111 ILE A CG2 1 
ATOM   878  C  CD1 . ILE A 1 111 ? 0.206   1.936   -1.380  1.00 14.00 ? 111 ILE A CD1 1 
ATOM   879  N  N   . ILE A 1 112 ? 2.445   7.034   -2.480  1.00 14.75 ? 112 ILE A N   1 
ATOM   880  C  CA  . ILE A 1 112 ? 2.435   8.349   -3.163  1.00 15.17 ? 112 ILE A CA  1 
ATOM   881  C  C   . ILE A 1 112 ? 3.869   8.751   -3.482  1.00 15.40 ? 112 ILE A C   1 
ATOM   882  O  O   . ILE A 1 112 ? 4.130   9.237   -4.587  1.00 15.71 ? 112 ILE A O   1 
ATOM   883  C  CB  . ILE A 1 112 ? 1.753   9.403   -2.265  1.00 14.40 ? 112 ILE A CB  1 
ATOM   884  C  CG1 . ILE A 1 112 ? 0.227   9.050   -2.025  1.00 16.68 ? 112 ILE A CG1 1 
ATOM   885  C  CG2 . ILE A 1 112 ? 1.980   10.814  -2.806  1.00 17.19 ? 112 ILE A CG2 1 
ATOM   886  C  CD1 . ILE A 1 112 ? -0.643  9.005   -3.278  1.00 10.63 ? 112 ILE A CD1 1 
ATOM   887  N  N   . HIS A 1 113 ? 4.783   8.503   -2.569  1.00 14.04 ? 113 HIS A N   1 
ATOM   888  C  CA  . HIS A 1 113 ? 6.174   8.880   -2.784  1.00 15.65 ? 113 HIS A CA  1 
ATOM   889  C  C   . HIS A 1 113 ? 6.777   8.107   -4.002  1.00 14.67 ? 113 HIS A C   1 
ATOM   890  O  O   . HIS A 1 113 ? 7.445   8.718   -4.879  1.00 16.47 ? 113 HIS A O   1 
ATOM   891  C  CB  . HIS A 1 113 ? 6.994   8.547   -1.559  1.00 17.51 ? 113 HIS A CB  1 
ATOM   892  C  CG  . HIS A 1 113 ? 8.446   8.851   -1.741  1.00 25.16 ? 113 HIS A CG  1 
ATOM   893  N  ND1 . HIS A 1 113 ? 8.954   10.127  -1.640  1.00 30.98 ? 113 HIS A ND1 1 
ATOM   894  C  CD2 . HIS A 1 113 ? 9.495   8.039   -2.044  1.00 28.34 ? 113 HIS A CD2 1 
ATOM   895  C  CE1 . HIS A 1 113 ? 10.259  10.093  -1.856  1.00 35.97 ? 113 HIS A CE1 1 
ATOM   896  N  NE2 . HIS A 1 113 ? 10.615  8.838   -2.085  1.00 36.66 ? 113 HIS A NE2 1 
ATOM   897  N  N   . VAL A 1 114 ? 6.559   6.789   -4.011  1.00 13.25 ? 114 VAL A N   1 
ATOM   898  C  CA  . VAL A 1 114 ? 7.083   5.943   -5.078  1.00 13.43 ? 114 VAL A CA  1 
ATOM   899  C  C   . VAL A 1 114 ? 6.518   6.339   -6.445  1.00 14.32 ? 114 VAL A C   1 
ATOM   900  O  O   . VAL A 1 114 ? 7.243   6.318   -7.455  1.00 14.98 ? 114 VAL A O   1 
ATOM   901  C  CB  . VAL A 1 114 ? 6.836   4.448   -4.742  1.00 14.95 ? 114 VAL A CB  1 
ATOM   902  C  CG1 . VAL A 1 114 ? 7.167   3.576   -6.051  1.00 14.31 ? 114 VAL A CG1 1 
ATOM   903  C  CG2 . VAL A 1 114 ? 7.702   4.015   -3.609  1.00 16.38 ? 114 VAL A CG2 1 
ATOM   904  N  N   . LEU A 1 115 ? 5.201   6.629   -6.499  1.00 14.35 ? 115 LEU A N   1 
ATOM   905  C  CA  . LEU A 1 115 ? 4.615   7.095   -7.753  1.00 14.56 ? 115 LEU A CA  1 
ATOM   906  C  C   . LEU A 1 115 ? 5.348   8.338   -8.275  1.00 14.39 ? 115 LEU A C   1 
ATOM   907  O  O   . LEU A 1 115 ? 5.660   8.407   -9.417  1.00 14.73 ? 115 LEU A O   1 
ATOM   908  C  CB  . LEU A 1 115 ? 3.122   7.361   -7.585  1.00 14.18 ? 115 LEU A CB  1 
ATOM   909  C  CG  . LEU A 1 115 ? 2.290   6.075   -7.485  1.00 14.73 ? 115 LEU A CG  1 
ATOM   910  C  CD1 . LEU A 1 115 ? 0.847   6.340   -7.053  1.00 16.41 ? 115 LEU A CD1 1 
ATOM   911  C  CD2 . LEU A 1 115 ? 2.338   5.316   -8.802  1.00 20.39 ? 115 LEU A CD2 1 
ATOM   912  N  N   . HIS A 1 116 ? 5.563   9.351   -7.424  1.00 13.44 ? 116 HIS A N   1 
ATOM   913  C  CA  . HIS A 1 116 ? 6.317   10.489  -7.853  1.00 14.53 ? 116 HIS A CA  1 
ATOM   914  C  C   . HIS A 1 116 ? 7.741   10.163  -8.266  1.00 15.90 ? 116 HIS A C   1 
ATOM   915  O  O   . HIS A 1 116 ? 8.233   10.705  -9.256  1.00 17.37 ? 116 HIS A O   1 
ATOM   916  C  CB  . HIS A 1 116 ? 6.295   11.570  -6.740  1.00 12.65 ? 116 HIS A CB  1 
ATOM   917  C  CG  . HIS A 1 116 ? 5.051   12.417  -6.745  1.00 14.96 ? 116 HIS A CG  1 
ATOM   918  N  ND1 . HIS A 1 116 ? 4.611   13.113  -7.858  1.00 14.46 ? 116 HIS A ND1 1 
ATOM   919  C  CD2 . HIS A 1 116 ? 4.144   12.674  -5.768  1.00 16.31 ? 116 HIS A CD2 1 
ATOM   920  C  CE1 . HIS A 1 116 ? 3.497   13.745  -7.563  1.00 17.25 ? 116 HIS A CE1 1 
ATOM   921  N  NE2 . HIS A 1 116 ? 3.212   13.515  -6.309  1.00 15.12 ? 116 HIS A NE2 1 
ATOM   922  N  N   . SER A 1 117 ? 8.380   9.292   -7.499  1.00 14.83 ? 117 SER A N   1 
ATOM   923  C  CA  . SER A 1 117 ? 9.779   9.001   -7.729  1.00 16.71 ? 117 SER A CA  1 
ATOM   924  C  C   . SER A 1 117 ? 9.944   8.254   -9.063  1.00 17.17 ? 117 SER A C   1 
ATOM   925  O  O   . SER A 1 117 ? 10.929  8.482   -9.795  1.00 16.14 ? 117 SER A O   1 
ATOM   926  C  CB  . SER A 1 117 ? 10.313  8.190   -6.544  1.00 18.24 ? 117 SER A CB  1 
ATOM   927  O  OG  . SER A 1 117 ? 11.657  7.825   -6.850  1.00 24.24 ? 117 SER A OG  1 
ATOM   928  N  N   . LYS A 1 118 ? 9.023   7.319   -9.338  1.00 17.77 ? 118 LYS A N   1 
ATOM   929  C  CA  . LYS A 1 118 ? 9.136   6.505   -10.575 1.00 15.67 ? 118 LYS A CA  1 
ATOM   930  C  C   . LYS A 1 118 ? 8.552   7.221   -11.777 1.00 14.37 ? 118 LYS A C   1 
ATOM   931  O  O   . LYS A 1 118 ? 8.860   6.851   -12.915 1.00 17.43 ? 118 LYS A O   1 
ATOM   932  C  CB  . LYS A 1 118 ? 8.445   5.143   -10.389 1.00 16.03 ? 118 LYS A CB  1 
ATOM   933  C  CG  . LYS A 1 118 ? 9.232   4.229   -9.448  1.00 17.94 ? 118 LYS A CG  1 
ATOM   934  C  CD  . LYS A 1 118 ? 8.588   2.847   -9.213  1.00 24.27 ? 118 LYS A CD  1 
ATOM   935  C  CE  . LYS A 1 118 ? 8.991   1.853   -10.323 1.00 29.07 ? 118 LYS A CE  1 
ATOM   936  N  NZ  . LYS A 1 118 ? 10.509  1.921   -10.571 1.00 28.24 ? 118 LYS A NZ  1 
ATOM   937  N  N   . HIS A 1 119 ? 7.652   8.170   -11.563 1.00 14.78 ? 119 HIS A N   1 
ATOM   938  C  CA  . HIS A 1 119 ? 6.935   8.847   -12.650 1.00 17.32 ? 119 HIS A CA  1 
ATOM   939  C  C   . HIS A 1 119 ? 6.957   10.387  -12.447 1.00 17.00 ? 119 HIS A C   1 
ATOM   940  O  O   . HIS A 1 119 ? 5.910   11.019  -12.435 1.00 18.42 ? 119 HIS A O   1 
ATOM   941  C  CB  . HIS A 1 119 ? 5.515   8.317   -12.743 1.00 17.13 ? 119 HIS A CB  1 
ATOM   942  C  CG  . HIS A 1 119 ? 5.457   6.825   -12.701 1.00 20.14 ? 119 HIS A CG  1 
ATOM   943  N  ND1 . HIS A 1 119 ? 5.663   6.033   -13.829 1.00 17.50 ? 119 HIS A ND1 1 
ATOM   944  C  CD2 . HIS A 1 119 ? 5.210   5.980   -11.677 1.00 17.97 ? 119 HIS A CD2 1 
ATOM   945  C  CE1 . HIS A 1 119 ? 5.577   4.761   -13.466 1.00 19.52 ? 119 HIS A CE1 1 
ATOM   946  N  NE2 . HIS A 1 119 ? 5.299   4.706   -12.170 1.00 19.15 ? 119 HIS A NE2 1 
ATOM   947  N  N   . PRO A 1 120 ? 8.172   10.962  -12.275 1.00 17.99 ? 120 PRO A N   1 
ATOM   948  C  CA  . PRO A 1 120 ? 8.211   12.396  -11.929 1.00 18.06 ? 120 PRO A CA  1 
ATOM   949  C  C   . PRO A 1 120 ? 7.606   13.223  -13.036 1.00 19.37 ? 120 PRO A C   1 
ATOM   950  O  O   . PRO A 1 120 ? 7.965   13.038  -14.214 1.00 17.92 ? 120 PRO A O   1 
ATOM   951  C  CB  . PRO A 1 120 ? 9.712   12.684  -11.713 1.00 18.01 ? 120 PRO A CB  1 
ATOM   952  C  CG  . PRO A 1 120 ? 10.407  11.657  -12.687 1.00 17.52 ? 120 PRO A CG  1 
ATOM   953  C  CD  . PRO A 1 120 ? 9.516   10.378  -12.520 1.00 18.05 ? 120 PRO A CD  1 
ATOM   954  N  N   . GLY A 1 121 ? 6.680   14.102  -12.685 1.00 17.83 ? 121 GLY A N   1 
ATOM   955  C  CA  . GLY A 1 121 ? 6.044   14.959  -13.695 1.00 21.43 ? 121 GLY A CA  1 
ATOM   956  C  C   . GLY A 1 121 ? 4.956   14.245  -14.427 1.00 21.98 ? 121 GLY A C   1 
ATOM   957  O  O   . GLY A 1 121 ? 4.285   14.833  -15.302 1.00 22.19 ? 121 GLY A O   1 
ATOM   958  N  N   . ASP A 1 122 ? 4.745   12.960  -14.113 1.00 21.73 ? 122 ASP A N   1 
ATOM   959  C  CA  . ASP A 1 122 ? 3.710   12.193  -14.806 1.00 22.65 ? 122 ASP A CA  1 
ATOM   960  C  C   . ASP A 1 122 ? 2.648   11.771  -13.811 1.00 22.59 ? 122 ASP A C   1 
ATOM   961  O  O   . ASP A 1 122 ? 1.740   11.037  -14.165 1.00 25.61 ? 122 ASP A O   1 
ATOM   962  C  CB  . ASP A 1 122 ? 4.325   10.926  -15.434 1.00 24.89 ? 122 ASP A CB  1 
ATOM   963  C  CG  . ASP A 1 122 ? 3.408   10.286  -16.440 1.00 32.34 ? 122 ASP A CG  1 
ATOM   964  O  OD1 . ASP A 1 122 ? 2.655   11.036  -17.118 1.00 40.22 ? 122 ASP A OD1 1 
ATOM   965  O  OD2 . ASP A 1 122 ? 3.444   9.043   -16.567 1.00 35.97 ? 122 ASP A OD2 1 
ATOM   966  N  N   . PHE A 1 123 ? 2.678   12.335  -12.595 1.00 19.57 ? 123 PHE A N   1 
ATOM   967  C  CA  . PHE A 1 123 ? 1.645   11.953  -11.573 1.00 18.93 ? 123 PHE A CA  1 
ATOM   968  C  C   . PHE A 1 123 ? 1.127   13.322  -11.143 1.00 18.75 ? 123 PHE A C   1 
ATOM   969  O  O   . PHE A 1 123 ? 1.619   13.946  -10.167 1.00 18.99 ? 123 PHE A O   1 
ATOM   970  C  CB  . PHE A 1 123 ? 2.329   11.182  -10.449 1.00 18.33 ? 123 PHE A CB  1 
ATOM   971  C  CG  . PHE A 1 123 ? 1.424   10.721  -9.323  1.00 15.86 ? 123 PHE A CG  1 
ATOM   972  C  CD1 . PHE A 1 123 ? 0.136   10.270  -9.559  1.00 16.06 ? 123 PHE A CD1 1 
ATOM   973  C  CD2 . PHE A 1 123 ? 1.907   10.777  -7.979  1.00 15.55 ? 123 PHE A CD2 1 
ATOM   974  C  CE1 . PHE A 1 123 ? -0.678  9.815   -8.515  1.00 15.68 ? 123 PHE A CE1 1 
ATOM   975  C  CE2 . PHE A 1 123 ? 1.119   10.298  -6.924  1.00 15.26 ? 123 PHE A CE2 1 
ATOM   976  C  CZ  . PHE A 1 123 ? -0.189  9.830   -7.199  1.00 17.55 ? 123 PHE A CZ  1 
ATOM   977  N  N   . GLY A 1 124 ? 0.106   13.734  -11.883 1.00 17.83 ? 124 GLY A N   1 
ATOM   978  C  CA  . GLY A 1 124 ? -0.462  15.071  -11.773 1.00 20.35 ? 124 GLY A CA  1 
ATOM   979  C  C   . GLY A 1 124 ? -1.162  15.342  -10.438 1.00 19.80 ? 124 GLY A C   1 
ATOM   980  O  O   . GLY A 1 124 ? -1.468  14.427  -9.663  1.00 19.72 ? 124 GLY A O   1 
ATOM   981  N  N   . ALA A 1 125 ? -1.425  16.622  -10.214 1.00 18.38 ? 125 ALA A N   1 
ATOM   982  C  CA  . ALA A 1 125 ? -2.096  17.057  -9.014  1.00 18.49 ? 125 ALA A CA  1 
ATOM   983  C  C   . ALA A 1 125 ? -3.416  16.339  -8.822  1.00 18.95 ? 125 ALA A C   1 
ATOM   984  O  O   . ALA A 1 125 ? -3.727  15.925  -7.678  1.00 18.94 ? 125 ALA A O   1 
ATOM   985  C  CB  . ALA A 1 125 ? -2.306  18.542  -9.030  1.00 18.51 ? 125 ALA A CB  1 
ATOM   986  N  N   . ASP A 1 126 ? -4.223  16.258  -9.889  1.00 17.38 ? 126 ASP A N   1 
ATOM   987  C  CA  . ASP A 1 126 ? -5.539  15.544  -9.811  1.00 20.48 ? 126 ASP A CA  1 
ATOM   988  C  C   . ASP A 1 126 ? -5.331  14.105  -9.431  1.00 18.65 ? 126 ASP A C   1 
ATOM   989  O  O   . ASP A 1 126 ? -6.045  13.590  -8.547  1.00 21.38 ? 126 ASP A O   1 
ATOM   990  C  CB  . ASP A 1 126 ? -6.354  15.634  -11.145 1.00 22.34 ? 126 ASP A CB  1 
ATOM   991  C  CG  . ASP A 1 126 ? -5.517  15.383  -12.427 1.00 27.42 ? 126 ASP A CG  1 
ATOM   992  O  OD1 . ASP A 1 126 ? -4.326  14.947  -12.413 1.00 32.14 ? 126 ASP A OD1 1 
ATOM   993  O  OD2 . ASP A 1 126 ? -6.139  15.659  -13.516 1.00 33.93 ? 126 ASP A OD2 1 
ATOM   994  N  N   . ALA A 1 127 ? -4.381  13.473  -10.102 1.00 18.55 ? 127 ALA A N   1 
ATOM   995  C  CA  . ALA A 1 127 ? -4.057  12.032  -9.889  1.00 18.10 ? 127 ALA A CA  1 
ATOM   996  C  C   . ALA A 1 127 ? -3.623  11.754  -8.418  1.00 19.26 ? 127 ALA A C   1 
ATOM   997  O  O   . ALA A 1 127 ? -4.069  10.810  -7.755  1.00 17.37 ? 127 ALA A O   1 
ATOM   998  C  CB  . ALA A 1 127 ? -3.030  11.576  -10.913 1.00 18.53 ? 127 ALA A CB  1 
ATOM   999  N  N   . GLN A 1 128 ? -2.769  12.623  -7.897  1.00 16.99 ? 128 GLN A N   1 
ATOM   1000 C  CA  . GLN A 1 128 ? -2.373  12.530  -6.499  1.00 15.78 ? 128 GLN A CA  1 
ATOM   1001 C  C   . GLN A 1 128 ? -3.570  12.717  -5.555  1.00 15.32 ? 128 GLN A C   1 
ATOM   1002 O  O   . GLN A 1 128 ? -3.694  11.938  -4.590  1.00 16.35 ? 128 GLN A O   1 
ATOM   1003 C  CB  . GLN A 1 128 ? -1.257  13.528  -6.159  1.00 13.69 ? 128 GLN A CB  1 
ATOM   1004 C  CG  . GLN A 1 128 ? -0.929  13.356  -4.636  1.00 14.16 ? 128 GLN A CG  1 
ATOM   1005 C  CD  . GLN A 1 128 ? 0.178   14.289  -4.029  1.00 10.39 ? 128 GLN A CD  1 
ATOM   1006 O  OE1 . GLN A 1 128 ? 0.325   14.425  -2.773  1.00 19.51 ? 128 GLN A OE1 1 
ATOM   1007 N  NE2 . GLN A 1 128 ? 0.961   14.909  -4.906  1.00 4.45  ? 128 GLN A NE2 1 
ATOM   1008 N  N   . GLY A 1 129 ? -4.470  13.689  -5.826  1.00 17.52 ? 129 GLY A N   1 
ATOM   1009 C  CA  . GLY A 1 129 ? -5.708  13.881  -5.013  1.00 17.09 ? 129 GLY A CA  1 
ATOM   1010 C  C   . GLY A 1 129 ? -6.527  12.593  -5.017  1.00 17.11 ? 129 GLY A C   1 
ATOM   1011 O  O   . GLY A 1 129 ? -6.945  12.074  -3.953  1.00 16.57 ? 129 GLY A O   1 
ATOM   1012 N  N   . ALA A 1 130 ? -6.704  12.026  -6.182  1.00 16.27 ? 130 ALA A N   1 
ATOM   1013 C  CA  . ALA A 1 130 ? -7.624  10.896  -6.329  1.00 14.91 ? 130 ALA A CA  1 
ATOM   1014 C  C   . ALA A 1 130 ? -7.020  9.648   -5.645  1.00 15.56 ? 130 ALA A C   1 
ATOM   1015 O  O   . ALA A 1 130 ? -7.723  8.961   -4.893  1.00 15.55 ? 130 ALA A O   1 
ATOM   1016 C  CB  . ALA A 1 130 ? -7.809  10.613  -7.812  1.00 16.70 ? 130 ALA A CB  1 
ATOM   1017 N  N   . MET A 1 131 ? -5.770  9.358   -5.953  1.00 14.83 ? 131 MET A N   1 
ATOM   1018 C  CA  . MET A 1 131 ? -5.072  8.213   -5.368  1.00 15.64 ? 131 MET A CA  1 
ATOM   1019 C  C   . MET A 1 131 ? -5.014  8.315   -3.811  1.00 16.20 ? 131 MET A C   1 
ATOM   1020 O  O   . MET A 1 131 ? -5.272  7.324   -3.087  1.00 14.62 ? 131 MET A O   1 
ATOM   1021 C  CB  . MET A 1 131 ? -3.700  8.047   -6.029  1.00 17.35 ? 131 MET A CB  1 
ATOM   1022 C  CG  . MET A 1 131 ? -2.911  6.900   -5.373  1.00 15.73 ? 131 MET A CG  1 
ATOM   1023 S  SD  . MET A 1 131 ? -3.740  5.329   -5.857  1.00 21.95 ? 131 MET A SD  1 
ATOM   1024 C  CE  . MET A 1 131 ? -3.603  5.295   -7.524  1.00 22.63 ? 131 MET A CE  1 
ATOM   1025 N  N   . THR A 1 132 ? -4.765  9.534   -3.333  1.00 15.67 ? 132 THR A N   1 
ATOM   1026 C  CA  . THR A 1 132 ? -4.722  9.787   -1.917  1.00 15.21 ? 132 THR A CA  1 
ATOM   1027 C  C   . THR A 1 132 ? -6.092  9.465   -1.306  1.00 16.14 ? 132 THR A C   1 
ATOM   1028 O  O   . THR A 1 132 ? -6.151  8.771   -0.295  1.00 15.00 ? 132 THR A O   1 
ATOM   1029 C  CB  . THR A 1 132 ? -4.299  11.232  -1.632  1.00 15.68 ? 132 THR A CB  1 
ATOM   1030 O  OG1 . THR A 1 132 ? -2.977  11.383  -2.152  1.00 17.35 ? 132 THR A OG1 1 
ATOM   1031 C  CG2 . THR A 1 132 ? -4.350  11.491  -0.079  1.00 20.11 ? 132 THR A CG2 1 
ATOM   1032 N  N   . LYS A 1 133 ? -7.147  9.999   -1.898  1.00 14.63 ? 133 LYS A N   1 
ATOM   1033 C  CA  . LYS A 1 133 ? -8.500  9.698   -1.423  1.00 15.95 ? 133 LYS A CA  1 
ATOM   1034 C  C   . LYS A 1 133 ? -8.801  8.205   -1.419  1.00 16.11 ? 133 LYS A C   1 
ATOM   1035 O  O   . LYS A 1 133 ? -9.500  7.702   -0.491  1.00 15.82 ? 133 LYS A O   1 
ATOM   1036 C  CB  . LYS A 1 133 ? -9.608  10.357  -2.259  1.00 17.03 ? 133 LYS A CB  1 
ATOM   1037 C  CG  . LYS A 1 133 ? -9.859  11.838  -1.975  1.00 23.33 ? 133 LYS A CG  1 
ATOM   1038 C  CD  . LYS A 1 133 ? -11.032 12.377  -2.808  1.00 24.70 ? 133 LYS A CD  1 
ATOM   1039 C  CE  . LYS A 1 133 ? -12.332 11.922  -2.264  1.00 32.44 ? 133 LYS A CE  1 
ATOM   1040 N  NZ  . LYS A 1 133 ? -13.437 12.699  -2.969  1.00 37.21 ? 133 LYS A NZ  1 
ATOM   1041 N  N   . ALA A 1 134 ? -8.390  7.493   -2.501  1.00 15.12 ? 134 ALA A N   1 
ATOM   1042 C  CA  . ALA A 1 134 ? -8.638  6.040   -2.550  1.00 16.18 ? 134 ALA A CA  1 
ATOM   1043 C  C   . ALA A 1 134 ? -7.945  5.318   -1.411  1.00 15.43 ? 134 ALA A C   1 
ATOM   1044 O  O   . ALA A 1 134 ? -8.535  4.377   -0.824  1.00 15.04 ? 134 ALA A O   1 
ATOM   1045 C  CB  . ALA A 1 134 ? -8.191  5.467   -3.864  1.00 14.59 ? 134 ALA A CB  1 
ATOM   1046 N  N   . LEU A 1 135 ? -6.688  5.684   -1.153  1.00 15.79 ? 135 LEU A N   1 
ATOM   1047 C  CA  . LEU A 1 135 ? -5.896  5.096   -0.074  1.00 13.21 ? 135 LEU A CA  1 
ATOM   1048 C  C   . LEU A 1 135 ? -6.488  5.429   1.271   1.00 14.23 ? 135 LEU A C   1 
ATOM   1049 O  O   . LEU A 1 135 ? -6.455  4.597   2.196   1.00 15.82 ? 135 LEU A O   1 
ATOM   1050 C  CB  . LEU A 1 135 ? -4.425  5.524   -0.165  1.00 14.91 ? 135 LEU A CB  1 
ATOM   1051 C  CG  . LEU A 1 135 ? -3.694  4.894   -1.414  1.00 14.15 ? 135 LEU A CG  1 
ATOM   1052 C  CD1 . LEU A 1 135 ? -2.355  5.617   -1.697  1.00 17.95 ? 135 LEU A CD1 1 
ATOM   1053 C  CD2 . LEU A 1 135 ? -3.514  3.347   -1.377  1.00 17.28 ? 135 LEU A CD2 1 
ATOM   1054 N  N   . GLU A 1 136 ? -7.043  6.631   1.387   1.00 14.95 ? 136 GLU A N   1 
ATOM   1055 C  CA  . GLU A 1 136 ? -7.619  6.998   2.702   1.00 15.92 ? 136 GLU A CA  1 
ATOM   1056 C  C   . GLU A 1 136 ? -8.901  6.194   2.909   1.00 15.39 ? 136 GLU A C   1 
ATOM   1057 O  O   . GLU A 1 136 ? -9.175  5.770   4.046   1.00 15.00 ? 136 GLU A O   1 
ATOM   1058 C  CB  . GLU A 1 136 ? -7.952  8.479   2.698   1.00 14.74 ? 136 GLU A CB  1 
ATOM   1059 C  CG  . GLU A 1 136 ? -6.676  9.264   2.865   1.00 21.93 ? 136 GLU A CG  1 
ATOM   1060 C  CD  . GLU A 1 136 ? -6.881  10.802  2.715   1.00 27.82 ? 136 GLU A CD  1 
ATOM   1061 O  OE1 . GLU A 1 136 ? -7.885  11.219  2.131   1.00 26.39 ? 136 GLU A OE1 1 
ATOM   1062 O  OE2 . GLU A 1 136 ? -5.941  11.556  3.093   1.00 31.56 ? 136 GLU A OE2 1 
ATOM   1063 N  N   . LEU A 1 137 ? -9.662  5.995   1.832   1.00 12.50 ? 137 LEU A N   1 
ATOM   1064 C  CA  . LEU A 1 137 ? -10.943 5.222   1.872   1.00 14.09 ? 137 LEU A CA  1 
ATOM   1065 C  C   . LEU A 1 137 ? -10.587 3.823   2.350   1.00 13.42 ? 137 LEU A C   1 
ATOM   1066 O  O   . LEU A 1 137 ? -11.297 3.267   3.254   1.00 15.71 ? 137 LEU A O   1 
ATOM   1067 C  CB  . LEU A 1 137 ? -11.679 5.187   0.530   1.00 13.38 ? 137 LEU A CB  1 
ATOM   1068 C  CG  . LEU A 1 137 ? -12.922 4.243   0.548   1.00 16.29 ? 137 LEU A CG  1 
ATOM   1069 C  CD1 . LEU A 1 137 ? -13.929 4.716   1.573   1.00 21.87 ? 137 LEU A CD1 1 
ATOM   1070 C  CD2 . LEU A 1 137 ? -13.525 4.347   -0.802  1.00 16.71 ? 137 LEU A CD2 1 
ATOM   1071 N  N   . PHE A 1 138 ? -9.532  3.242   1.766   1.00 13.33 ? 138 PHE A N   1 
ATOM   1072 C  CA  . PHE A 1 138 ? -9.051  1.900   2.101   1.00 15.39 ? 138 PHE A CA  1 
ATOM   1073 C  C   . PHE A 1 138 ? -8.725  1.919   3.614   1.00 15.58 ? 138 PHE A C   1 
ATOM   1074 O  O   . PHE A 1 138 ? -9.186  1.080   4.377   1.00 14.87 ? 138 PHE A O   1 
ATOM   1075 C  CB  . PHE A 1 138 ? -7.824  1.529   1.273   1.00 16.74 ? 138 PHE A CB  1 
ATOM   1076 C  CG  . PHE A 1 138 ? -7.122  0.263   1.739   1.00 19.67 ? 138 PHE A CG  1 
ATOM   1077 C  CD1 . PHE A 1 138 ? -7.673  -0.980  1.436   1.00 28.68 ? 138 PHE A CD1 1 
ATOM   1078 C  CD2 . PHE A 1 138 ? -6.002  0.326   2.561   1.00 23.62 ? 138 PHE A CD2 1 
ATOM   1079 C  CE1 . PHE A 1 138 ? -7.059  -2.155  1.910   1.00 32.12 ? 138 PHE A CE1 1 
ATOM   1080 C  CE2 . PHE A 1 138 ? -5.394  -0.840  3.050   1.00 28.41 ? 138 PHE A CE2 1 
ATOM   1081 C  CZ  . PHE A 1 138 ? -5.929  -2.072  2.733   1.00 28.85 ? 138 PHE A CZ  1 
ATOM   1082 N  N   . ARG A 1 139 ? -7.932  2.910   4.035   1.00 15.37 ? 139 ARG A N   1 
ATOM   1083 C  CA  . ARG A 1 139 ? -7.484  2.973   5.434   1.00 16.62 ? 139 ARG A CA  1 
ATOM   1084 C  C   . ARG A 1 139 ? -8.665  3.164   6.368   1.00 16.60 ? 139 ARG A C   1 
ATOM   1085 O  O   . ARG A 1 139 ? -8.700  2.546   7.456   1.00 19.19 ? 139 ARG A O   1 
ATOM   1086 C  CB  . ARG A 1 139 ? -6.543  4.163   5.645   1.00 18.25 ? 139 ARG A CB  1 
ATOM   1087 C  CG  . ARG A 1 139 ? -5.764  3.995   6.910   1.00 22.34 ? 139 ARG A CG  1 
ATOM   1088 C  CD  . ARG A 1 139 ? -4.419  4.739   6.785   1.00 17.81 ? 139 ARG A CD  1 
ATOM   1089 N  NE  . ARG A 1 139 ? -4.523  6.220   6.653   1.00 15.48 ? 139 ARG A NE  1 
ATOM   1090 C  CZ  . ARG A 1 139 ? -4.259  6.910   5.557   1.00 18.09 ? 139 ARG A CZ  1 
ATOM   1091 N  NH1 . ARG A 1 139 ? -3.934  6.314   4.403   1.00 20.35 ? 139 ARG A NH1 1 
ATOM   1092 N  NH2 . ARG A 1 139 ? -4.343  8.235   5.594   1.00 19.94 ? 139 ARG A NH2 1 
ATOM   1093 N  N   . ASN A 1 140 ? -9.609  4.019   5.944   1.00 15.22 ? 140 ASN A N   1 
ATOM   1094 C  CA  . ASN A 1 140 ? -10.748 4.313   6.799   1.00 15.90 ? 140 ASN A CA  1 
ATOM   1095 C  C   . ASN A 1 140 ? -11.611 3.058   7.012   1.00 15.82 ? 140 ASN A C   1 
ATOM   1096 O  O   . ASN A 1 140 ? -12.071 2.774   8.146   1.00 16.05 ? 140 ASN A O   1 
ATOM   1097 C  CB  . ASN A 1 140 ? -11.573 5.437   6.217   1.00 15.99 ? 140 ASN A CB  1 
ATOM   1098 C  CG  . ASN A 1 140 ? -12.585 5.965   7.207   1.00 21.63 ? 140 ASN A CG  1 
ATOM   1099 O  OD1 . ASN A 1 140 ? -12.214 6.522   8.271   1.00 28.18 ? 140 ASN A OD1 1 
ATOM   1100 N  ND2 . ASN A 1 140 ? -13.828 5.739   6.918   1.00 20.42 ? 140 ASN A ND2 1 
ATOM   1101 N  N   . ASP A 1 141 ? -11.784 2.292   5.944   1.00 15.24 ? 141 ASP A N   1 
ATOM   1102 C  CA  . ASP A 1 141 ? -12.532 1.037   6.104   1.00 13.73 ? 141 ASP A CA  1 
ATOM   1103 C  C   . ASP A 1 141 ? -11.790 -0.012  6.906   1.00 17.63 ? 141 ASP A C   1 
ATOM   1104 O  O   . ASP A 1 141 ? -12.479 -0.753  7.650   1.00 17.33 ? 141 ASP A O   1 
ATOM   1105 C  CB  . ASP A 1 141 ? -12.981 0.559   4.713   1.00 14.41 ? 141 ASP A CB  1 
ATOM   1106 C  CG  . ASP A 1 141 ? -14.065 1.453   4.106   1.00 17.91 ? 141 ASP A CG  1 
ATOM   1107 O  OD1 . ASP A 1 141 ? -14.685 2.395   4.719   1.00 18.44 ? 141 ASP A OD1 1 
ATOM   1108 O  OD2 . ASP A 1 141 ? -14.363 1.243   2.931   1.00 19.74 ? 141 ASP A OD2 1 
ATOM   1109 N  N   . ILE A 1 142 ? -10.479 -0.146  6.739   1.00 14.96 ? 142 ILE A N   1 
ATOM   1110 C  CA  . ILE A 1 142 ? -9.684  -1.012  7.613   1.00 15.62 ? 142 ILE A CA  1 
ATOM   1111 C  C   . ILE A 1 142 ? -9.844  -0.528  9.088   1.00 15.76 ? 142 ILE A C   1 
ATOM   1112 O  O   . ILE A 1 142 ? -10.092 -1.322  10.032  1.00 18.07 ? 142 ILE A O   1 
ATOM   1113 C  CB  . ILE A 1 142 ? -8.177  -1.046  7.216   1.00 17.12 ? 142 ILE A CB  1 
ATOM   1114 C  CG1 . ILE A 1 142 ? -8.013  -1.774  5.867   1.00 19.01 ? 142 ILE A CG1 1 
ATOM   1115 C  CG2 . ILE A 1 142 ? -7.416  -1.794  8.355   1.00 17.31 ? 142 ILE A CG2 1 
ATOM   1116 C  CD1 . ILE A 1 142 ? -7.869  -3.346  5.978   1.00 28.19 ? 142 ILE A CD1 1 
ATOM   1117 N  N   . ALA A 1 143 ? -9.729  0.783   9.287   1.00 15.87 ? 143 ALA A N   1 
ATOM   1118 C  CA  . ALA A 1 143 ? -9.814  1.354   10.667  1.00 15.36 ? 143 ALA A CA  1 
ATOM   1119 C  C   . ALA A 1 143 ? -11.188 1.001   11.292  1.00 16.63 ? 143 ALA A C   1 
ATOM   1120 O  O   . ALA A 1 143 ? -11.272 0.756   12.508  1.00 17.29 ? 143 ALA A O   1 
ATOM   1121 C  CB  . ALA A 1 143 ? -9.597  2.871   10.622  1.00 17.23 ? 143 ALA A CB  1 
ATOM   1122 N  N   . ALA A 1 144 ? -12.265 0.971   10.504  1.00 15.83 ? 144 ALA A N   1 
ATOM   1123 C  CA  . ALA A 1 144 ? -13.557 0.652   11.081  1.00 17.09 ? 144 ALA A CA  1 
ATOM   1124 C  C   . ALA A 1 144 ? -13.544 -0.794  11.587  1.00 15.51 ? 144 ALA A C   1 
ATOM   1125 O  O   . ALA A 1 144 ? -14.121 -1.071  12.672  1.00 16.83 ? 144 ALA A O   1 
ATOM   1126 C  CB  . ALA A 1 144 ? -14.642 0.876   10.018  1.00 15.53 ? 144 ALA A CB  1 
ATOM   1127 N  N   . LYS A 1 145 ? -12.959 -1.713  10.828  1.00 16.04 ? 145 LYS A N   1 
ATOM   1128 C  CA  . LYS A 1 145 ? -12.858 -3.105  11.288  1.00 17.14 ? 145 LYS A CA  1 
ATOM   1129 C  C   . LYS A 1 145 ? -11.915 -3.255  12.459  1.00 18.31 ? 145 LYS A C   1 
ATOM   1130 O  O   . LYS A 1 145 ? -12.142 -4.088  13.342  1.00 17.30 ? 145 LYS A O   1 
ATOM   1131 C  CB  . LYS A 1 145 ? -12.373 -3.956  10.182  1.00 16.05 ? 145 LYS A CB  1 
ATOM   1132 C  CG  . LYS A 1 145 ? -13.104 -3.774  8.941   1.00 25.65 ? 145 LYS A CG  1 
ATOM   1133 C  CD  . LYS A 1 145 ? -14.460 -4.370  8.985   1.00 32.91 ? 145 LYS A CD  1 
ATOM   1134 C  CE  . LYS A 1 145 ? -14.701 -4.984  7.601   1.00 40.74 ? 145 LYS A CE  1 
ATOM   1135 N  NZ  . LYS A 1 145 ? -16.045 -4.492  7.221   1.00 45.20 ? 145 LYS A NZ  1 
ATOM   1136 N  N   . TYR A 1 146 ? -10.838 -2.435  12.501  1.00 16.29 ? 146 TYR A N   1 
ATOM   1137 C  CA  . TYR A 1 146 ? -9.912  -2.434  13.655  1.00 16.37 ? 146 TYR A CA  1 
ATOM   1138 C  C   . TYR A 1 146 ? -10.750 -2.007  14.848  1.00 17.99 ? 146 TYR A C   1 
ATOM   1139 O  O   . TYR A 1 146 ? -10.649 -2.656  15.908  1.00 19.01 ? 146 TYR A O   1 
ATOM   1140 C  CB  . TYR A 1 146 ? -8.798  -1.432  13.384  1.00 15.84 ? 146 TYR A CB  1 
ATOM   1141 C  CG  . TYR A 1 146 ? -7.578  -2.015  12.694  1.00 15.53 ? 146 TYR A CG  1 
ATOM   1142 C  CD1 . TYR A 1 146 ? -7.691  -3.091  11.790  1.00 14.19 ? 146 TYR A CD1 1 
ATOM   1143 C  CD2 . TYR A 1 146 ? -6.322  -1.492  12.965  1.00 18.40 ? 146 TYR A CD2 1 
ATOM   1144 C  CE1 . TYR A 1 146 ? -6.559  -3.635  11.159  1.00 16.94 ? 146 TYR A CE1 1 
ATOM   1145 C  CE2 . TYR A 1 146 ? -5.171  -1.996  12.335  1.00 22.51 ? 146 TYR A CE2 1 
ATOM   1146 C  CZ  . TYR A 1 146 ? -5.297  -3.069  11.445  1.00 18.82 ? 146 TYR A CZ  1 
ATOM   1147 O  OH  . TYR A 1 146 ? -4.157  -3.541  10.893  1.00 17.57 ? 146 TYR A OH  1 
ATOM   1148 N  N   . LYS A 1 147 ? -11.562 -0.962  14.727  1.00 18.74 ? 147 LYS A N   1 
ATOM   1149 C  CA  . LYS A 1 147 ? -12.376 -0.541  15.914  1.00 19.34 ? 147 LYS A CA  1 
ATOM   1150 C  C   . LYS A 1 147 ? -13.369 -1.662  16.357  1.00 20.93 ? 147 LYS A C   1 
ATOM   1151 O  O   . LYS A 1 147 ? -13.552 -1.906  17.590  1.00 20.99 ? 147 LYS A O   1 
ATOM   1152 C  CB  . LYS A 1 147 ? -13.162 0.726   15.669  1.00 19.07 ? 147 LYS A CB  1 
ATOM   1153 C  CG  . LYS A 1 147 ? -13.868 1.266   17.000  1.00 23.55 ? 147 LYS A CG  1 
ATOM   1154 C  CD  . LYS A 1 147 ? -14.520 2.656   16.768  1.00 30.74 ? 147 LYS A CD  1 
ATOM   1155 C  CE  . LYS A 1 147 ? -15.518 3.050   17.923  1.00 31.81 ? 147 LYS A CE  1 
ATOM   1156 N  NZ  . LYS A 1 147 ? -16.996 2.735   17.583  1.00 39.54 ? 147 LYS A NZ  1 
ATOM   1157 N  N   . GLU A 1 148 ? -13.979 -2.342  15.401  1.00 19.75 ? 148 GLU A N   1 
ATOM   1158 C  CA  . GLU A 1 148 ? -14.874 -3.448  15.722  1.00 20.06 ? 148 GLU A CA  1 
ATOM   1159 C  C   . GLU A 1 148 ? -14.119 -4.483  16.554  1.00 20.61 ? 148 GLU A C   1 
ATOM   1160 O  O   . GLU A 1 148 ? -14.642 -4.984  17.548  1.00 18.43 ? 148 GLU A O   1 
ATOM   1161 C  CB  . GLU A 1 148 ? -15.352 -4.001  14.378  1.00 22.42 ? 148 GLU A CB  1 
ATOM   1162 C  CG  . GLU A 1 148 ? -16.264 -5.052  14.351  1.00 27.83 ? 148 GLU A CG  1 
ATOM   1163 C  CD  . GLU A 1 148 ? -16.583 -5.406  12.908  1.00 32.87 ? 148 GLU A CD  1 
ATOM   1164 O  OE1 . GLU A 1 148 ? -16.913 -4.503  12.092  1.00 33.48 ? 148 GLU A OE1 1 
ATOM   1165 O  OE2 . GLU A 1 148 ? -16.446 -6.613  12.640  1.00 37.34 ? 148 GLU A OE2 1 
ATOM   1166 N  N   . LEU A 1 149 ? -12.880 -4.754  16.147  1.00 18.03 ? 149 LEU A N   1 
ATOM   1167 C  CA  . LEU A 1 149 ? -12.030 -5.754  16.846  1.00 19.03 ? 149 LEU A CA  1 
ATOM   1168 C  C   . LEU A 1 149 ? -11.407 -5.217  18.159  1.00 20.09 ? 149 LEU A C   1 
ATOM   1169 O  O   . LEU A 1 149 ? -10.806 -5.980  18.878  1.00 22.03 ? 149 LEU A O   1 
ATOM   1170 C  CB  . LEU A 1 149 ? -10.943 -6.221  15.874  1.00 18.28 ? 149 LEU A CB  1 
ATOM   1171 C  CG  . LEU A 1 149 ? -11.470 -6.906  14.616  1.00 19.26 ? 149 LEU A CG  1 
ATOM   1172 C  CD1 . LEU A 1 149 ? -10.372 -7.109  13.550  1.00 19.33 ? 149 LEU A CD1 1 
ATOM   1173 C  CD2 . LEU A 1 149 ? -12.169 -8.237  14.895  1.00 21.21 ? 149 LEU A CD2 1 
ATOM   1174 N  N   . GLY A 1 150 ? -11.488 -3.903  18.437  1.00 19.24 ? 150 GLY A N   1 
ATOM   1175 C  CA  . GLY A 1 150 ? -10.856 -3.317  19.604  1.00 20.90 ? 150 GLY A CA  1 
ATOM   1176 C  C   . GLY A 1 150 ? -9.358  -3.217  19.417  1.00 20.81 ? 150 GLY A C   1 
ATOM   1177 O  O   . GLY A 1 150 ? -8.627  -3.234  20.359  1.00 20.55 ? 150 GLY A O   1 
ATOM   1178 N  N   . PHE A 1 151 ? -8.872  -3.206  18.171  1.00 21.47 ? 151 PHE A N   1 
ATOM   1179 C  CA  . PHE A 1 151 ? -7.449  -3.240  18.023  1.00 24.87 ? 151 PHE A CA  1 
ATOM   1180 C  C   . PHE A 1 151 ? -6.951  -1.803  17.981  1.00 25.84 ? 151 PHE A C   1 
ATOM   1181 O  O   . PHE A 1 151 ? -7.419  -1.051  17.116  1.00 28.43 ? 151 PHE A O   1 
ATOM   1182 C  CB  . PHE A 1 151 ? -7.041  -4.069  16.773  1.00 24.20 ? 151 PHE A CB  1 
ATOM   1183 C  CG  . PHE A 1 151 ? -5.587  -4.057  16.523  1.00 26.23 ? 151 PHE A CG  1 
ATOM   1184 C  CD1 . PHE A 1 151 ? -4.741  -4.867  17.257  1.00 27.55 ? 151 PHE A CD1 1 
ATOM   1185 C  CD2 . PHE A 1 151 ? -5.070  -3.294  15.497  1.00 27.91 ? 151 PHE A CD2 1 
ATOM   1186 C  CE1 . PHE A 1 151 ? -3.373  -4.861  17.016  1.00 32.36 ? 151 PHE A CE1 1 
ATOM   1187 C  CE2 . PHE A 1 151 ? -3.707  -3.278  15.261  1.00 32.98 ? 151 PHE A CE2 1 
ATOM   1188 C  CZ  . PHE A 1 151 ? -2.856  -4.053  16.030  1.00 29.66 ? 151 PHE A CZ  1 
HETATM 1189 N  N   . NTE B 2 .   ? 1.053   -5.029  5.949   1.00 13.50 ? 201 NTE A N   1 
HETATM 1190 FE FE  . NTE B 2 .   ? 0.318   -6.582  4.816   1.00 16.59 ? 201 NTE A FE  1 
HETATM 1191 O  O1  . NTE B 2 .   ? -2.978  0.812   1.098   0.80 21.63 ? 201 NTE A O1  1 
HETATM 1192 O  O2  . NTE B 2 .   ? -2.490  0.689   3.096   0.80 24.43 ? 201 NTE A O2  1 
HETATM 1193 N  NA  . NTE B 2 .   ? -0.359  -8.112  3.657   1.00 13.01 ? 201 NTE A NA  1 
HETATM 1194 N  NB  . NTE B 2 .   ? -0.718  -5.261  3.663   1.00 14.03 ? 201 NTE A NB  1 
HETATM 1195 N  NC  . NTE B 2 .   ? -2.555  0.144   1.987   0.80 23.12 ? 201 NTE A NC  1 
HETATM 1196 N  ND  . NTE B 2 .   ? 1.360   -7.869  5.952   1.00 13.69 ? 201 NTE A ND  1 
HETATM 1197 C  C1A . NTE B 2 .   ? -0.067  -9.396  3.836   1.00 12.89 ? 201 NTE A C1A 1 
HETATM 1198 O  O1A . NTE B 2 .   ? -1.659  -12.203 5.601   1.00 17.96 ? 201 NTE A O1A 1 
HETATM 1199 C  C1B . NTE B 2 .   ? -1.466  -5.516  2.602   1.00 14.04 ? 201 NTE A C1B 1 
HETATM 1200 C  C1C . NTE B 2 .   ? 0.848   -3.725  5.727   1.00 11.82 ? 201 NTE A C1C 1 
HETATM 1201 C  C1D . NTE B 2 .   ? 2.195   -7.611  6.952   1.00 15.61 ? 201 NTE A C1D 1 
HETATM 1202 O  O1D . NTE B 2 .   ? 4.072   -13.639 5.064   1.00 36.16 ? 201 NTE A O1D 1 
HETATM 1203 C  C2A . NTE B 2 .   ? -0.711  -10.221 2.822   1.00 12.72 ? 201 NTE A C2A 1 
HETATM 1204 O  O2A . NTE B 2 .   ? -3.518  -11.204 4.845   1.00 19.37 ? 201 NTE A O2A 1 
HETATM 1205 C  C2B . NTE B 2 .   ? -2.050  -4.344  2.002   1.00 14.60 ? 201 NTE A C2B 1 
HETATM 1206 C  C2C . NTE B 2 .   ? 1.612   -2.883  6.652   1.00 11.23 ? 201 NTE A C2C 1 
HETATM 1207 C  C2D . NTE B 2 .   ? 2.839   -8.821  7.524   1.00 16.03 ? 201 NTE A C2D 1 
HETATM 1208 O  O2D . NTE B 2 .   ? 5.396   -13.119 6.705   1.00 34.62 ? 201 NTE A O2D 1 
HETATM 1209 C  C3A . NTE B 2 .   ? -1.352  -9.341  2.028   1.00 14.33 ? 201 NTE A C3A 1 
HETATM 1210 C  C3B . NTE B 2 .   ? -1.616  -3.314  2.795   1.00 16.50 ? 201 NTE A C3B 1 
HETATM 1211 C  C3C . NTE B 2 .   ? 2.385   -3.792  7.372   1.00 13.74 ? 201 NTE A C3C 1 
HETATM 1212 C  C3D . NTE B 2 .   ? 2.330   -9.847  6.775   1.00 17.53 ? 201 NTE A C3D 1 
HETATM 1213 C  C4A . NTE B 2 .   ? -1.087  -7.998  2.583   1.00 12.66 ? 201 NTE A C4A 1 
HETATM 1214 C  C4B . NTE B 2 .   ? -0.811  -3.946  3.844   1.00 15.68 ? 201 NTE A C4B 1 
HETATM 1215 C  C4C . NTE B 2 .   ? 1.976   -5.154  6.895   1.00 13.00 ? 201 NTE A C4C 1 
HETATM 1216 C  C4D . NTE B 2 .   ? 1.435   -9.210  5.771   1.00 14.08 ? 201 NTE A C4D 1 
HETATM 1217 C  CAA . NTE B 2 .   ? -0.648  -11.734 2.803   1.00 14.56 ? 201 NTE A CAA 1 
HETATM 1218 C  CAB . NTE B 2 .   ? -1.912  -1.866  2.764   1.00 17.96 ? 201 NTE A CAB 1 
HETATM 1219 C  CAC . NTE B 2 .   ? 3.372   -3.623  8.501   1.00 15.03 ? 201 NTE A CAC 1 
HETATM 1220 C  CAD . NTE B 2 .   ? 2.654   -11.314 6.883   1.00 19.52 ? 201 NTE A CAD 1 
HETATM 1221 C  CBA . NTE B 2 .   ? -2.072  -12.165 3.264   1.00 15.76 ? 201 NTE A CBA 1 
HETATM 1222 C  CBB . NTE B 2 .   ? -2.244  -1.094  1.752   1.00 24.22 ? 201 NTE A CBB 1 
HETATM 1223 C  CBC . NTE B 2 .   ? 3.938   -2.455  8.567   1.00 15.45 ? 201 NTE A CBC 1 
HETATM 1224 C  CBD . NTE B 2 .   ? 3.941   -11.431 6.046   1.00 22.50 ? 201 NTE A CBD 1 
HETATM 1225 C  CGA . NTE B 2 .   ? -2.434  -11.817 4.680   1.00 20.26 ? 201 NTE A CGA 1 
HETATM 1226 C  CGD . NTE B 2 .   ? 4.486   -12.837 5.932   1.00 32.75 ? 201 NTE A CGD 1 
HETATM 1227 C  CHA . NTE B 2 .   ? 0.732   -10.044 4.805   1.00 13.51 ? 201 NTE A CHA 1 
HETATM 1228 C  CHB . NTE B 2 .   ? -1.651  -6.792  2.000   1.00 13.13 ? 201 NTE A CHB 1 
HETATM 1229 C  CHC . NTE B 2 .   ? -0.115  -3.162  4.820   1.00 15.93 ? 201 NTE A CHC 1 
HETATM 1230 C  CHD . NTE B 2 .   ? 2.536   -6.336  7.497   1.00 13.71 ? 201 NTE A CHD 1 
HETATM 1231 C  CMA . NTE B 2 .   ? -2.230  -9.639  0.826   1.00 11.76 ? 201 NTE A CMA 1 
HETATM 1232 C  CMB . NTE B 2 .   ? -2.976  -4.331  0.773   1.00 15.87 ? 201 NTE A CMB 1 
HETATM 1233 C  CMC . NTE B 2 .   ? 1.538   -1.387  6.636   1.00 13.42 ? 201 NTE A CMC 1 
HETATM 1234 C  CMD . NTE B 2 .   ? 3.787   -8.930  8.691   1.00 19.05 ? 201 NTE A CMD 1 
HETATM 1235 N  N   . NO2 C 3 .   ? 2.262   -5.210  3.570   1.00 19.91 ? 202 NO2 A N   1 
HETATM 1236 O  O1  . NO2 C 3 .   ? 1.949   -6.436  3.701   1.00 17.02 ? 202 NO2 A O1  1 
HETATM 1237 O  O2  . NO2 C 3 .   ? 3.394   -5.174  3.074   1.00 19.73 ? 202 NO2 A O2  1 
HETATM 1238 S  S   . SO4 D 4 .   ? 16.052  -13.517 -0.983  1.00 36.53 ? 203 SO4 A S   1 
HETATM 1239 O  O1  . SO4 D 4 .   ? 17.068  -13.601 0.080   1.00 41.58 ? 203 SO4 A O1  1 
HETATM 1240 O  O2  . SO4 D 4 .   ? 14.886  -12.836 -0.399  1.00 43.56 ? 203 SO4 A O2  1 
HETATM 1241 O  O3  . SO4 D 4 .   ? 16.684  -12.815 -2.132  1.00 34.82 ? 203 SO4 A O3  1 
HETATM 1242 O  O4  . SO4 D 4 .   ? 15.609  -14.871 -1.309  1.00 44.83 ? 203 SO4 A O4  1 
HETATM 1243 O  O   . HOH E 5 .   ? -11.767 0.382   -3.466  1.00 17.49 ? 301 HOH A O   1 
HETATM 1244 O  O   . HOH E 5 .   ? -1.035  12.729  -0.907  1.00 18.31 ? 302 HOH A O   1 
HETATM 1245 O  O   . HOH E 5 .   ? -2.166  -10.513 -3.638  1.00 17.08 ? 303 HOH A O   1 
HETATM 1246 O  O   . HOH E 5 .   ? 5.021   13.948  -10.436 1.00 21.99 ? 304 HOH A O   1 
HETATM 1247 O  O   . HOH E 5 .   ? -6.394  -8.609  -5.941  1.00 21.90 ? 305 HOH A O   1 
HETATM 1248 O  O   . HOH E 5 .   ? 10.565  5.403   12.407  1.00 23.41 ? 306 HOH A O   1 
HETATM 1249 O  O   . HOH E 5 .   ? -9.340  13.836  -5.679  1.00 21.53 ? 307 HOH A O   1 
HETATM 1250 O  O   . HOH E 5 .   ? -18.757 -8.028  13.663  1.00 21.64 ? 308 HOH A O   1 
HETATM 1251 O  O   . HOH E 5 .   ? -17.048 12.478  -11.752 1.00 32.83 ? 309 HOH A O   1 
HETATM 1252 O  O   . HOH E 5 .   ? -8.574  14.429  -8.234  1.00 27.33 ? 310 HOH A O   1 
HETATM 1253 O  O   . HOH E 5 .   ? 1.261   16.480  -9.095  1.00 25.57 ? 311 HOH A O   1 
HETATM 1254 O  O   . HOH E 5 .   ? 13.772  -6.240  -3.307  1.00 28.31 ? 312 HOH A O   1 
HETATM 1255 O  O   . HOH E 5 .   ? 3.792   -6.025  -13.584 1.00 26.41 ? 313 HOH A O   1 
HETATM 1256 O  O   . HOH E 5 .   ? -7.022  13.946  -1.837  1.00 21.82 ? 314 HOH A O   1 
HETATM 1257 O  O   . HOH E 5 .   ? -8.007  -12.965 7.643   1.00 25.19 ? 315 HOH A O   1 
HETATM 1258 O  O   . HOH E 5 .   ? -0.381  -1.451  -17.165 1.00 28.05 ? 316 HOH A O   1 
HETATM 1259 O  O   . HOH E 5 .   ? -4.325  0.826   15.200  1.00 25.13 ? 317 HOH A O   1 
HETATM 1260 O  O   . HOH E 5 .   ? -2.432  17.101  -5.753  1.00 22.89 ? 318 HOH A O   1 
HETATM 1261 O  O   . HOH E 5 .   ? -14.655 -11.606 2.807   1.00 21.86 ? 319 HOH A O   1 
HETATM 1262 O  O   . HOH E 5 .   ? 10.935  -15.684 -2.366  1.00 31.24 ? 320 HOH A O   1 
HETATM 1263 O  O   . HOH E 5 .   ? 11.546  -11.671 -6.676  1.00 28.78 ? 321 HOH A O   1 
HETATM 1264 O  O   . HOH E 5 .   ? -2.282  3.922   -17.213 1.00 31.80 ? 322 HOH A O   1 
HETATM 1265 O  O   . HOH E 5 .   ? -3.778  18.032  -12.294 1.00 37.49 ? 323 HOH A O   1 
HETATM 1266 O  O   . HOH E 5 .   ? -3.306  10.065  3.732   1.00 22.39 ? 324 HOH A O   1 
HETATM 1267 O  O   . HOH E 5 .   ? 1.255   15.231  -15.249 1.00 32.21 ? 325 HOH A O   1 
HETATM 1268 O  O   . HOH E 5 .   ? 0.816   11.418  0.567   1.00 28.17 ? 326 HOH A O   1 
HETATM 1269 O  O   . HOH E 5 .   ? -13.368 -13.360 7.194   1.00 30.89 ? 327 HOH A O   1 
HETATM 1270 O  O   . HOH E 5 .   ? 7.377   -6.324  -12.529 1.00 26.63 ? 328 HOH A O   1 
HETATM 1271 O  O   . HOH E 5 .   ? -9.272  4.789   -15.591 1.00 26.05 ? 329 HOH A O   1 
HETATM 1272 O  O   . HOH E 5 .   ? 0.203   17.139  -6.508  1.00 22.98 ? 330 HOH A O   1 
HETATM 1273 O  O   . HOH E 5 .   ? -0.855  11.429  10.977  1.00 30.82 ? 331 HOH A O   1 
HETATM 1274 O  O   . HOH E 5 .   ? -17.081 5.351   -11.936 1.00 35.72 ? 332 HOH A O   1 
HETATM 1275 O  O   . HOH E 5 .   ? -3.953  3.414   3.224   1.00 28.53 ? 333 HOH A O   1 
HETATM 1276 O  O   . HOH E 5 .   ? -15.203 -1.130  7.096   1.00 30.65 ? 334 HOH A O   1 
HETATM 1277 O  O   . HOH E 5 .   ? 8.591   10.734  -15.774 1.00 32.92 ? 335 HOH A O   1 
HETATM 1278 O  O   . HOH E 5 .   ? -5.885  -0.056  -13.779 1.00 35.36 ? 336 HOH A O   1 
HETATM 1279 O  O   . HOH E 5 .   ? 6.801   8.232   2.558   1.00 33.29 ? 337 HOH A O   1 
HETATM 1280 O  O   . HOH E 5 .   ? 2.755   -11.904 11.124  1.00 33.65 ? 338 HOH A O   1 
HETATM 1281 O  O   . HOH E 5 .   ? -10.505 2.374   -1.487  1.00 25.16 ? 339 HOH A O   1 
HETATM 1282 O  O   . HOH E 5 .   ? 5.375   1.816   -14.946 1.00 23.88 ? 340 HOH A O   1 
HETATM 1283 O  O   . HOH E 5 .   ? -0.637  9.259   1.954   1.00 30.20 ? 341 HOH A O   1 
HETATM 1284 O  O   . HOH E 5 .   ? -18.722 -3.672  -0.406  1.00 35.18 ? 342 HOH A O   1 
HETATM 1285 O  O   . HOH E 5 .   ? -16.306 1.837   1.166   1.00 29.55 ? 343 HOH A O   1 
HETATM 1286 O  O   . HOH E 5 .   ? 6.620   -15.493 6.865   1.00 39.83 ? 344 HOH A O   1 
HETATM 1287 O  O   . HOH E 5 .   ? -0.154  -9.403  -9.849  1.00 30.13 ? 345 HOH A O   1 
HETATM 1288 O  O   . HOH E 5 .   ? 6.629   -2.464  14.904  1.00 39.22 ? 346 HOH A O   1 
HETATM 1289 O  O   . HOH E 5 .   ? 6.135   6.209   4.244   1.00 35.42 ? 347 HOH A O   1 
HETATM 1290 O  O   . HOH E 5 .   ? 3.803   -9.152  12.817  1.00 28.78 ? 348 HOH A O   1 
HETATM 1291 O  O   . HOH E 5 .   ? -6.834  -3.508  22.602  1.00 27.85 ? 349 HOH A O   1 
HETATM 1292 O  O   . HOH E 5 .   ? -13.352 4.299   10.295  1.00 29.24 ? 350 HOH A O   1 
HETATM 1293 O  O   . HOH E 5 .   ? 7.333   -13.224 0.206   1.00 33.46 ? 351 HOH A O   1 
HETATM 1294 O  O   . HOH E 5 .   ? 14.043  -2.517  12.214  1.00 29.59 ? 352 HOH A O   1 
HETATM 1295 O  O   . HOH E 5 .   ? 19.010  -9.776  0.255   1.00 35.27 ? 353 HOH A O   1 
HETATM 1296 O  O   . HOH E 5 .   ? 2.570   -13.309 2.844   1.00 33.44 ? 354 HOH A O   1 
HETATM 1297 O  O   . HOH E 5 .   ? -16.456 1.432   7.033   1.00 35.86 ? 355 HOH A O   1 
HETATM 1298 O  O   . HOH E 5 .   ? 9.822   4.272   -13.528 1.00 32.95 ? 356 HOH A O   1 
HETATM 1299 O  O   . HOH E 5 .   ? 4.055   10.751  0.546   1.00 29.65 ? 357 HOH A O   1 
HETATM 1300 O  O   . HOH E 5 .   ? -3.084  -4.997  -10.006 1.00 34.66 ? 358 HOH A O   1 
HETATM 1301 O  O   . HOH E 5 .   ? 13.451  -15.433 -2.960  1.00 36.72 ? 359 HOH A O   1 
HETATM 1302 O  O   . HOH E 5 .   ? 14.779  -13.242 2.423   1.00 35.76 ? 360 HOH A O   1 
HETATM 1303 O  O   . HOH E 5 .   ? -9.610  2.153   14.206  1.00 30.39 ? 361 HOH A O   1 
HETATM 1304 O  O   . HOH E 5 .   ? 12.345  -13.038 3.290   1.00 29.77 ? 362 HOH A O   1 
HETATM 1305 O  O   . HOH E 5 .   ? 11.313  5.263   -4.351  1.00 37.41 ? 363 HOH A O   1 
HETATM 1306 O  O   . HOH E 5 .   ? 7.214   -11.845 7.831   1.00 36.61 ? 364 HOH A O   1 
HETATM 1307 O  O   . HOH E 5 .   ? -4.859  -6.556  -9.118  1.00 35.00 ? 365 HOH A O   1 
HETATM 1308 O  O   . HOH E 5 .   ? -11.263 -6.361  -8.328  1.00 32.54 ? 366 HOH A O   1 
HETATM 1309 O  O   . HOH E 5 .   ? 24.811  -4.425  2.246   1.00 32.38 ? 367 HOH A O   1 
HETATM 1310 O  O   . HOH E 5 .   ? 18.706  -10.397 -5.974  1.00 38.34 ? 368 HOH A O   1 
HETATM 1311 O  O   . HOH E 5 .   ? -3.706  8.255   1.831   1.00 30.07 ? 369 HOH A O   1 
HETATM 1312 O  O   . HOH E 5 .   ? -19.535 10.621  -9.175  1.00 36.42 ? 370 HOH A O   1 
HETATM 1313 O  O   . HOH E 5 .   ? -11.423 9.056   0.992   1.00 27.36 ? 371 HOH A O   1 
HETATM 1314 O  O   . HOH E 5 .   ? -12.546 15.876  -7.788  1.00 36.85 ? 372 HOH A O   1 
HETATM 1315 O  O   . HOH E 5 .   ? -10.620 11.237  -14.699 1.00 37.19 ? 373 HOH A O   1 
HETATM 1316 O  O   . HOH E 5 .   ? 5.858   -11.315 10.608  1.00 37.05 ? 374 HOH A O   1 
HETATM 1317 O  O   . HOH E 5 .   ? 4.263   -12.896 0.939   1.00 36.20 ? 375 HOH A O   1 
HETATM 1318 O  O   . HOH E 5 .   ? 3.055   -14.356 8.845   1.00 41.41 ? 376 HOH A O   1 
HETATM 1319 O  O   . HOH E 5 .   ? 13.378  4.196   -0.323  1.00 30.27 ? 377 HOH A O   1 
HETATM 1320 O  O   . HOH E 5 .   ? 17.407  -11.291 1.813   1.00 35.16 ? 378 HOH A O   1 
HETATM 1321 O  O   . HOH E 5 .   ? 5.229   -15.574 0.319   1.00 41.07 ? 379 HOH A O   1 
HETATM 1322 O  O   . HOH E 5 .   ? 15.469  0.326   8.009   1.00 31.68 ? 380 HOH A O   1 
HETATM 1323 O  O   . HOH E 5 .   ? 0.293   12.925  3.188   1.00 35.44 ? 381 HOH A O   1 
HETATM 1324 O  O   . HOH E 5 .   ? 21.436  -4.491  -3.767  1.00 36.82 ? 382 HOH A O   1 
HETATM 1325 O  O   . HOH E 5 .   ? -1.763  0.691   -18.519 1.00 42.33 ? 383 HOH A O   1 
HETATM 1326 O  O   . HOH E 5 .   ? -16.099 8.005   -15.490 1.00 41.09 ? 384 HOH A O   1 
HETATM 1327 O  O   . HOH E 5 .   ? -16.581 5.378   -3.628  1.00 40.43 ? 385 HOH A O   1 
HETATM 1328 O  O   . HOH E 5 .   ? -15.535 -2.043  3.852   1.00 36.35 ? 386 HOH A O   1 
HETATM 1329 O  O   . HOH E 5 .   ? -0.167  -14.392 5.359   1.00 39.60 ? 387 HOH A O   1 
HETATM 1330 O  O   . HOH E 5 .   ? 11.969  3.027   -2.313  1.00 39.85 ? 388 HOH A O   1 
HETATM 1331 O  O   . HOH E 5 .   ? -16.655 4.326   3.969   1.00 38.90 ? 389 HOH A O   1 
HETATM 1332 O  O   . HOH E 5 .   ? -10.268 11.179  1.949   1.00 42.17 ? 390 HOH A O   1 
HETATM 1333 O  O   . HOH E 5 .   ? 8.020   6.030   12.222  1.00 26.71 ? 391 HOH A O   1 
HETATM 1334 O  O   . HOH E 5 .   ? 3.277   -15.997 1.623   1.00 42.93 ? 392 HOH A O   1 
HETATM 1335 O  O   . HOH E 5 .   ? -14.660 14.525  -9.996  1.00 46.44 ? 393 HOH A O   1 
HETATM 1336 O  O   . HOH E 5 .   ? 1.923   12.316  8.712   1.00 40.89 ? 394 HOH A O   1 
# 
loop_
_pdbx_poly_seq_scheme.asym_id 
_pdbx_poly_seq_scheme.entity_id 
_pdbx_poly_seq_scheme.seq_id 
_pdbx_poly_seq_scheme.mon_id 
_pdbx_poly_seq_scheme.ndb_seq_num 
_pdbx_poly_seq_scheme.pdb_seq_num 
_pdbx_poly_seq_scheme.auth_seq_num 
_pdbx_poly_seq_scheme.pdb_mon_id 
_pdbx_poly_seq_scheme.auth_mon_id 
_pdbx_poly_seq_scheme.pdb_strand_id 
_pdbx_poly_seq_scheme.pdb_ins_code 
_pdbx_poly_seq_scheme.hetero 
A 1 1   GLY 1   1   1   GLY GLY A . n 
A 1 2   LEU 2   2   2   LEU LEU A . n 
A 1 3   SER 3   3   3   SER SER A . n 
A 1 4   ASP 4   4   4   ASP ASP A . n 
A 1 5   GLY 5   5   5   GLY GLY A . n 
A 1 6   GLU 6   6   6   GLU GLU A . n 
A 1 7   TRP 7   7   7   TRP TRP A . n 
A 1 8   GLN 8   8   8   GLN GLN A . n 
A 1 9   GLN 9   9   9   GLN GLN A . n 
A 1 10  VAL 10  10  10  VAL VAL A . n 
A 1 11  LEU 11  11  11  LEU LEU A . n 
A 1 12  ASN 12  12  12  ASN ASN A . n 
A 1 13  VAL 13  13  13  VAL VAL A . n 
A 1 14  TRP 14  14  14  TRP TRP A . n 
A 1 15  GLY 15  15  15  GLY GLY A . n 
A 1 16  LYS 16  16  16  LYS LYS A . n 
A 1 17  VAL 17  17  17  VAL VAL A . n 
A 1 18  GLU 18  18  18  GLU GLU A . n 
A 1 19  ALA 19  19  19  ALA ALA A . n 
A 1 20  ASP 20  20  20  ASP ASP A . n 
A 1 21  ILE 21  21  21  ILE ILE A . n 
A 1 22  ALA 22  22  22  ALA ALA A . n 
A 1 23  GLY 23  23  23  GLY GLY A . n 
A 1 24  HIS 24  24  24  HIS HIS A . n 
A 1 25  GLY 25  25  25  GLY GLY A . n 
A 1 26  GLN 26  26  26  GLN GLN A . n 
A 1 27  GLU 27  27  27  GLU GLU A . n 
A 1 28  VAL 28  28  28  VAL VAL A . n 
A 1 29  LEU 29  29  29  LEU LEU A . n 
A 1 30  ILE 30  30  30  ILE ILE A . n 
A 1 31  ARG 31  31  31  ARG ARG A . n 
A 1 32  LEU 32  32  32  LEU LEU A . n 
A 1 33  PHE 33  33  33  PHE PHE A . n 
A 1 34  THR 34  34  34  THR THR A . n 
A 1 35  GLY 35  35  35  GLY GLY A . n 
A 1 36  HIS 36  36  36  HIS HIS A . n 
A 1 37  PRO 37  37  37  PRO PRO A . n 
A 1 38  GLU 38  38  38  GLU GLU A . n 
A 1 39  THR 39  39  39  THR THR A . n 
A 1 40  LEU 40  40  40  LEU LEU A . n 
A 1 41  GLU 41  41  41  GLU GLU A . n 
A 1 42  LYS 42  42  42  LYS LYS A . n 
A 1 43  PHE 43  43  43  PHE PHE A . n 
A 1 44  ASP 44  44  44  ASP ASP A . n 
A 1 45  LYS 45  45  45  LYS LYS A . n 
A 1 46  PHE 46  46  46  PHE PHE A . n 
A 1 47  LYS 47  47  47  LYS LYS A . n 
A 1 48  HIS 48  48  48  HIS HIS A . n 
A 1 49  LEU 49  49  49  LEU LEU A . n 
A 1 50  LYS 50  50  50  LYS LYS A . n 
A 1 51  THR 51  51  51  THR THR A . n 
A 1 52  GLU 52  52  52  GLU GLU A . n 
A 1 53  ALA 53  53  53  ALA ALA A . n 
A 1 54  GLU 54  54  54  GLU GLU A . n 
A 1 55  MET 55  55  55  MET MET A . n 
A 1 56  LYS 56  56  56  LYS LYS A . n 
A 1 57  ALA 57  57  57  ALA ALA A . n 
A 1 58  SER 58  58  58  SER SER A . n 
A 1 59  GLU 59  59  59  GLU GLU A . n 
A 1 60  ASP 60  60  60  ASP ASP A . n 
A 1 61  LEU 61  61  61  LEU LEU A . n 
A 1 62  LYS 62  62  62  LYS LYS A . n 
A 1 63  LYS 63  63  63  LYS LYS A . n 
A 1 64  HIS 64  64  64  HIS HIS A . n 
A 1 65  GLY 65  65  65  GLY GLY A . n 
A 1 66  THR 66  66  66  THR THR A . n 
A 1 67  VAL 67  67  67  VAL VAL A . n 
A 1 68  VAL 68  68  68  VAL VAL A . n 
A 1 69  LEU 69  69  69  LEU LEU A . n 
A 1 70  THR 70  70  70  THR THR A . n 
A 1 71  ALA 71  71  71  ALA ALA A . n 
A 1 72  LEU 72  72  72  LEU LEU A . n 
A 1 73  GLY 73  73  73  GLY GLY A . n 
A 1 74  GLY 74  74  74  GLY GLY A . n 
A 1 75  ILE 75  75  75  ILE ILE A . n 
A 1 76  LEU 76  76  76  LEU LEU A . n 
A 1 77  LYS 77  77  77  LYS LYS A . n 
A 1 78  LYS 78  78  78  LYS LYS A . n 
A 1 79  LYS 79  79  79  LYS LYS A . n 
A 1 80  GLY 80  80  80  GLY GLY A . n 
A 1 81  HIS 81  81  81  HIS HIS A . n 
A 1 82  HIS 82  82  82  HIS HIS A . n 
A 1 83  GLU 83  83  83  GLU GLU A . n 
A 1 84  ALA 84  84  84  ALA ALA A . n 
A 1 85  GLU 85  85  85  GLU GLU A . n 
A 1 86  LEU 86  86  86  LEU LEU A . n 
A 1 87  LYS 87  87  87  LYS LYS A . n 
A 1 88  PRO 88  88  88  PRO PRO A . n 
A 1 89  LEU 89  89  89  LEU LEU A . n 
A 1 90  ALA 90  90  90  ALA ALA A . n 
A 1 91  GLN 91  91  91  GLN GLN A . n 
A 1 92  SER 92  92  92  SER SER A . n 
A 1 93  HIS 93  93  93  HIS HIS A . n 
A 1 94  ALA 94  94  94  ALA ALA A . n 
A 1 95  THR 95  95  95  THR THR A . n 
A 1 96  LYS 96  96  96  LYS LYS A . n 
A 1 97  HIS 97  97  97  HIS HIS A . n 
A 1 98  LYS 98  98  98  LYS LYS A . n 
A 1 99  ILE 99  99  99  ILE ILE A . n 
A 1 100 PRO 100 100 100 PRO PRO A . n 
A 1 101 ILE 101 101 101 ILE ILE A . n 
A 1 102 LYS 102 102 102 LYS LYS A . n 
A 1 103 TYR 103 103 103 TYR TYR A . n 
A 1 104 LEU 104 104 104 LEU LEU A . n 
A 1 105 GLU 105 105 105 GLU GLU A . n 
A 1 106 PHE 106 106 106 PHE PHE A . n 
A 1 107 ILE 107 107 107 ILE ILE A . n 
A 1 108 SER 108 108 108 SER SER A . n 
A 1 109 ASP 109 109 109 ASP ASP A . n 
A 1 110 ALA 110 110 110 ALA ALA A . n 
A 1 111 ILE 111 111 111 ILE ILE A . n 
A 1 112 ILE 112 112 112 ILE ILE A . n 
A 1 113 HIS 113 113 113 HIS HIS A . n 
A 1 114 VAL 114 114 114 VAL VAL A . n 
A 1 115 LEU 115 115 115 LEU LEU A . n 
A 1 116 HIS 116 116 116 HIS HIS A . n 
A 1 117 SER 117 117 117 SER SER A . n 
A 1 118 LYS 118 118 118 LYS LYS A . n 
A 1 119 HIS 119 119 119 HIS HIS A . n 
A 1 120 PRO 120 120 120 PRO PRO A . n 
A 1 121 GLY 121 121 121 GLY GLY A . n 
A 1 122 ASP 122 122 122 ASP ASP A . n 
A 1 123 PHE 123 123 123 PHE PHE A . n 
A 1 124 GLY 124 124 124 GLY GLY A . n 
A 1 125 ALA 125 125 125 ALA ALA A . n 
A 1 126 ASP 126 126 126 ASP ASP A . n 
A 1 127 ALA 127 127 127 ALA ALA A . n 
A 1 128 GLN 128 128 128 GLN GLN A . n 
A 1 129 GLY 129 129 129 GLY GLY A . n 
A 1 130 ALA 130 130 130 ALA ALA A . n 
A 1 131 MET 131 131 131 MET MET A . n 
A 1 132 THR 132 132 132 THR THR A . n 
A 1 133 LYS 133 133 133 LYS LYS A . n 
A 1 134 ALA 134 134 134 ALA ALA A . n 
A 1 135 LEU 135 135 135 LEU LEU A . n 
A 1 136 GLU 136 136 136 GLU GLU A . n 
A 1 137 LEU 137 137 137 LEU LEU A . n 
A 1 138 PHE 138 138 138 PHE PHE A . n 
A 1 139 ARG 139 139 139 ARG ARG A . n 
A 1 140 ASN 140 140 140 ASN ASN A . n 
A 1 141 ASP 141 141 141 ASP ASP A . n 
A 1 142 ILE 142 142 142 ILE ILE A . n 
A 1 143 ALA 143 143 143 ALA ALA A . n 
A 1 144 ALA 144 144 144 ALA ALA A . n 
A 1 145 LYS 145 145 145 LYS LYS A . n 
A 1 146 TYR 146 146 146 TYR TYR A . n 
A 1 147 LYS 147 147 147 LYS LYS A . n 
A 1 148 GLU 148 148 148 GLU GLU A . n 
A 1 149 LEU 149 149 149 LEU LEU A . n 
A 1 150 GLY 150 150 150 GLY GLY A . n 
A 1 151 PHE 151 151 151 PHE PHE A . n 
A 1 152 GLN 152 152 ?   ?   ?   A . n 
A 1 153 GLY 153 153 ?   ?   ?   A . n 
# 
loop_
_pdbx_nonpoly_scheme.asym_id 
_pdbx_nonpoly_scheme.entity_id 
_pdbx_nonpoly_scheme.mon_id 
_pdbx_nonpoly_scheme.ndb_seq_num 
_pdbx_nonpoly_scheme.pdb_seq_num 
_pdbx_nonpoly_scheme.auth_seq_num 
_pdbx_nonpoly_scheme.pdb_mon_id 
_pdbx_nonpoly_scheme.auth_mon_id 
_pdbx_nonpoly_scheme.pdb_strand_id 
_pdbx_nonpoly_scheme.pdb_ins_code 
B 2 NTE 1  201 154 NTE NTE A . 
C 3 NO2 1  202 1   NO2 NO2 A . 
D 4 SO4 1  203 2   SO4 SO4 A . 
E 5 HOH 1  301 1   HOH HOH A . 
E 5 HOH 2  302 2   HOH HOH A . 
E 5 HOH 3  303 3   HOH HOH A . 
E 5 HOH 4  304 4   HOH HOH A . 
E 5 HOH 5  305 5   HOH HOH A . 
E 5 HOH 6  306 6   HOH HOH A . 
E 5 HOH 7  307 7   HOH HOH A . 
E 5 HOH 8  308 8   HOH HOH A . 
E 5 HOH 9  309 9   HOH HOH A . 
E 5 HOH 10 310 10  HOH HOH A . 
E 5 HOH 11 311 11  HOH HOH A . 
E 5 HOH 12 312 12  HOH HOH A . 
E 5 HOH 13 313 13  HOH HOH A . 
E 5 HOH 14 314 14  HOH HOH A . 
E 5 HOH 15 315 15  HOH HOH A . 
E 5 HOH 16 316 16  HOH HOH A . 
E 5 HOH 17 317 17  HOH HOH A . 
E 5 HOH 18 318 18  HOH HOH A . 
E 5 HOH 19 319 19  HOH HOH A . 
E 5 HOH 20 320 20  HOH HOH A . 
E 5 HOH 21 321 21  HOH HOH A . 
E 5 HOH 22 322 22  HOH HOH A . 
E 5 HOH 23 323 23  HOH HOH A . 
E 5 HOH 24 324 24  HOH HOH A . 
E 5 HOH 25 325 25  HOH HOH A . 
E 5 HOH 26 326 26  HOH HOH A . 
E 5 HOH 27 327 27  HOH HOH A . 
E 5 HOH 28 328 28  HOH HOH A . 
E 5 HOH 29 329 29  HOH HOH A . 
E 5 HOH 30 330 30  HOH HOH A . 
E 5 HOH 31 331 31  HOH HOH A . 
E 5 HOH 32 332 32  HOH HOH A . 
E 5 HOH 33 333 33  HOH HOH A . 
E 5 HOH 34 334 34  HOH HOH A . 
E 5 HOH 35 335 35  HOH HOH A . 
E 5 HOH 36 336 36  HOH HOH A . 
E 5 HOH 37 337 37  HOH HOH A . 
E 5 HOH 38 338 38  HOH HOH A . 
E 5 HOH 39 339 39  HOH HOH A . 
E 5 HOH 40 340 40  HOH HOH A . 
E 5 HOH 41 341 41  HOH HOH A . 
E 5 HOH 42 342 42  HOH HOH A . 
E 5 HOH 43 343 43  HOH HOH A . 
E 5 HOH 44 344 44  HOH HOH A . 
E 5 HOH 45 345 45  HOH HOH A . 
E 5 HOH 46 346 46  HOH HOH A . 
E 5 HOH 47 347 47  HOH HOH A . 
E 5 HOH 48 348 48  HOH HOH A . 
E 5 HOH 49 349 49  HOH HOH A . 
E 5 HOH 50 350 50  HOH HOH A . 
E 5 HOH 51 351 51  HOH HOH A . 
E 5 HOH 52 352 52  HOH HOH A . 
E 5 HOH 53 353 53  HOH HOH A . 
E 5 HOH 54 354 54  HOH HOH A . 
E 5 HOH 55 355 55  HOH HOH A . 
E 5 HOH 56 356 56  HOH HOH A . 
E 5 HOH 57 357 57  HOH HOH A . 
E 5 HOH 58 358 58  HOH HOH A . 
E 5 HOH 59 359 59  HOH HOH A . 
E 5 HOH 60 360 60  HOH HOH A . 
E 5 HOH 61 361 61  HOH HOH A . 
E 5 HOH 62 362 62  HOH HOH A . 
E 5 HOH 63 363 63  HOH HOH A . 
E 5 HOH 64 364 64  HOH HOH A . 
E 5 HOH 65 365 65  HOH HOH A . 
E 5 HOH 66 366 66  HOH HOH A . 
E 5 HOH 67 367 67  HOH HOH A . 
E 5 HOH 68 368 68  HOH HOH A . 
E 5 HOH 69 369 69  HOH HOH A . 
E 5 HOH 70 370 70  HOH HOH A . 
E 5 HOH 71 371 71  HOH HOH A . 
E 5 HOH 72 372 72  HOH HOH A . 
E 5 HOH 73 373 73  HOH HOH A . 
E 5 HOH 74 374 74  HOH HOH A . 
E 5 HOH 75 375 75  HOH HOH A . 
E 5 HOH 76 376 76  HOH HOH A . 
E 5 HOH 77 377 77  HOH HOH A . 
E 5 HOH 78 378 78  HOH HOH A . 
E 5 HOH 79 379 79  HOH HOH A . 
E 5 HOH 80 380 80  HOH HOH A . 
E 5 HOH 81 381 81  HOH HOH A . 
E 5 HOH 82 382 82  HOH HOH A . 
E 5 HOH 83 383 83  HOH HOH A . 
E 5 HOH 84 384 84  HOH HOH A . 
E 5 HOH 85 385 85  HOH HOH A . 
E 5 HOH 86 386 86  HOH HOH A . 
E 5 HOH 87 387 87  HOH HOH A . 
E 5 HOH 88 388 88  HOH HOH A . 
E 5 HOH 89 389 89  HOH HOH A . 
E 5 HOH 90 390 90  HOH HOH A . 
E 5 HOH 91 391 91  HOH HOH A . 
E 5 HOH 92 392 92  HOH HOH A . 
E 5 HOH 93 393 93  HOH HOH A . 
E 5 HOH 94 394 94  HOH HOH A . 
# 
_pdbx_struct_assembly.id                   1 
_pdbx_struct_assembly.details              author_and_software_defined_assembly 
_pdbx_struct_assembly.method_details       PISA 
_pdbx_struct_assembly.oligomeric_details   monomeric 
_pdbx_struct_assembly.oligomeric_count     1 
# 
_pdbx_struct_assembly_gen.assembly_id       1 
_pdbx_struct_assembly_gen.oper_expression   1 
_pdbx_struct_assembly_gen.asym_id_list      A,B,C,D,E 
# 
_pdbx_struct_oper_list.id                   1 
_pdbx_struct_oper_list.type                 'identity operation' 
_pdbx_struct_oper_list.name                 1_555 
_pdbx_struct_oper_list.symmetry_operation   x,y,z 
_pdbx_struct_oper_list.matrix[1][1]         1.0000000000 
_pdbx_struct_oper_list.matrix[1][2]         0.0000000000 
_pdbx_struct_oper_list.matrix[1][3]         0.0000000000 
_pdbx_struct_oper_list.vector[1]            0.0000000000 
_pdbx_struct_oper_list.matrix[2][1]         0.0000000000 
_pdbx_struct_oper_list.matrix[2][2]         1.0000000000 
_pdbx_struct_oper_list.matrix[2][3]         0.0000000000 
_pdbx_struct_oper_list.vector[2]            0.0000000000 
_pdbx_struct_oper_list.matrix[3][1]         0.0000000000 
_pdbx_struct_oper_list.matrix[3][2]         0.0000000000 
_pdbx_struct_oper_list.matrix[3][3]         1.0000000000 
_pdbx_struct_oper_list.vector[3]            0.0000000000 
# 
loop_
_pdbx_struct_conn_angle.id 
_pdbx_struct_conn_angle.ptnr1_label_atom_id 
_pdbx_struct_conn_angle.ptnr1_label_alt_id 
_pdbx_struct_conn_angle.ptnr1_label_asym_id 
_pdbx_struct_conn_angle.ptnr1_label_comp_id 
_pdbx_struct_conn_angle.ptnr1_label_seq_id 
_pdbx_struct_conn_angle.ptnr1_auth_atom_id 
_pdbx_struct_conn_angle.ptnr1_auth_asym_id 
_pdbx_struct_conn_angle.ptnr1_auth_comp_id 
_pdbx_struct_conn_angle.ptnr1_auth_seq_id 
_pdbx_struct_conn_angle.ptnr1_PDB_ins_code 
_pdbx_struct_conn_angle.ptnr1_symmetry 
_pdbx_struct_conn_angle.ptnr2_label_atom_id 
_pdbx_struct_conn_angle.ptnr2_label_alt_id 
_pdbx_struct_conn_angle.ptnr2_label_asym_id 
_pdbx_struct_conn_angle.ptnr2_label_comp_id 
_pdbx_struct_conn_angle.ptnr2_label_seq_id 
_pdbx_struct_conn_angle.ptnr2_auth_atom_id 
_pdbx_struct_conn_angle.ptnr2_auth_asym_id 
_pdbx_struct_conn_angle.ptnr2_auth_comp_id 
_pdbx_struct_conn_angle.ptnr2_auth_seq_id 
_pdbx_struct_conn_angle.ptnr2_PDB_ins_code 
_pdbx_struct_conn_angle.ptnr2_symmetry 
_pdbx_struct_conn_angle.ptnr3_label_atom_id 
_pdbx_struct_conn_angle.ptnr3_label_alt_id 
_pdbx_struct_conn_angle.ptnr3_label_asym_id 
_pdbx_struct_conn_angle.ptnr3_label_comp_id 
_pdbx_struct_conn_angle.ptnr3_label_seq_id 
_pdbx_struct_conn_angle.ptnr3_auth_atom_id 
_pdbx_struct_conn_angle.ptnr3_auth_asym_id 
_pdbx_struct_conn_angle.ptnr3_auth_comp_id 
_pdbx_struct_conn_angle.ptnr3_auth_seq_id 
_pdbx_struct_conn_angle.ptnr3_PDB_ins_code 
_pdbx_struct_conn_angle.ptnr3_symmetry 
_pdbx_struct_conn_angle.value 
_pdbx_struct_conn_angle.value_esd 
1  NE2 ? A HIS 93 ? A HIS 93  ? 1_555 FE ? B NTE . ? A NTE 201 ? 1_555 N  ? B NTE . ? A NTE 201 ? 1_555 93.0  ? 
2  NE2 ? A HIS 93 ? A HIS 93  ? 1_555 FE ? B NTE . ? A NTE 201 ? 1_555 NA ? B NTE . ? A NTE 201 ? 1_555 88.8  ? 
3  N   ? B NTE .  ? A NTE 201 ? 1_555 FE ? B NTE . ? A NTE 201 ? 1_555 NA ? B NTE . ? A NTE 201 ? 1_555 178.2 ? 
4  NE2 ? A HIS 93 ? A HIS 93  ? 1_555 FE ? B NTE . ? A NTE 201 ? 1_555 NB ? B NTE . ? A NTE 201 ? 1_555 88.9  ? 
5  N   ? B NTE .  ? A NTE 201 ? 1_555 FE ? B NTE . ? A NTE 201 ? 1_555 NB ? B NTE . ? A NTE 201 ? 1_555 90.2  ? 
6  NA  ? B NTE .  ? A NTE 201 ? 1_555 FE ? B NTE . ? A NTE 201 ? 1_555 NB ? B NTE . ? A NTE 201 ? 1_555 89.8  ? 
7  NE2 ? A HIS 93 ? A HIS 93  ? 1_555 FE ? B NTE . ? A NTE 201 ? 1_555 ND ? B NTE . ? A NTE 201 ? 1_555 91.6  ? 
8  N   ? B NTE .  ? A NTE 201 ? 1_555 FE ? B NTE . ? A NTE 201 ? 1_555 ND ? B NTE . ? A NTE 201 ? 1_555 89.2  ? 
9  NA  ? B NTE .  ? A NTE 201 ? 1_555 FE ? B NTE . ? A NTE 201 ? 1_555 ND ? B NTE . ? A NTE 201 ? 1_555 90.7  ? 
10 NB  ? B NTE .  ? A NTE 201 ? 1_555 FE ? B NTE . ? A NTE 201 ? 1_555 ND ? B NTE . ? A NTE 201 ? 1_555 179.3 ? 
11 NE2 ? A HIS 93 ? A HIS 93  ? 1_555 FE ? B NTE . ? A NTE 201 ? 1_555 O1 ? C NO2 . ? A NO2 202 ? 1_555 178.0 ? 
12 N   ? B NTE .  ? A NTE 201 ? 1_555 FE ? B NTE . ? A NTE 201 ? 1_555 O1 ? C NO2 . ? A NO2 202 ? 1_555 87.7  ? 
13 NA  ? B NTE .  ? A NTE 201 ? 1_555 FE ? B NTE . ? A NTE 201 ? 1_555 O1 ? C NO2 . ? A NO2 202 ? 1_555 90.5  ? 
14 NB  ? B NTE .  ? A NTE 201 ? 1_555 FE ? B NTE . ? A NTE 201 ? 1_555 O1 ? C NO2 . ? A NO2 202 ? 1_555 93.0  ? 
15 ND  ? B NTE .  ? A NTE 201 ? 1_555 FE ? B NTE . ? A NTE 201 ? 1_555 O1 ? C NO2 . ? A NO2 202 ? 1_555 86.5  ? 
16 NE2 ? A HIS 93 ? A HIS 93  ? 1_555 FE ? B NTE . ? A NTE 201 ? 1_555 N  ? C NO2 . ? A NO2 202 ? 1_555 155.2 ? 
17 N   ? B NTE .  ? A NTE 201 ? 1_555 FE ? B NTE . ? A NTE 201 ? 1_555 N  ? C NO2 . ? A NO2 202 ? 1_555 67.1  ? 
18 NA  ? B NTE .  ? A NTE 201 ? 1_555 FE ? B NTE . ? A NTE 201 ? 1_555 N  ? C NO2 . ? A NO2 202 ? 1_555 111.2 ? 
19 NB  ? B NTE .  ? A NTE 201 ? 1_555 FE ? B NTE . ? A NTE 201 ? 1_555 N  ? C NO2 . ? A NO2 202 ? 1_555 77.0  ? 
20 ND  ? B NTE .  ? A NTE 201 ? 1_555 FE ? B NTE . ? A NTE 201 ? 1_555 N  ? C NO2 . ? A NO2 202 ? 1_555 102.4 ? 
21 O1  ? C NO2 .  ? A NO2 202 ? 1_555 FE ? B NTE . ? A NTE 201 ? 1_555 N  ? C NO2 . ? A NO2 202 ? 1_555 26.5  ? 
# 
loop_
_pdbx_audit_revision_history.ordinal 
_pdbx_audit_revision_history.data_content_type 
_pdbx_audit_revision_history.major_revision 
_pdbx_audit_revision_history.minor_revision 
_pdbx_audit_revision_history.revision_date 
1 'Structure model' 1 0 2012-04-11 
2 'Structure model' 1 1 2023-11-08 
# 
_pdbx_audit_revision_details.ordinal             1 
_pdbx_audit_revision_details.revision_ordinal    1 
_pdbx_audit_revision_details.data_content_type   'Structure model' 
_pdbx_audit_revision_details.provider            repository 
_pdbx_audit_revision_details.type                'Initial release' 
_pdbx_audit_revision_details.description         ? 
_pdbx_audit_revision_details.details             ? 
# 
loop_
_pdbx_audit_revision_group.ordinal 
_pdbx_audit_revision_group.revision_ordinal 
_pdbx_audit_revision_group.data_content_type 
_pdbx_audit_revision_group.group 
1 2 'Structure model' 'Data collection'        
2 2 'Structure model' 'Database references'    
3 2 'Structure model' 'Derived calculations'   
4 2 'Structure model' 'Refinement description' 
5 2 'Structure model' 'Structure summary'      
# 
loop_
_pdbx_audit_revision_category.ordinal 
_pdbx_audit_revision_category.revision_ordinal 
_pdbx_audit_revision_category.data_content_type 
_pdbx_audit_revision_category.category 
1  2 'Structure model' chem_comp                     
2  2 'Structure model' chem_comp_atom                
3  2 'Structure model' chem_comp_bond                
4  2 'Structure model' database_2                    
5  2 'Structure model' entity                        
6  2 'Structure model' pdbx_entity_nonpoly           
7  2 'Structure model' pdbx_initial_refinement_model 
8  2 'Structure model' pdbx_struct_conn_angle        
9  2 'Structure model' struct_conn                   
10 2 'Structure model' struct_site                   
# 
loop_
_pdbx_audit_revision_item.ordinal 
_pdbx_audit_revision_item.revision_ordinal 
_pdbx_audit_revision_item.data_content_type 
_pdbx_audit_revision_item.item 
1  2 'Structure model' '_chem_comp.name'                             
2  2 'Structure model' '_database_2.pdbx_DOI'                        
3  2 'Structure model' '_database_2.pdbx_database_accession'         
4  2 'Structure model' '_entity.pdbx_description'                    
5  2 'Structure model' '_pdbx_entity_nonpoly.name'                   
6  2 'Structure model' '_pdbx_struct_conn_angle.ptnr1_auth_comp_id'  
7  2 'Structure model' '_pdbx_struct_conn_angle.ptnr1_auth_seq_id'   
8  2 'Structure model' '_pdbx_struct_conn_angle.ptnr1_label_asym_id' 
9  2 'Structure model' '_pdbx_struct_conn_angle.ptnr1_label_atom_id' 
10 2 'Structure model' '_pdbx_struct_conn_angle.ptnr1_label_comp_id' 
11 2 'Structure model' '_pdbx_struct_conn_angle.ptnr1_label_seq_id'  
12 2 'Structure model' '_pdbx_struct_conn_angle.ptnr3_auth_comp_id'  
13 2 'Structure model' '_pdbx_struct_conn_angle.ptnr3_auth_seq_id'   
14 2 'Structure model' '_pdbx_struct_conn_angle.ptnr3_label_asym_id' 
15 2 'Structure model' '_pdbx_struct_conn_angle.ptnr3_label_atom_id' 
16 2 'Structure model' '_pdbx_struct_conn_angle.ptnr3_label_comp_id' 
17 2 'Structure model' '_pdbx_struct_conn_angle.ptnr3_label_seq_id'  
18 2 'Structure model' '_pdbx_struct_conn_angle.value'               
19 2 'Structure model' '_struct_conn.pdbx_dist_value'                
20 2 'Structure model' '_struct_conn.ptnr1_auth_comp_id'             
21 2 'Structure model' '_struct_conn.ptnr1_auth_seq_id'              
22 2 'Structure model' '_struct_conn.ptnr1_label_asym_id'            
23 2 'Structure model' '_struct_conn.ptnr1_label_atom_id'            
24 2 'Structure model' '_struct_conn.ptnr1_label_comp_id'            
25 2 'Structure model' '_struct_conn.ptnr1_label_seq_id'             
26 2 'Structure model' '_struct_conn.ptnr2_auth_comp_id'             
27 2 'Structure model' '_struct_conn.ptnr2_auth_seq_id'              
28 2 'Structure model' '_struct_conn.ptnr2_label_asym_id'            
29 2 'Structure model' '_struct_conn.ptnr2_label_atom_id'            
30 2 'Structure model' '_struct_conn.ptnr2_label_comp_id'            
31 2 'Structure model' '_struct_site.pdbx_auth_asym_id'              
32 2 'Structure model' '_struct_site.pdbx_auth_comp_id'              
33 2 'Structure model' '_struct_site.pdbx_auth_seq_id'               
# 
loop_
_software.name 
_software.classification 
_software.version 
_software.citation_id 
_software.pdbx_ordinal 
CrystalClear 'data collection' .        ? 1 
PHASER       phasing           .        ? 2 
REFMAC       refinement        5.5.0109 ? 3 
d*TREK       'data reduction'  .        ? 4 
d*TREK       'data scaling'    .        ? 5 
# 
_pdbx_validate_close_contact.id               1 
_pdbx_validate_close_contact.PDB_model_num    1 
_pdbx_validate_close_contact.auth_atom_id_1   OG 
_pdbx_validate_close_contact.auth_asym_id_1   A 
_pdbx_validate_close_contact.auth_comp_id_1   SER 
_pdbx_validate_close_contact.auth_seq_id_1    108 
_pdbx_validate_close_contact.PDB_ins_code_1   ? 
_pdbx_validate_close_contact.label_alt_id_1   A 
_pdbx_validate_close_contact.auth_atom_id_2   O 
_pdbx_validate_close_contact.auth_asym_id_2   A 
_pdbx_validate_close_contact.auth_comp_id_2   HOH 
_pdbx_validate_close_contact.auth_seq_id_2    333 
_pdbx_validate_close_contact.PDB_ins_code_2   ? 
_pdbx_validate_close_contact.label_alt_id_2   ? 
_pdbx_validate_close_contact.dist             2.09 
# 
_pdbx_validate_rmsd_bond.id                        1 
_pdbx_validate_rmsd_bond.PDB_model_num             1 
_pdbx_validate_rmsd_bond.auth_atom_id_1            CB 
_pdbx_validate_rmsd_bond.auth_asym_id_1            A 
_pdbx_validate_rmsd_bond.auth_comp_id_1            GLU 
_pdbx_validate_rmsd_bond.auth_seq_id_1             148 
_pdbx_validate_rmsd_bond.PDB_ins_code_1            ? 
_pdbx_validate_rmsd_bond.label_alt_id_1            ? 
_pdbx_validate_rmsd_bond.auth_atom_id_2            CG 
_pdbx_validate_rmsd_bond.auth_asym_id_2            A 
_pdbx_validate_rmsd_bond.auth_comp_id_2            GLU 
_pdbx_validate_rmsd_bond.auth_seq_id_2             148 
_pdbx_validate_rmsd_bond.PDB_ins_code_2            ? 
_pdbx_validate_rmsd_bond.label_alt_id_2            ? 
_pdbx_validate_rmsd_bond.bond_value                1.391 
_pdbx_validate_rmsd_bond.bond_target_value         1.517 
_pdbx_validate_rmsd_bond.bond_deviation            -0.126 
_pdbx_validate_rmsd_bond.bond_standard_deviation   0.019 
_pdbx_validate_rmsd_bond.linker_flag               N 
# 
_pdbx_validate_rmsd_angle.id                         1 
_pdbx_validate_rmsd_angle.PDB_model_num              1 
_pdbx_validate_rmsd_angle.auth_atom_id_1             CB 
_pdbx_validate_rmsd_angle.auth_asym_id_1             A 
_pdbx_validate_rmsd_angle.auth_comp_id_1             ASP 
_pdbx_validate_rmsd_angle.auth_seq_id_1              141 
_pdbx_validate_rmsd_angle.PDB_ins_code_1             ? 
_pdbx_validate_rmsd_angle.label_alt_id_1             ? 
_pdbx_validate_rmsd_angle.auth_atom_id_2             CG 
_pdbx_validate_rmsd_angle.auth_asym_id_2             A 
_pdbx_validate_rmsd_angle.auth_comp_id_2             ASP 
_pdbx_validate_rmsd_angle.auth_seq_id_2              141 
_pdbx_validate_rmsd_angle.PDB_ins_code_2             ? 
_pdbx_validate_rmsd_angle.label_alt_id_2             ? 
_pdbx_validate_rmsd_angle.auth_atom_id_3             OD1 
_pdbx_validate_rmsd_angle.auth_asym_id_3             A 
_pdbx_validate_rmsd_angle.auth_comp_id_3             ASP 
_pdbx_validate_rmsd_angle.auth_seq_id_3              141 
_pdbx_validate_rmsd_angle.PDB_ins_code_3             ? 
_pdbx_validate_rmsd_angle.label_alt_id_3             ? 
_pdbx_validate_rmsd_angle.angle_value                125.51 
_pdbx_validate_rmsd_angle.angle_target_value         118.30 
_pdbx_validate_rmsd_angle.angle_deviation            7.21 
_pdbx_validate_rmsd_angle.angle_standard_deviation   0.90 
_pdbx_validate_rmsd_angle.linker_flag                N 
# 
_pdbx_validate_torsion.id              1 
_pdbx_validate_torsion.PDB_model_num   1 
_pdbx_validate_torsion.auth_comp_id    ASP 
_pdbx_validate_torsion.auth_asym_id    A 
_pdbx_validate_torsion.auth_seq_id     20 
_pdbx_validate_torsion.PDB_ins_code    ? 
_pdbx_validate_torsion.label_alt_id    ? 
_pdbx_validate_torsion.phi             -153.45 
_pdbx_validate_torsion.psi             76.43 
# 
loop_
_pdbx_unobs_or_zero_occ_residues.id 
_pdbx_unobs_or_zero_occ_residues.PDB_model_num 
_pdbx_unobs_or_zero_occ_residues.polymer_flag 
_pdbx_unobs_or_zero_occ_residues.occupancy_flag 
_pdbx_unobs_or_zero_occ_residues.auth_asym_id 
_pdbx_unobs_or_zero_occ_residues.auth_comp_id 
_pdbx_unobs_or_zero_occ_residues.auth_seq_id 
_pdbx_unobs_or_zero_occ_residues.PDB_ins_code 
_pdbx_unobs_or_zero_occ_residues.label_asym_id 
_pdbx_unobs_or_zero_occ_residues.label_comp_id 
_pdbx_unobs_or_zero_occ_residues.label_seq_id 
1 1 Y 1 A GLN 152 ? A GLN 152 
2 1 Y 1 A GLY 153 ? A GLY 153 
# 
loop_
_chem_comp_atom.comp_id 
_chem_comp_atom.atom_id 
_chem_comp_atom.type_symbol 
_chem_comp_atom.pdbx_aromatic_flag 
_chem_comp_atom.pdbx_stereo_config 
_chem_comp_atom.pdbx_ordinal 
ALA N    N  N N 1   
ALA CA   C  N S 2   
ALA C    C  N N 3   
ALA O    O  N N 4   
ALA CB   C  N N 5   
ALA OXT  O  N N 6   
ALA H    H  N N 7   
ALA H2   H  N N 8   
ALA HA   H  N N 9   
ALA HB1  H  N N 10  
ALA HB2  H  N N 11  
ALA HB3  H  N N 12  
ALA HXT  H  N N 13  
ARG N    N  N N 14  
ARG CA   C  N S 15  
ARG C    C  N N 16  
ARG O    O  N N 17  
ARG CB   C  N N 18  
ARG CG   C  N N 19  
ARG CD   C  N N 20  
ARG NE   N  N N 21  
ARG CZ   C  N N 22  
ARG NH1  N  N N 23  
ARG NH2  N  N N 24  
ARG OXT  O  N N 25  
ARG H    H  N N 26  
ARG H2   H  N N 27  
ARG HA   H  N N 28  
ARG HB2  H  N N 29  
ARG HB3  H  N N 30  
ARG HG2  H  N N 31  
ARG HG3  H  N N 32  
ARG HD2  H  N N 33  
ARG HD3  H  N N 34  
ARG HE   H  N N 35  
ARG HH11 H  N N 36  
ARG HH12 H  N N 37  
ARG HH21 H  N N 38  
ARG HH22 H  N N 39  
ARG HXT  H  N N 40  
ASN N    N  N N 41  
ASN CA   C  N S 42  
ASN C    C  N N 43  
ASN O    O  N N 44  
ASN CB   C  N N 45  
ASN CG   C  N N 46  
ASN OD1  O  N N 47  
ASN ND2  N  N N 48  
ASN OXT  O  N N 49  
ASN H    H  N N 50  
ASN H2   H  N N 51  
ASN HA   H  N N 52  
ASN HB2  H  N N 53  
ASN HB3  H  N N 54  
ASN HD21 H  N N 55  
ASN HD22 H  N N 56  
ASN HXT  H  N N 57  
ASP N    N  N N 58  
ASP CA   C  N S 59  
ASP C    C  N N 60  
ASP O    O  N N 61  
ASP CB   C  N N 62  
ASP CG   C  N N 63  
ASP OD1  O  N N 64  
ASP OD2  O  N N 65  
ASP OXT  O  N N 66  
ASP H    H  N N 67  
ASP H2   H  N N 68  
ASP HA   H  N N 69  
ASP HB2  H  N N 70  
ASP HB3  H  N N 71  
ASP HD2  H  N N 72  
ASP HXT  H  N N 73  
GLN N    N  N N 74  
GLN CA   C  N S 75  
GLN C    C  N N 76  
GLN O    O  N N 77  
GLN CB   C  N N 78  
GLN CG   C  N N 79  
GLN CD   C  N N 80  
GLN OE1  O  N N 81  
GLN NE2  N  N N 82  
GLN OXT  O  N N 83  
GLN H    H  N N 84  
GLN H2   H  N N 85  
GLN HA   H  N N 86  
GLN HB2  H  N N 87  
GLN HB3  H  N N 88  
GLN HG2  H  N N 89  
GLN HG3  H  N N 90  
GLN HE21 H  N N 91  
GLN HE22 H  N N 92  
GLN HXT  H  N N 93  
GLU N    N  N N 94  
GLU CA   C  N S 95  
GLU C    C  N N 96  
GLU O    O  N N 97  
GLU CB   C  N N 98  
GLU CG   C  N N 99  
GLU CD   C  N N 100 
GLU OE1  O  N N 101 
GLU OE2  O  N N 102 
GLU OXT  O  N N 103 
GLU H    H  N N 104 
GLU H2   H  N N 105 
GLU HA   H  N N 106 
GLU HB2  H  N N 107 
GLU HB3  H  N N 108 
GLU HG2  H  N N 109 
GLU HG3  H  N N 110 
GLU HE2  H  N N 111 
GLU HXT  H  N N 112 
GLY N    N  N N 113 
GLY CA   C  N N 114 
GLY C    C  N N 115 
GLY O    O  N N 116 
GLY OXT  O  N N 117 
GLY H    H  N N 118 
GLY H2   H  N N 119 
GLY HA2  H  N N 120 
GLY HA3  H  N N 121 
GLY HXT  H  N N 122 
HIS N    N  N N 123 
HIS CA   C  N S 124 
HIS C    C  N N 125 
HIS O    O  N N 126 
HIS CB   C  N N 127 
HIS CG   C  Y N 128 
HIS ND1  N  Y N 129 
HIS CD2  C  Y N 130 
HIS CE1  C  Y N 131 
HIS NE2  N  Y N 132 
HIS OXT  O  N N 133 
HIS H    H  N N 134 
HIS H2   H  N N 135 
HIS HA   H  N N 136 
HIS HB2  H  N N 137 
HIS HB3  H  N N 138 
HIS HD1  H  N N 139 
HIS HD2  H  N N 140 
HIS HE1  H  N N 141 
HIS HE2  H  N N 142 
HIS HXT  H  N N 143 
HOH O    O  N N 144 
HOH H1   H  N N 145 
HOH H2   H  N N 146 
ILE N    N  N N 147 
ILE CA   C  N S 148 
ILE C    C  N N 149 
ILE O    O  N N 150 
ILE CB   C  N S 151 
ILE CG1  C  N N 152 
ILE CG2  C  N N 153 
ILE CD1  C  N N 154 
ILE OXT  O  N N 155 
ILE H    H  N N 156 
ILE H2   H  N N 157 
ILE HA   H  N N 158 
ILE HB   H  N N 159 
ILE HG12 H  N N 160 
ILE HG13 H  N N 161 
ILE HG21 H  N N 162 
ILE HG22 H  N N 163 
ILE HG23 H  N N 164 
ILE HD11 H  N N 165 
ILE HD12 H  N N 166 
ILE HD13 H  N N 167 
ILE HXT  H  N N 168 
LEU N    N  N N 169 
LEU CA   C  N S 170 
LEU C    C  N N 171 
LEU O    O  N N 172 
LEU CB   C  N N 173 
LEU CG   C  N N 174 
LEU CD1  C  N N 175 
LEU CD2  C  N N 176 
LEU OXT  O  N N 177 
LEU H    H  N N 178 
LEU H2   H  N N 179 
LEU HA   H  N N 180 
LEU HB2  H  N N 181 
LEU HB3  H  N N 182 
LEU HG   H  N N 183 
LEU HD11 H  N N 184 
LEU HD12 H  N N 185 
LEU HD13 H  N N 186 
LEU HD21 H  N N 187 
LEU HD22 H  N N 188 
LEU HD23 H  N N 189 
LEU HXT  H  N N 190 
LYS N    N  N N 191 
LYS CA   C  N S 192 
LYS C    C  N N 193 
LYS O    O  N N 194 
LYS CB   C  N N 195 
LYS CG   C  N N 196 
LYS CD   C  N N 197 
LYS CE   C  N N 198 
LYS NZ   N  N N 199 
LYS OXT  O  N N 200 
LYS H    H  N N 201 
LYS H2   H  N N 202 
LYS HA   H  N N 203 
LYS HB2  H  N N 204 
LYS HB3  H  N N 205 
LYS HG2  H  N N 206 
LYS HG3  H  N N 207 
LYS HD2  H  N N 208 
LYS HD3  H  N N 209 
LYS HE2  H  N N 210 
LYS HE3  H  N N 211 
LYS HZ1  H  N N 212 
LYS HZ2  H  N N 213 
LYS HZ3  H  N N 214 
LYS HXT  H  N N 215 
MET N    N  N N 216 
MET CA   C  N S 217 
MET C    C  N N 218 
MET O    O  N N 219 
MET CB   C  N N 220 
MET CG   C  N N 221 
MET SD   S  N N 222 
MET CE   C  N N 223 
MET OXT  O  N N 224 
MET H    H  N N 225 
MET H2   H  N N 226 
MET HA   H  N N 227 
MET HB2  H  N N 228 
MET HB3  H  N N 229 
MET HG2  H  N N 230 
MET HG3  H  N N 231 
MET HE1  H  N N 232 
MET HE2  H  N N 233 
MET HE3  H  N N 234 
MET HXT  H  N N 235 
NO2 N    N  N N 236 
NO2 O1   O  N N 237 
NO2 O2   O  N N 238 
NTE N    N  Y N 239 
NTE FE   FE N N 240 
NTE O1   O  N N 241 
NTE O2   O  N N 242 
NTE NA   N  Y N 243 
NTE NB   N  N N 244 
NTE NC   N  N N 245 
NTE ND   N  N N 246 
NTE C1A  C  Y N 247 
NTE O1A  O  N N 248 
NTE C1B  C  N N 249 
NTE C1C  C  Y N 250 
NTE C1D  C  N N 251 
NTE O1D  O  N N 252 
NTE C2A  C  Y N 253 
NTE O2A  O  N N 254 
NTE C2B  C  N N 255 
NTE C2C  C  Y N 256 
NTE C2D  C  N N 257 
NTE O2D  O  N N 258 
NTE C3A  C  Y N 259 
NTE C3B  C  N N 260 
NTE C3C  C  Y N 261 
NTE C3D  C  N N 262 
NTE C4A  C  Y N 263 
NTE C4B  C  N N 264 
NTE C4C  C  Y N 265 
NTE C4D  C  N N 266 
NTE CAA  C  N N 267 
NTE CAB  C  N N 268 
NTE CAC  C  N N 269 
NTE CAD  C  N N 270 
NTE CBA  C  N N 271 
NTE CBB  C  N N 272 
NTE CBC  C  N N 273 
NTE CBD  C  N N 274 
NTE CGA  C  N N 275 
NTE CGD  C  N N 276 
NTE CHA  C  N N 277 
NTE CHB  C  N N 278 
NTE CHC  C  N N 279 
NTE CHD  C  N N 280 
NTE CMA  C  N N 281 
NTE CMB  C  N N 282 
NTE CMC  C  N N 283 
NTE CMD  C  N N 284 
NTE H1   H  N N 285 
NTE H2   H  N N 286 
NTE HAA  H  N N 287 
NTE HAAA H  N N 288 
NTE HAB  H  N N 289 
NTE HAC  H  N N 290 
NTE HAD  H  N N 291 
NTE HADA H  N N 292 
NTE HBA  H  N N 293 
NTE HBAA H  N N 294 
NTE HBB  H  N N 295 
NTE HBC  H  N N 296 
NTE HBCA H  N N 297 
NTE HBD  H  N N 298 
NTE HBDA H  N N 299 
NTE HHA  H  N N 300 
NTE HHB  H  N N 301 
NTE HHC  H  N N 302 
NTE HHD  H  N N 303 
NTE HMA  H  N N 304 
NTE HMAA H  N N 305 
NTE HMAB H  N N 306 
NTE HMB  H  N N 307 
NTE HMBA H  N N 308 
NTE HMBB H  N N 309 
NTE HMC  H  N N 310 
NTE HMCA H  N N 311 
NTE HMCB H  N N 312 
NTE HMD  H  N N 313 
NTE HMDA H  N N 314 
NTE HMDB H  N N 315 
PHE N    N  N N 316 
PHE CA   C  N S 317 
PHE C    C  N N 318 
PHE O    O  N N 319 
PHE CB   C  N N 320 
PHE CG   C  Y N 321 
PHE CD1  C  Y N 322 
PHE CD2  C  Y N 323 
PHE CE1  C  Y N 324 
PHE CE2  C  Y N 325 
PHE CZ   C  Y N 326 
PHE OXT  O  N N 327 
PHE H    H  N N 328 
PHE H2   H  N N 329 
PHE HA   H  N N 330 
PHE HB2  H  N N 331 
PHE HB3  H  N N 332 
PHE HD1  H  N N 333 
PHE HD2  H  N N 334 
PHE HE1  H  N N 335 
PHE HE2  H  N N 336 
PHE HZ   H  N N 337 
PHE HXT  H  N N 338 
PRO N    N  N N 339 
PRO CA   C  N S 340 
PRO C    C  N N 341 
PRO O    O  N N 342 
PRO CB   C  N N 343 
PRO CG   C  N N 344 
PRO CD   C  N N 345 
PRO OXT  O  N N 346 
PRO H    H  N N 347 
PRO HA   H  N N 348 
PRO HB2  H  N N 349 
PRO HB3  H  N N 350 
PRO HG2  H  N N 351 
PRO HG3  H  N N 352 
PRO HD2  H  N N 353 
PRO HD3  H  N N 354 
PRO HXT  H  N N 355 
SER N    N  N N 356 
SER CA   C  N S 357 
SER C    C  N N 358 
SER O    O  N N 359 
SER CB   C  N N 360 
SER OG   O  N N 361 
SER OXT  O  N N 362 
SER H    H  N N 363 
SER H2   H  N N 364 
SER HA   H  N N 365 
SER HB2  H  N N 366 
SER HB3  H  N N 367 
SER HG   H  N N 368 
SER HXT  H  N N 369 
SO4 S    S  N N 370 
SO4 O1   O  N N 371 
SO4 O2   O  N N 372 
SO4 O3   O  N N 373 
SO4 O4   O  N N 374 
THR N    N  N N 375 
THR CA   C  N S 376 
THR C    C  N N 377 
THR O    O  N N 378 
THR CB   C  N R 379 
THR OG1  O  N N 380 
THR CG2  C  N N 381 
THR OXT  O  N N 382 
THR H    H  N N 383 
THR H2   H  N N 384 
THR HA   H  N N 385 
THR HB   H  N N 386 
THR HG1  H  N N 387 
THR HG21 H  N N 388 
THR HG22 H  N N 389 
THR HG23 H  N N 390 
THR HXT  H  N N 391 
TRP N    N  N N 392 
TRP CA   C  N S 393 
TRP C    C  N N 394 
TRP O    O  N N 395 
TRP CB   C  N N 396 
TRP CG   C  Y N 397 
TRP CD1  C  Y N 398 
TRP CD2  C  Y N 399 
TRP NE1  N  Y N 400 
TRP CE2  C  Y N 401 
TRP CE3  C  Y N 402 
TRP CZ2  C  Y N 403 
TRP CZ3  C  Y N 404 
TRP CH2  C  Y N 405 
TRP OXT  O  N N 406 
TRP H    H  N N 407 
TRP H2   H  N N 408 
TRP HA   H  N N 409 
TRP HB2  H  N N 410 
TRP HB3  H  N N 411 
TRP HD1  H  N N 412 
TRP HE1  H  N N 413 
TRP HE3  H  N N 414 
TRP HZ2  H  N N 415 
TRP HZ3  H  N N 416 
TRP HH2  H  N N 417 
TRP HXT  H  N N 418 
TYR N    N  N N 419 
TYR CA   C  N S 420 
TYR C    C  N N 421 
TYR O    O  N N 422 
TYR CB   C  N N 423 
TYR CG   C  Y N 424 
TYR CD1  C  Y N 425 
TYR CD2  C  Y N 426 
TYR CE1  C  Y N 427 
TYR CE2  C  Y N 428 
TYR CZ   C  Y N 429 
TYR OH   O  N N 430 
TYR OXT  O  N N 431 
TYR H    H  N N 432 
TYR H2   H  N N 433 
TYR HA   H  N N 434 
TYR HB2  H  N N 435 
TYR HB3  H  N N 436 
TYR HD1  H  N N 437 
TYR HD2  H  N N 438 
TYR HE1  H  N N 439 
TYR HE2  H  N N 440 
TYR HH   H  N N 441 
TYR HXT  H  N N 442 
VAL N    N  N N 443 
VAL CA   C  N S 444 
VAL C    C  N N 445 
VAL O    O  N N 446 
VAL CB   C  N N 447 
VAL CG1  C  N N 448 
VAL CG2  C  N N 449 
VAL OXT  O  N N 450 
VAL H    H  N N 451 
VAL H2   H  N N 452 
VAL HA   H  N N 453 
VAL HB   H  N N 454 
VAL HG11 H  N N 455 
VAL HG12 H  N N 456 
VAL HG13 H  N N 457 
VAL HG21 H  N N 458 
VAL HG22 H  N N 459 
VAL HG23 H  N N 460 
VAL HXT  H  N N 461 
# 
loop_
_chem_comp_bond.comp_id 
_chem_comp_bond.atom_id_1 
_chem_comp_bond.atom_id_2 
_chem_comp_bond.value_order 
_chem_comp_bond.pdbx_aromatic_flag 
_chem_comp_bond.pdbx_stereo_config 
_chem_comp_bond.pdbx_ordinal 
ALA N   CA   sing N N 1   
ALA N   H    sing N N 2   
ALA N   H2   sing N N 3   
ALA CA  C    sing N N 4   
ALA CA  CB   sing N N 5   
ALA CA  HA   sing N N 6   
ALA C   O    doub N N 7   
ALA C   OXT  sing N N 8   
ALA CB  HB1  sing N N 9   
ALA CB  HB2  sing N N 10  
ALA CB  HB3  sing N N 11  
ALA OXT HXT  sing N N 12  
ARG N   CA   sing N N 13  
ARG N   H    sing N N 14  
ARG N   H2   sing N N 15  
ARG CA  C    sing N N 16  
ARG CA  CB   sing N N 17  
ARG CA  HA   sing N N 18  
ARG C   O    doub N N 19  
ARG C   OXT  sing N N 20  
ARG CB  CG   sing N N 21  
ARG CB  HB2  sing N N 22  
ARG CB  HB3  sing N N 23  
ARG CG  CD   sing N N 24  
ARG CG  HG2  sing N N 25  
ARG CG  HG3  sing N N 26  
ARG CD  NE   sing N N 27  
ARG CD  HD2  sing N N 28  
ARG CD  HD3  sing N N 29  
ARG NE  CZ   sing N N 30  
ARG NE  HE   sing N N 31  
ARG CZ  NH1  sing N N 32  
ARG CZ  NH2  doub N N 33  
ARG NH1 HH11 sing N N 34  
ARG NH1 HH12 sing N N 35  
ARG NH2 HH21 sing N N 36  
ARG NH2 HH22 sing N N 37  
ARG OXT HXT  sing N N 38  
ASN N   CA   sing N N 39  
ASN N   H    sing N N 40  
ASN N   H2   sing N N 41  
ASN CA  C    sing N N 42  
ASN CA  CB   sing N N 43  
ASN CA  HA   sing N N 44  
ASN C   O    doub N N 45  
ASN C   OXT  sing N N 46  
ASN CB  CG   sing N N 47  
ASN CB  HB2  sing N N 48  
ASN CB  HB3  sing N N 49  
ASN CG  OD1  doub N N 50  
ASN CG  ND2  sing N N 51  
ASN ND2 HD21 sing N N 52  
ASN ND2 HD22 sing N N 53  
ASN OXT HXT  sing N N 54  
ASP N   CA   sing N N 55  
ASP N   H    sing N N 56  
ASP N   H2   sing N N 57  
ASP CA  C    sing N N 58  
ASP CA  CB   sing N N 59  
ASP CA  HA   sing N N 60  
ASP C   O    doub N N 61  
ASP C   OXT  sing N N 62  
ASP CB  CG   sing N N 63  
ASP CB  HB2  sing N N 64  
ASP CB  HB3  sing N N 65  
ASP CG  OD1  doub N N 66  
ASP CG  OD2  sing N N 67  
ASP OD2 HD2  sing N N 68  
ASP OXT HXT  sing N N 69  
GLN N   CA   sing N N 70  
GLN N   H    sing N N 71  
GLN N   H2   sing N N 72  
GLN CA  C    sing N N 73  
GLN CA  CB   sing N N 74  
GLN CA  HA   sing N N 75  
GLN C   O    doub N N 76  
GLN C   OXT  sing N N 77  
GLN CB  CG   sing N N 78  
GLN CB  HB2  sing N N 79  
GLN CB  HB3  sing N N 80  
GLN CG  CD   sing N N 81  
GLN CG  HG2  sing N N 82  
GLN CG  HG3  sing N N 83  
GLN CD  OE1  doub N N 84  
GLN CD  NE2  sing N N 85  
GLN NE2 HE21 sing N N 86  
GLN NE2 HE22 sing N N 87  
GLN OXT HXT  sing N N 88  
GLU N   CA   sing N N 89  
GLU N   H    sing N N 90  
GLU N   H2   sing N N 91  
GLU CA  C    sing N N 92  
GLU CA  CB   sing N N 93  
GLU CA  HA   sing N N 94  
GLU C   O    doub N N 95  
GLU C   OXT  sing N N 96  
GLU CB  CG   sing N N 97  
GLU CB  HB2  sing N N 98  
GLU CB  HB3  sing N N 99  
GLU CG  CD   sing N N 100 
GLU CG  HG2  sing N N 101 
GLU CG  HG3  sing N N 102 
GLU CD  OE1  doub N N 103 
GLU CD  OE2  sing N N 104 
GLU OE2 HE2  sing N N 105 
GLU OXT HXT  sing N N 106 
GLY N   CA   sing N N 107 
GLY N   H    sing N N 108 
GLY N   H2   sing N N 109 
GLY CA  C    sing N N 110 
GLY CA  HA2  sing N N 111 
GLY CA  HA3  sing N N 112 
GLY C   O    doub N N 113 
GLY C   OXT  sing N N 114 
GLY OXT HXT  sing N N 115 
HIS N   CA   sing N N 116 
HIS N   H    sing N N 117 
HIS N   H2   sing N N 118 
HIS CA  C    sing N N 119 
HIS CA  CB   sing N N 120 
HIS CA  HA   sing N N 121 
HIS C   O    doub N N 122 
HIS C   OXT  sing N N 123 
HIS CB  CG   sing N N 124 
HIS CB  HB2  sing N N 125 
HIS CB  HB3  sing N N 126 
HIS CG  ND1  sing Y N 127 
HIS CG  CD2  doub Y N 128 
HIS ND1 CE1  doub Y N 129 
HIS ND1 HD1  sing N N 130 
HIS CD2 NE2  sing Y N 131 
HIS CD2 HD2  sing N N 132 
HIS CE1 NE2  sing Y N 133 
HIS CE1 HE1  sing N N 134 
HIS NE2 HE2  sing N N 135 
HIS OXT HXT  sing N N 136 
HOH O   H1   sing N N 137 
HOH O   H2   sing N N 138 
ILE N   CA   sing N N 139 
ILE N   H    sing N N 140 
ILE N   H2   sing N N 141 
ILE CA  C    sing N N 142 
ILE CA  CB   sing N N 143 
ILE CA  HA   sing N N 144 
ILE C   O    doub N N 145 
ILE C   OXT  sing N N 146 
ILE CB  CG1  sing N N 147 
ILE CB  CG2  sing N N 148 
ILE CB  HB   sing N N 149 
ILE CG1 CD1  sing N N 150 
ILE CG1 HG12 sing N N 151 
ILE CG1 HG13 sing N N 152 
ILE CG2 HG21 sing N N 153 
ILE CG2 HG22 sing N N 154 
ILE CG2 HG23 sing N N 155 
ILE CD1 HD11 sing N N 156 
ILE CD1 HD12 sing N N 157 
ILE CD1 HD13 sing N N 158 
ILE OXT HXT  sing N N 159 
LEU N   CA   sing N N 160 
LEU N   H    sing N N 161 
LEU N   H2   sing N N 162 
LEU CA  C    sing N N 163 
LEU CA  CB   sing N N 164 
LEU CA  HA   sing N N 165 
LEU C   O    doub N N 166 
LEU C   OXT  sing N N 167 
LEU CB  CG   sing N N 168 
LEU CB  HB2  sing N N 169 
LEU CB  HB3  sing N N 170 
LEU CG  CD1  sing N N 171 
LEU CG  CD2  sing N N 172 
LEU CG  HG   sing N N 173 
LEU CD1 HD11 sing N N 174 
LEU CD1 HD12 sing N N 175 
LEU CD1 HD13 sing N N 176 
LEU CD2 HD21 sing N N 177 
LEU CD2 HD22 sing N N 178 
LEU CD2 HD23 sing N N 179 
LEU OXT HXT  sing N N 180 
LYS N   CA   sing N N 181 
LYS N   H    sing N N 182 
LYS N   H2   sing N N 183 
LYS CA  C    sing N N 184 
LYS CA  CB   sing N N 185 
LYS CA  HA   sing N N 186 
LYS C   O    doub N N 187 
LYS C   OXT  sing N N 188 
LYS CB  CG   sing N N 189 
LYS CB  HB2  sing N N 190 
LYS CB  HB3  sing N N 191 
LYS CG  CD   sing N N 192 
LYS CG  HG2  sing N N 193 
LYS CG  HG3  sing N N 194 
LYS CD  CE   sing N N 195 
LYS CD  HD2  sing N N 196 
LYS CD  HD3  sing N N 197 
LYS CE  NZ   sing N N 198 
LYS CE  HE2  sing N N 199 
LYS CE  HE3  sing N N 200 
LYS NZ  HZ1  sing N N 201 
LYS NZ  HZ2  sing N N 202 
LYS NZ  HZ3  sing N N 203 
LYS OXT HXT  sing N N 204 
MET N   CA   sing N N 205 
MET N   H    sing N N 206 
MET N   H2   sing N N 207 
MET CA  C    sing N N 208 
MET CA  CB   sing N N 209 
MET CA  HA   sing N N 210 
MET C   O    doub N N 211 
MET C   OXT  sing N N 212 
MET CB  CG   sing N N 213 
MET CB  HB2  sing N N 214 
MET CB  HB3  sing N N 215 
MET CG  SD   sing N N 216 
MET CG  HG2  sing N N 217 
MET CG  HG3  sing N N 218 
MET SD  CE   sing N N 219 
MET CE  HE1  sing N N 220 
MET CE  HE2  sing N N 221 
MET CE  HE3  sing N N 222 
MET OXT HXT  sing N N 223 
NO2 N   O1   doub N N 224 
NO2 N   O2   sing N N 225 
NTE N   FE   sing N N 226 
NTE N   C1C  sing Y N 227 
NTE N   C4C  sing Y N 228 
NTE FE  NA   sing N N 229 
NTE FE  NB   sing N N 230 
NTE FE  ND   sing N N 231 
NTE O1  NC   sing N N 232 
NTE O2  NC   doub N N 233 
NTE NA  C1A  sing Y N 234 
NTE NA  C4A  sing Y N 235 
NTE NB  C1B  sing N N 236 
NTE NB  C4B  doub N N 237 
NTE NC  CBB  sing N N 238 
NTE ND  C1D  doub N N 239 
NTE ND  C4D  sing N N 240 
NTE C1A C2A  doub Y N 241 
NTE C1A CHA  sing N N 242 
NTE O1A CGA  sing N N 243 
NTE C1B C2B  sing N N 244 
NTE C1B CHB  doub N N 245 
NTE C1C C2C  sing Y N 246 
NTE C1C CHC  doub N N 247 
NTE C1D C2D  sing N N 248 
NTE C1D CHD  sing N N 249 
NTE O1D CGD  doub N N 250 
NTE C2A C3A  sing Y N 251 
NTE C2A CAA  sing N N 252 
NTE O2A CGA  doub N N 253 
NTE C2B C3B  doub N N 254 
NTE C2B CMB  sing N N 255 
NTE C2C C3C  doub Y N 256 
NTE C2C CMC  sing N N 257 
NTE C2D C3D  doub N N 258 
NTE C2D CMD  sing N N 259 
NTE O2D CGD  sing N N 260 
NTE C3A C4A  doub Y N 261 
NTE C3A CMA  sing N N 262 
NTE C3B C4B  sing N N 263 
NTE C3B CAB  sing N N 264 
NTE C3C C4C  sing Y N 265 
NTE C3C CAC  sing N N 266 
NTE C3D C4D  sing N N 267 
NTE C3D CAD  sing N N 268 
NTE C4A CHB  sing N N 269 
NTE C4B CHC  sing N N 270 
NTE C4C CHD  doub N N 271 
NTE C4D CHA  doub N N 272 
NTE CAA CBA  sing N N 273 
NTE CAB CBB  doub N E 274 
NTE CAC CBC  doub N N 275 
NTE CAD CBD  sing N N 276 
NTE CBA CGA  sing N N 277 
NTE CBD CGD  sing N N 278 
NTE O1A H1   sing N N 279 
NTE O2D H2   sing N N 280 
NTE CAA HAA  sing N N 281 
NTE CAA HAAA sing N N 282 
NTE CAB HAB  sing N N 283 
NTE CAC HAC  sing N N 284 
NTE CAD HAD  sing N N 285 
NTE CAD HADA sing N N 286 
NTE CBA HBA  sing N N 287 
NTE CBA HBAA sing N N 288 
NTE CBB HBB  sing N N 289 
NTE CBC HBC  sing N N 290 
NTE CBC HBCA sing N N 291 
NTE CBD HBD  sing N N 292 
NTE CBD HBDA sing N N 293 
NTE CHA HHA  sing N N 294 
NTE CHB HHB  sing N N 295 
NTE CHC HHC  sing N N 296 
NTE CHD HHD  sing N N 297 
NTE CMA HMA  sing N N 298 
NTE CMA HMAA sing N N 299 
NTE CMA HMAB sing N N 300 
NTE CMB HMB  sing N N 301 
NTE CMB HMBA sing N N 302 
NTE CMB HMBB sing N N 303 
NTE CMC HMC  sing N N 304 
NTE CMC HMCA sing N N 305 
NTE CMC HMCB sing N N 306 
NTE CMD HMD  sing N N 307 
NTE CMD HMDA sing N N 308 
NTE CMD HMDB sing N N 309 
PHE N   CA   sing N N 310 
PHE N   H    sing N N 311 
PHE N   H2   sing N N 312 
PHE CA  C    sing N N 313 
PHE CA  CB   sing N N 314 
PHE CA  HA   sing N N 315 
PHE C   O    doub N N 316 
PHE C   OXT  sing N N 317 
PHE CB  CG   sing N N 318 
PHE CB  HB2  sing N N 319 
PHE CB  HB3  sing N N 320 
PHE CG  CD1  doub Y N 321 
PHE CG  CD2  sing Y N 322 
PHE CD1 CE1  sing Y N 323 
PHE CD1 HD1  sing N N 324 
PHE CD2 CE2  doub Y N 325 
PHE CD2 HD2  sing N N 326 
PHE CE1 CZ   doub Y N 327 
PHE CE1 HE1  sing N N 328 
PHE CE2 CZ   sing Y N 329 
PHE CE2 HE2  sing N N 330 
PHE CZ  HZ   sing N N 331 
PHE OXT HXT  sing N N 332 
PRO N   CA   sing N N 333 
PRO N   CD   sing N N 334 
PRO N   H    sing N N 335 
PRO CA  C    sing N N 336 
PRO CA  CB   sing N N 337 
PRO CA  HA   sing N N 338 
PRO C   O    doub N N 339 
PRO C   OXT  sing N N 340 
PRO CB  CG   sing N N 341 
PRO CB  HB2  sing N N 342 
PRO CB  HB3  sing N N 343 
PRO CG  CD   sing N N 344 
PRO CG  HG2  sing N N 345 
PRO CG  HG3  sing N N 346 
PRO CD  HD2  sing N N 347 
PRO CD  HD3  sing N N 348 
PRO OXT HXT  sing N N 349 
SER N   CA   sing N N 350 
SER N   H    sing N N 351 
SER N   H2   sing N N 352 
SER CA  C    sing N N 353 
SER CA  CB   sing N N 354 
SER CA  HA   sing N N 355 
SER C   O    doub N N 356 
SER C   OXT  sing N N 357 
SER CB  OG   sing N N 358 
SER CB  HB2  sing N N 359 
SER CB  HB3  sing N N 360 
SER OG  HG   sing N N 361 
SER OXT HXT  sing N N 362 
SO4 S   O1   doub N N 363 
SO4 S   O2   doub N N 364 
SO4 S   O3   sing N N 365 
SO4 S   O4   sing N N 366 
THR N   CA   sing N N 367 
THR N   H    sing N N 368 
THR N   H2   sing N N 369 
THR CA  C    sing N N 370 
THR CA  CB   sing N N 371 
THR CA  HA   sing N N 372 
THR C   O    doub N N 373 
THR C   OXT  sing N N 374 
THR CB  OG1  sing N N 375 
THR CB  CG2  sing N N 376 
THR CB  HB   sing N N 377 
THR OG1 HG1  sing N N 378 
THR CG2 HG21 sing N N 379 
THR CG2 HG22 sing N N 380 
THR CG2 HG23 sing N N 381 
THR OXT HXT  sing N N 382 
TRP N   CA   sing N N 383 
TRP N   H    sing N N 384 
TRP N   H2   sing N N 385 
TRP CA  C    sing N N 386 
TRP CA  CB   sing N N 387 
TRP CA  HA   sing N N 388 
TRP C   O    doub N N 389 
TRP C   OXT  sing N N 390 
TRP CB  CG   sing N N 391 
TRP CB  HB2  sing N N 392 
TRP CB  HB3  sing N N 393 
TRP CG  CD1  doub Y N 394 
TRP CG  CD2  sing Y N 395 
TRP CD1 NE1  sing Y N 396 
TRP CD1 HD1  sing N N 397 
TRP CD2 CE2  doub Y N 398 
TRP CD2 CE3  sing Y N 399 
TRP NE1 CE2  sing Y N 400 
TRP NE1 HE1  sing N N 401 
TRP CE2 CZ2  sing Y N 402 
TRP CE3 CZ3  doub Y N 403 
TRP CE3 HE3  sing N N 404 
TRP CZ2 CH2  doub Y N 405 
TRP CZ2 HZ2  sing N N 406 
TRP CZ3 CH2  sing Y N 407 
TRP CZ3 HZ3  sing N N 408 
TRP CH2 HH2  sing N N 409 
TRP OXT HXT  sing N N 410 
TYR N   CA   sing N N 411 
TYR N   H    sing N N 412 
TYR N   H2   sing N N 413 
TYR CA  C    sing N N 414 
TYR CA  CB   sing N N 415 
TYR CA  HA   sing N N 416 
TYR C   O    doub N N 417 
TYR C   OXT  sing N N 418 
TYR CB  CG   sing N N 419 
TYR CB  HB2  sing N N 420 
TYR CB  HB3  sing N N 421 
TYR CG  CD1  doub Y N 422 
TYR CG  CD2  sing Y N 423 
TYR CD1 CE1  sing Y N 424 
TYR CD1 HD1  sing N N 425 
TYR CD2 CE2  doub Y N 426 
TYR CD2 HD2  sing N N 427 
TYR CE1 CZ   doub Y N 428 
TYR CE1 HE1  sing N N 429 
TYR CE2 CZ   sing Y N 430 
TYR CE2 HE2  sing N N 431 
TYR CZ  OH   sing N N 432 
TYR OH  HH   sing N N 433 
TYR OXT HXT  sing N N 434 
VAL N   CA   sing N N 435 
VAL N   H    sing N N 436 
VAL N   H2   sing N N 437 
VAL CA  C    sing N N 438 
VAL CA  CB   sing N N 439 
VAL CA  HA   sing N N 440 
VAL C   O    doub N N 441 
VAL C   OXT  sing N N 442 
VAL CB  CG1  sing N N 443 
VAL CB  CG2  sing N N 444 
VAL CB  HB   sing N N 445 
VAL CG1 HG11 sing N N 446 
VAL CG1 HG12 sing N N 447 
VAL CG1 HG13 sing N N 448 
VAL CG2 HG21 sing N N 449 
VAL CG2 HG22 sing N N 450 
VAL CG2 HG23 sing N N 451 
VAL OXT HXT  sing N N 452 
# 
loop_
_pdbx_entity_nonpoly.entity_id 
_pdbx_entity_nonpoly.name 
_pdbx_entity_nonpoly.comp_id 
2 
;[3,3'-{7-ethenyl-3,8,13,17-tetramethyl-12-[(E)-2-nitroethenyl]porphyrin-2,18-diyl-kappa~4~N~21~,N~22~,N~23~,N~24~}dipro panoato(2-)]iron
;
NTE 
3 'NITRITE ION' NO2 
4 'SULFATE ION' SO4 
5 water HOH 
# 
_pdbx_initial_refinement_model.id               1 
_pdbx_initial_refinement_model.entity_id_list   ? 
_pdbx_initial_refinement_model.type             'experimental model' 
_pdbx_initial_refinement_model.source_name      PDB 
_pdbx_initial_refinement_model.accession_code   1DWR 
_pdbx_initial_refinement_model.details          ? 
# 
